data_1MFZ
#
_entry.id   1MFZ
#
_cell.length_a   131.173
_cell.length_b   136.834
_cell.length_c   218.562
_cell.angle_alpha   90.00
_cell.angle_beta   90.00
_cell.angle_gamma   90.00
#
_symmetry.space_group_name_H-M   'C 2 2 21'
#
loop_
_entity.id
_entity.type
_entity.pdbx_description
1 polymer 'GDP-mannose 6-dehydrogenase'
2 non-polymer "GUANOSINE 5'-(TRIHYDROGEN DIPHOSPHATE), P'-D-MANNOPYRANOSYL ESTER"
3 water water
#
_entity_poly.entity_id   1
_entity_poly.type   'polypeptide(L)'
_entity_poly.pdbx_seq_one_letter_code
;(MSE)RISIFGLGYVGAVCAGCLSARGHEVIGVDVSSTKIDLINQGKSPIVEPGLEALLQQGRQTGRLSGTTDFKKAVLD
SDVSFICVGTPSKKNGDLDLGYIETVCREIGFAIREKSERHTVVVRSTVLPGTVNNVVIPLIEDCSGKKAGVDFGVGTNP
EFLRESTAIKDYDFPP(MSE)TVIGELDKQTGDLLEEIYRELDAPIIRKTVEVAE(MSE)IKYTCNVWHAAKVTFANEIG
NIAKAVGVDGREV(MSE)DVICQDHKLNLSRYY(MSE)RPGFAFGGSCLPKDVRALTYRASQLDVEHP(MSE)LGSL
(MSE)RSNSNQVQKAFDLITSHDTRKVGLLGLSFKAGTDDLRESPLVELAE(MSE)LIGKGYELRIFDRNVEYARVHGAN
KEYIESKIPHVSSLLVSDLDEVVASSDVLVLGNGDELFVDLVNKTPSGKKLVDLVGF(MSE)PHTTTAQAEGICW
;
_entity_poly.pdbx_strand_id   A,B,C,D
#
loop_
_chem_comp.id
_chem_comp.type
_chem_comp.name
_chem_comp.formula
GDX non-polymer 'GUANOSINE 5'-(TRIHYDROGEN DIPHOSPHATE), P'-D-MANNOPYRANOSYL ESTER' 'C16 H23 N5 O17 P2'
#
# COMPACT_ATOMS: atom_id res chain seq x y z
N MSE A 1 -17.06 78.05 -11.65
CA MSE A 1 -17.48 77.08 -12.69
C MSE A 1 -18.61 76.19 -12.21
O MSE A 1 -18.96 76.18 -11.03
CB MSE A 1 -16.28 76.23 -13.15
CG MSE A 1 -15.07 76.29 -12.22
SE MSE A 1 -13.64 75.08 -12.79
CE MSE A 1 -12.26 76.26 -12.75
N ARG A 2 -19.18 75.42 -13.13
CA ARG A 2 -20.28 74.51 -12.79
C ARG A 2 -19.72 73.11 -12.56
N ILE A 3 -19.91 72.58 -11.34
CA ILE A 3 -19.34 71.29 -10.99
C ILE A 3 -20.36 70.20 -10.63
N SER A 4 -20.28 69.06 -11.30
CA SER A 4 -21.09 67.93 -10.88
C SER A 4 -20.20 67.04 -10.01
N ILE A 5 -20.80 66.42 -9.01
CA ILE A 5 -20.06 65.55 -8.09
C ILE A 5 -20.74 64.19 -7.97
N PHE A 6 -20.05 63.14 -8.40
CA PHE A 6 -20.62 61.80 -8.39
C PHE A 6 -20.29 61.00 -7.15
N GLY A 7 -21.32 60.73 -6.35
CA GLY A 7 -21.18 60.04 -5.08
C GLY A 7 -21.22 61.12 -4.02
N LEU A 8 -22.14 60.99 -3.06
CA LEU A 8 -22.28 62.00 -2.03
C LEU A 8 -22.03 61.46 -0.63
N GLY A 9 -20.96 60.69 -0.48
CA GLY A 9 -20.58 60.21 0.83
C GLY A 9 -19.76 61.27 1.53
N TYR A 10 -19.06 60.87 2.58
CA TYR A 10 -18.21 61.76 3.36
C TYR A 10 -17.32 62.72 2.57
N VAL A 11 -16.73 62.26 1.47
CA VAL A 11 -15.85 63.16 0.72
C VAL A 11 -16.62 63.91 -0.36
N GLY A 12 -17.64 63.25 -0.91
CA GLY A 12 -18.49 63.84 -1.93
C GLY A 12 -19.36 64.98 -1.42
N ALA A 13 -19.94 64.80 -0.25
CA ALA A 13 -20.79 65.84 0.30
C ALA A 13 -19.93 66.99 0.80
N VAL A 14 -18.83 66.66 1.44
CA VAL A 14 -17.94 67.70 1.93
C VAL A 14 -17.54 68.56 0.74
N CYS A 15 -17.20 67.90 -0.37
CA CYS A 15 -16.83 68.61 -1.60
C CYS A 15 -17.96 69.48 -2.09
N ALA A 16 -19.12 68.87 -2.27
CA ALA A 16 -20.30 69.60 -2.71
C ALA A 16 -20.36 70.96 -2.02
N GLY A 17 -20.39 70.94 -0.70
CA GLY A 17 -20.48 72.16 0.07
C GLY A 17 -19.27 73.06 0.02
N CYS A 18 -18.08 72.49 0.17
CA CYS A 18 -16.89 73.34 0.20
C CYS A 18 -16.76 74.12 -1.10
N LEU A 19 -17.05 73.48 -2.22
CA LEU A 19 -16.95 74.17 -3.49
C LEU A 19 -18.11 75.15 -3.61
N SER A 20 -19.32 74.70 -3.29
CA SER A 20 -20.50 75.55 -3.42
C SER A 20 -20.41 76.81 -2.57
N ALA A 21 -19.66 76.76 -1.50
CA ALA A 21 -19.55 77.91 -0.63
C ALA A 21 -18.44 78.86 -1.09
N ARG A 22 -17.70 78.45 -2.12
CA ARG A 22 -16.61 79.30 -2.62
C ARG A 22 -17.00 80.01 -3.92
N GLY A 23 -18.19 79.74 -4.43
CA GLY A 23 -18.68 80.44 -5.61
C GLY A 23 -18.92 79.58 -6.83
N HIS A 24 -19.03 78.27 -6.62
CA HIS A 24 -19.25 77.37 -7.73
C HIS A 24 -20.69 76.90 -7.81
N GLU A 25 -21.14 76.58 -9.02
CA GLU A 25 -22.45 76.00 -9.25
C GLU A 25 -22.25 74.51 -9.04
N VAL A 26 -22.86 73.96 -8.00
CA VAL A 26 -22.58 72.58 -7.68
C VAL A 26 -23.79 71.68 -7.74
N ILE A 27 -23.66 70.59 -8.48
CA ILE A 27 -24.72 69.60 -8.62
C ILE A 27 -24.33 68.26 -7.99
N GLY A 28 -24.91 67.95 -6.84
CA GLY A 28 -24.60 66.70 -6.18
C GLY A 28 -25.29 65.52 -6.84
N VAL A 29 -24.52 64.55 -7.30
CA VAL A 29 -25.09 63.36 -7.94
C VAL A 29 -24.85 62.09 -7.13
N ASP A 30 -25.92 61.32 -6.92
CA ASP A 30 -25.84 60.09 -6.16
C ASP A 30 -26.93 59.13 -6.65
N VAL A 31 -26.73 57.83 -6.44
CA VAL A 31 -27.71 56.85 -6.87
C VAL A 31 -28.92 56.84 -5.94
N SER A 32 -28.67 57.05 -4.65
CA SER A 32 -29.72 56.99 -3.63
C SER A 32 -30.50 58.29 -3.48
N SER A 33 -31.81 58.20 -3.69
CA SER A 33 -32.70 59.35 -3.57
C SER A 33 -32.89 59.85 -2.13
N THR A 34 -32.36 59.13 -1.14
CA THR A 34 -32.43 59.61 0.23
C THR A 34 -31.39 60.69 0.47
N LYS A 35 -30.16 60.42 0.04
CA LYS A 35 -29.08 61.39 0.20
C LYS A 35 -29.38 62.68 -0.52
N ILE A 36 -29.94 62.57 -1.72
CA ILE A 36 -30.22 63.73 -2.54
C ILE A 36 -31.38 64.56 -2.00
N ASP A 37 -32.41 63.89 -1.51
CA ASP A 37 -33.54 64.60 -0.92
C ASP A 37 -33.04 65.38 0.28
N LEU A 38 -32.15 64.75 1.04
CA LEU A 38 -31.57 65.39 2.21
C LEU A 38 -30.78 66.63 1.80
N ILE A 39 -30.12 66.53 0.65
CA ILE A 39 -29.28 67.60 0.16
C ILE A 39 -30.11 68.79 -0.29
N ASN A 40 -31.13 68.52 -1.08
CA ASN A 40 -31.97 69.60 -1.56
C ASN A 40 -32.62 70.32 -0.38
N GLN A 41 -32.93 69.55 0.66
CA GLN A 41 -33.45 70.11 1.90
C GLN A 41 -32.33 70.86 2.61
N GLY A 42 -31.14 70.84 2.02
CA GLY A 42 -29.98 71.48 2.61
C GLY A 42 -29.50 70.77 3.86
N LYS A 43 -29.68 69.45 3.88
CA LYS A 43 -29.30 68.68 5.07
C LYS A 43 -28.20 67.62 4.83
N SER A 44 -27.31 67.50 5.81
CA SER A 44 -26.20 66.58 5.72
C SER A 44 -26.58 65.13 5.98
N PRO A 45 -26.09 64.24 5.13
CA PRO A 45 -26.39 62.83 5.25
C PRO A 45 -25.53 62.22 6.35
N ILE A 46 -24.54 62.99 6.81
CA ILE A 46 -23.58 62.51 7.80
C ILE A 46 -23.33 63.45 8.97
N VAL A 47 -22.74 62.92 10.02
CA VAL A 47 -22.38 63.74 11.14
C VAL A 47 -20.97 64.18 10.82
N GLU A 48 -20.83 65.44 10.45
CA GLU A 48 -19.55 66.00 10.11
C GLU A 48 -19.62 67.46 10.56
N PRO A 49 -18.73 67.85 11.47
CA PRO A 49 -18.79 69.19 12.04
C PRO A 49 -18.85 70.26 10.98
N GLY A 50 -19.90 71.07 11.03
CA GLY A 50 -20.04 72.19 10.12
C GLY A 50 -20.51 71.88 8.71
N LEU A 51 -20.89 70.64 8.43
CA LEU A 51 -21.30 70.31 7.07
C LEU A 51 -22.71 70.82 6.76
N GLU A 52 -23.67 70.51 7.62
CA GLU A 52 -25.03 70.97 7.44
C GLU A 52 -24.97 72.45 7.06
N ALA A 53 -24.54 73.28 8.01
CA ALA A 53 -24.40 74.71 7.75
C ALA A 53 -23.98 74.99 6.31
N LEU A 54 -22.87 74.43 5.85
CA LEU A 54 -22.41 74.65 4.47
C LEU A 54 -23.48 74.29 3.46
N LEU A 55 -24.11 73.14 3.66
CA LEU A 55 -25.11 72.65 2.72
C LEU A 55 -26.33 73.53 2.66
N GLN A 56 -26.75 74.04 3.83
CA GLN A 56 -27.91 74.90 3.89
C GLN A 56 -27.56 76.20 3.17
N GLN A 57 -26.30 76.60 3.28
CA GLN A 57 -25.86 77.81 2.59
C GLN A 57 -25.88 77.59 1.09
N GLY A 58 -25.71 76.35 0.67
CA GLY A 58 -25.69 76.03 -0.74
C GLY A 58 -27.05 76.13 -1.39
N ARG A 59 -28.09 75.86 -0.61
CA ARG A 59 -29.46 75.94 -1.12
C ARG A 59 -29.96 77.37 -1.07
N GLN A 60 -29.64 78.08 0.01
CA GLN A 60 -30.11 79.45 0.17
C GLN A 60 -29.64 80.31 -1.01
N THR A 61 -28.39 80.14 -1.41
CA THR A 61 -27.85 80.90 -2.54
C THR A 61 -28.19 80.24 -3.86
N GLY A 62 -28.83 79.07 -3.82
CA GLY A 62 -29.17 78.37 -5.05
C GLY A 62 -27.95 77.86 -5.80
N ARG A 63 -26.80 77.83 -5.12
CA ARG A 63 -25.56 77.40 -5.74
C ARG A 63 -25.36 75.90 -5.70
N LEU A 64 -26.21 75.20 -4.94
CA LEU A 64 -26.04 73.77 -4.76
C LEU A 64 -27.33 73.02 -4.96
N SER A 65 -27.22 71.87 -5.60
CA SER A 65 -28.38 71.04 -5.87
C SER A 65 -27.97 69.60 -6.03
N GLY A 66 -28.93 68.69 -5.96
CA GLY A 66 -28.66 67.29 -6.14
C GLY A 66 -29.73 66.68 -7.02
N THR A 67 -29.36 65.63 -7.74
CA THR A 67 -30.27 64.93 -8.60
C THR A 67 -29.76 63.52 -8.83
N THR A 68 -30.66 62.58 -9.08
CA THR A 68 -30.24 61.22 -9.36
C THR A 68 -30.06 61.04 -10.86
N ASP A 69 -30.16 62.12 -11.60
CA ASP A 69 -30.09 62.06 -13.06
C ASP A 69 -28.66 62.33 -13.59
N PHE A 70 -27.88 61.28 -13.72
CA PHE A 70 -26.50 61.39 -14.18
C PHE A 70 -26.32 62.21 -15.46
N LYS A 71 -26.94 61.77 -16.55
CA LYS A 71 -26.83 62.48 -17.81
C LYS A 71 -27.01 64.00 -17.65
N LYS A 72 -28.16 64.42 -17.11
CA LYS A 72 -28.42 65.84 -16.90
C LYS A 72 -27.26 66.51 -16.18
N ALA A 73 -26.87 65.95 -15.05
CA ALA A 73 -25.78 66.50 -14.26
C ALA A 73 -24.58 66.85 -15.14
N VAL A 74 -24.29 65.99 -16.11
CA VAL A 74 -23.16 66.21 -17.01
C VAL A 74 -23.44 67.35 -17.98
N LEU A 75 -24.59 67.28 -18.63
CA LEU A 75 -24.99 68.29 -19.60
C LEU A 75 -25.14 69.67 -18.97
N ASP A 76 -25.31 69.69 -17.65
CA ASP A 76 -25.49 70.95 -16.93
C ASP A 76 -24.23 71.43 -16.25
N SER A 77 -23.12 70.73 -16.49
CA SER A 77 -21.88 71.11 -15.84
C SER A 77 -20.68 71.04 -16.79
N ASP A 78 -19.59 71.66 -16.37
CA ASP A 78 -18.37 71.66 -17.17
C ASP A 78 -17.31 70.77 -16.58
N VAL A 79 -17.46 70.43 -15.30
CA VAL A 79 -16.50 69.56 -14.63
C VAL A 79 -17.20 68.55 -13.74
N SER A 80 -16.73 67.31 -13.82
CA SER A 80 -17.27 66.23 -13.02
C SER A 80 -16.18 65.69 -12.12
N PHE A 81 -16.46 65.68 -10.82
CA PHE A 81 -15.54 65.14 -9.82
C PHE A 81 -16.05 63.76 -9.42
N ILE A 82 -15.30 62.70 -9.71
CA ILE A 82 -15.71 61.35 -9.31
C ILE A 82 -15.31 61.02 -7.88
N CYS A 83 -16.29 60.80 -7.01
CA CYS A 83 -16.03 60.52 -5.60
C CYS A 83 -16.72 59.27 -5.08
N VAL A 84 -17.11 58.37 -5.97
CA VAL A 84 -17.81 57.18 -5.51
C VAL A 84 -16.89 56.19 -4.80
N GLY A 85 -17.48 55.23 -4.11
CA GLY A 85 -16.72 54.29 -3.32
C GLY A 85 -16.07 53.14 -4.05
N THR A 86 -14.97 52.67 -3.49
CA THR A 86 -14.29 51.51 -4.00
C THR A 86 -13.97 50.66 -2.79
N PRO A 87 -14.91 49.78 -2.44
CA PRO A 87 -14.76 48.90 -1.28
C PRO A 87 -13.96 47.63 -1.62
N SER A 88 -13.57 46.88 -0.59
CA SER A 88 -12.80 45.67 -0.79
C SER A 88 -13.61 44.52 -1.32
N LYS A 89 -12.99 43.73 -2.21
CA LYS A 89 -13.58 42.49 -2.67
C LYS A 89 -13.22 41.49 -1.57
N LYS A 90 -13.59 40.23 -1.77
CA LYS A 90 -13.30 39.23 -0.75
C LYS A 90 -11.83 38.84 -0.69
N ASN A 91 -11.06 39.26 -1.68
CA ASN A 91 -9.65 38.88 -1.68
C ASN A 91 -8.68 40.03 -1.44
N GLY A 92 -9.23 41.24 -1.25
CA GLY A 92 -8.42 42.42 -0.99
C GLY A 92 -8.37 43.42 -2.14
N ASP A 93 -8.51 42.93 -3.37
CA ASP A 93 -8.53 43.79 -4.55
C ASP A 93 -9.73 44.76 -4.44
N LEU A 94 -9.62 45.95 -5.00
CA LEU A 94 -10.73 46.86 -4.83
C LEU A 94 -11.82 46.64 -5.87
N ASP A 95 -13.06 46.86 -5.46
CA ASP A 95 -14.20 46.67 -6.35
C ASP A 95 -14.44 47.94 -7.13
N LEU A 96 -14.29 47.84 -8.46
CA LEU A 96 -14.43 48.99 -9.34
C LEU A 96 -15.87 49.25 -9.78
N GLY A 97 -16.74 48.28 -9.52
CA GLY A 97 -18.13 48.35 -9.91
C GLY A 97 -18.68 49.75 -10.07
N TYR A 98 -18.86 50.46 -8.96
CA TYR A 98 -19.43 51.79 -8.96
C TYR A 98 -18.70 52.76 -9.91
N ILE A 99 -17.38 52.76 -9.87
CA ILE A 99 -16.57 53.61 -10.74
C ILE A 99 -16.95 53.37 -12.19
N GLU A 100 -17.14 52.11 -12.55
CA GLU A 100 -17.46 51.77 -13.92
C GLU A 100 -18.80 52.35 -14.35
N THR A 101 -19.84 52.10 -13.56
CA THR A 101 -21.16 52.64 -13.90
C THR A 101 -21.07 54.14 -14.16
N VAL A 102 -20.52 54.89 -13.20
CA VAL A 102 -20.37 56.31 -13.36
C VAL A 102 -19.68 56.65 -14.67
N CYS A 103 -18.58 55.96 -14.94
CA CYS A 103 -17.85 56.19 -16.18
C CYS A 103 -18.75 56.01 -17.39
N ARG A 104 -19.49 54.91 -17.44
CA ARG A 104 -20.41 54.68 -18.54
C ARG A 104 -21.42 55.81 -18.59
N GLU A 105 -22.13 56.00 -17.50
CA GLU A 105 -23.10 57.07 -17.41
C GLU A 105 -22.54 58.36 -17.99
N ILE A 106 -21.31 58.71 -17.63
CA ILE A 106 -20.71 59.95 -18.14
C ILE A 106 -20.47 59.90 -19.65
N GLY A 107 -19.76 58.88 -20.11
CA GLY A 107 -19.51 58.72 -21.52
C GLY A 107 -20.76 58.92 -22.36
N PHE A 108 -21.81 58.17 -22.01
CA PHE A 108 -23.10 58.26 -22.70
C PHE A 108 -23.61 59.68 -22.74
N ALA A 109 -23.36 60.42 -21.66
CA ALA A 109 -23.82 61.80 -21.56
C ALA A 109 -23.01 62.74 -22.43
N ILE A 110 -21.80 62.34 -22.77
CA ILE A 110 -20.96 63.18 -23.62
C ILE A 110 -21.29 62.96 -25.08
N ARG A 111 -21.53 61.69 -25.45
CA ARG A 111 -21.89 61.36 -26.83
C ARG A 111 -22.82 62.43 -27.38
N GLU A 112 -23.65 62.98 -26.49
CA GLU A 112 -24.61 64.01 -26.84
C GLU A 112 -23.91 65.36 -26.90
N LYS A 113 -23.95 66.08 -25.78
CA LYS A 113 -23.31 67.37 -25.62
C LYS A 113 -22.02 67.56 -26.44
N SER A 114 -21.92 68.70 -27.11
CA SER A 114 -20.80 69.00 -28.01
C SER A 114 -19.60 69.69 -27.36
N GLU A 115 -19.83 70.53 -26.36
CA GLU A 115 -18.74 71.19 -25.67
C GLU A 115 -17.86 70.18 -24.92
N ARG A 116 -16.63 70.58 -24.61
CA ARG A 116 -15.72 69.69 -23.89
C ARG A 116 -16.08 69.59 -22.42
N HIS A 117 -16.02 68.37 -21.91
CA HIS A 117 -16.28 68.13 -20.52
C HIS A 117 -14.97 67.74 -19.84
N THR A 118 -14.92 67.86 -18.52
CA THR A 118 -13.72 67.47 -17.79
C THR A 118 -14.05 66.45 -16.70
N VAL A 119 -13.42 65.29 -16.76
CA VAL A 119 -13.68 64.21 -15.81
C VAL A 119 -12.49 63.99 -14.90
N VAL A 120 -12.61 64.42 -13.64
CA VAL A 120 -11.54 64.30 -12.66
C VAL A 120 -11.82 63.28 -11.56
N VAL A 121 -10.99 62.25 -11.47
CA VAL A 121 -11.21 61.23 -10.44
C VAL A 121 -10.62 61.61 -9.10
N ARG A 122 -11.41 61.49 -8.05
CA ARG A 122 -10.93 61.81 -6.71
C ARG A 122 -10.95 60.58 -5.85
N SER A 123 -11.72 59.59 -6.28
CA SER A 123 -11.82 58.34 -5.55
C SER A 123 -10.47 57.66 -5.56
N THR A 124 -10.13 57.02 -4.45
CA THR A 124 -8.86 56.33 -4.34
C THR A 124 -8.89 55.05 -5.18
N VAL A 125 -7.94 54.93 -6.10
CA VAL A 125 -7.87 53.75 -6.95
C VAL A 125 -6.42 53.32 -7.13
N LEU A 126 -6.21 52.02 -7.25
CA LEU A 126 -4.87 51.49 -7.49
C LEU A 126 -4.26 52.18 -8.68
N PRO A 127 -2.94 52.27 -8.70
CA PRO A 127 -2.24 52.86 -9.84
C PRO A 127 -2.57 52.12 -11.14
N GLY A 128 -2.79 52.87 -12.20
CA GLY A 128 -3.08 52.32 -13.50
C GLY A 128 -4.57 52.33 -13.78
N THR A 129 -5.35 52.66 -12.76
CA THR A 129 -6.80 52.62 -12.91
C THR A 129 -7.33 53.59 -13.98
N VAL A 130 -6.98 54.86 -13.88
CA VAL A 130 -7.48 55.82 -14.83
C VAL A 130 -7.14 55.43 -16.27
N ASN A 131 -5.90 54.99 -16.49
CA ASN A 131 -5.45 54.59 -17.83
C ASN A 131 -6.06 53.31 -18.33
N ASN A 132 -6.14 52.29 -17.47
CA ASN A 132 -6.62 50.99 -17.89
C ASN A 132 -8.12 50.76 -17.81
N VAL A 133 -8.83 51.61 -17.06
CA VAL A 133 -10.24 51.37 -16.83
C VAL A 133 -11.16 52.56 -17.09
N VAL A 134 -11.00 53.64 -16.34
CA VAL A 134 -11.91 54.77 -16.52
C VAL A 134 -11.82 55.37 -17.93
N ILE A 135 -10.60 55.56 -18.43
CA ILE A 135 -10.45 56.16 -19.75
C ILE A 135 -11.09 55.33 -20.85
N PRO A 136 -10.61 54.11 -21.07
CA PRO A 136 -11.16 53.25 -22.11
C PRO A 136 -12.67 53.08 -21.97
N LEU A 137 -13.16 53.06 -20.74
CA LEU A 137 -14.60 52.95 -20.53
C LEU A 137 -15.32 54.15 -21.06
N ILE A 138 -14.92 55.33 -20.60
CA ILE A 138 -15.57 56.56 -21.06
C ILE A 138 -15.51 56.63 -22.56
N GLU A 139 -14.31 56.47 -23.10
CA GLU A 139 -14.12 56.49 -24.54
C GLU A 139 -15.09 55.55 -25.26
N ASP A 140 -15.02 54.27 -24.93
CA ASP A 140 -15.87 53.23 -25.54
C ASP A 140 -17.37 53.51 -25.40
N CYS A 141 -17.73 54.41 -24.49
CA CYS A 141 -19.13 54.76 -24.25
C CYS A 141 -19.50 56.12 -24.86
N SER A 142 -18.53 57.02 -24.93
CA SER A 142 -18.81 58.33 -25.50
C SER A 142 -18.51 58.35 -26.99
N GLY A 143 -17.79 57.34 -27.45
CA GLY A 143 -17.39 57.30 -28.85
C GLY A 143 -16.38 58.37 -29.12
N LYS A 144 -15.84 58.95 -28.06
CA LYS A 144 -14.85 60.01 -28.19
C LYS A 144 -13.46 59.54 -27.76
N LYS A 145 -12.53 60.49 -27.61
CA LYS A 145 -11.17 60.15 -27.22
C LYS A 145 -10.69 61.01 -26.06
N ALA A 146 -10.13 60.37 -25.05
CA ALA A 146 -9.65 61.09 -23.88
C ALA A 146 -8.49 61.98 -24.26
N GLY A 147 -8.43 63.16 -23.65
CA GLY A 147 -7.38 64.11 -23.95
C GLY A 147 -7.82 65.14 -24.97
N VAL A 148 -8.08 64.70 -26.20
CA VAL A 148 -8.48 65.60 -27.28
C VAL A 148 -9.88 66.16 -27.07
N ASP A 149 -10.89 65.28 -27.13
CA ASP A 149 -12.28 65.68 -26.98
C ASP A 149 -12.72 66.04 -25.57
N PHE A 150 -12.26 65.28 -24.57
CA PHE A 150 -12.61 65.52 -23.17
C PHE A 150 -11.41 65.35 -22.24
N GLY A 151 -11.34 66.17 -21.20
CA GLY A 151 -10.22 66.15 -20.29
C GLY A 151 -10.29 65.10 -19.19
N VAL A 152 -9.14 64.53 -18.85
CA VAL A 152 -9.08 63.55 -17.77
C VAL A 152 -7.84 63.77 -16.91
N GLY A 153 -8.05 63.71 -15.60
CA GLY A 153 -6.96 63.85 -14.65
C GLY A 153 -7.43 63.24 -13.34
N THR A 154 -6.51 63.07 -12.39
CA THR A 154 -6.90 62.53 -11.10
C THR A 154 -6.60 63.57 -10.05
N ASN A 155 -7.32 63.49 -8.93
CA ASN A 155 -7.19 64.47 -7.87
C ASN A 155 -7.49 63.83 -6.53
N PRO A 156 -6.46 63.31 -5.89
CA PRO A 156 -6.63 62.63 -4.60
C PRO A 156 -7.01 63.63 -3.52
N GLU A 157 -7.84 63.21 -2.59
CA GLU A 157 -8.20 64.06 -1.47
C GLU A 157 -7.45 63.54 -0.25
N PHE A 158 -7.30 64.36 0.76
CA PHE A 158 -6.66 63.88 1.97
C PHE A 158 -7.51 64.23 3.19
N LEU A 159 -8.79 64.50 2.94
CA LEU A 159 -9.72 64.84 4.01
C LEU A 159 -9.81 63.73 5.06
N ARG A 160 -9.88 64.12 6.33
CA ARG A 160 -10.12 63.14 7.37
C ARG A 160 -11.55 63.35 7.79
N GLU A 161 -12.22 62.31 8.25
CA GLU A 161 -13.60 62.47 8.69
C GLU A 161 -13.65 62.99 10.10
N SER A 162 -14.53 63.97 10.28
CA SER A 162 -14.73 64.71 11.55
C SER A 162 -13.96 66.03 11.50
N THR A 163 -13.11 66.18 10.48
CA THR A 163 -12.40 67.43 10.23
C THR A 163 -12.27 67.63 8.72
N ALA A 164 -13.14 66.97 7.98
CA ALA A 164 -13.13 67.05 6.52
C ALA A 164 -13.05 68.50 6.04
N ILE A 165 -13.87 69.36 6.61
CA ILE A 165 -13.92 70.75 6.21
C ILE A 165 -12.61 71.48 6.47
N LYS A 166 -12.12 71.41 7.70
CA LYS A 166 -10.89 72.13 7.98
C LYS A 166 -9.75 71.53 7.16
N ASP A 167 -9.77 70.22 6.97
CA ASP A 167 -8.74 69.58 6.17
C ASP A 167 -8.85 70.12 4.75
N TYR A 168 -10.08 70.25 4.28
CA TYR A 168 -10.31 70.81 2.98
C TYR A 168 -9.70 72.21 2.92
N ASP A 169 -10.07 73.07 3.86
CA ASP A 169 -9.60 74.46 3.86
C ASP A 169 -8.08 74.56 3.90
N PHE A 170 -7.46 73.78 4.77
CA PHE A 170 -6.02 73.85 4.92
C PHE A 170 -5.39 72.49 4.71
N PRO A 171 -5.30 72.08 3.45
CA PRO A 171 -4.75 70.77 3.11
C PRO A 171 -3.24 70.75 3.36
N PRO A 172 -2.67 69.55 3.40
CA PRO A 172 -1.21 69.43 3.52
C PRO A 172 -0.65 69.94 2.22
N MSE A 173 -1.24 69.44 1.16
CA MSE A 173 -0.84 69.76 -0.19
C MSE A 173 -2.02 69.49 -1.10
O MSE A 173 -3.01 68.88 -0.67
CB MSE A 173 0.33 68.84 -0.58
CG MSE A 173 -0.02 67.35 -0.54
SE MSE A 173 1.55 66.22 -0.52
CE MSE A 173 2.44 67.28 0.35
N THR A 174 -1.94 69.92 -2.34
CA THR A 174 -2.94 69.61 -3.33
C THR A 174 -2.18 68.84 -4.39
N VAL A 175 -2.56 67.60 -4.68
CA VAL A 175 -1.86 66.86 -5.73
C VAL A 175 -2.77 66.56 -6.93
N ILE A 176 -2.22 66.78 -8.13
CA ILE A 176 -2.94 66.60 -9.39
C ILE A 176 -2.20 65.64 -10.32
N GLY A 177 -2.94 64.70 -10.89
CA GLY A 177 -2.36 63.81 -11.88
C GLY A 177 -2.94 64.22 -13.22
N GLU A 178 -2.08 64.52 -14.18
CA GLU A 178 -2.62 65.01 -15.44
C GLU A 178 -2.26 64.25 -16.70
N LEU A 179 -3.27 64.02 -17.53
CA LEU A 179 -3.04 63.52 -18.88
C LEU A 179 -2.90 64.77 -19.70
N ASP A 180 -3.98 65.55 -19.80
CA ASP A 180 -3.98 66.78 -20.58
C ASP A 180 -3.68 68.02 -19.75
N LYS A 181 -2.89 68.93 -20.30
CA LYS A 181 -2.51 70.16 -19.63
C LYS A 181 -3.75 70.95 -19.21
N GLN A 182 -4.73 70.94 -20.11
CA GLN A 182 -5.98 71.67 -19.99
C GLN A 182 -6.73 71.33 -18.71
N THR A 183 -6.84 70.04 -18.42
CA THR A 183 -7.50 69.58 -17.20
C THR A 183 -6.68 69.94 -15.97
N GLY A 184 -5.37 70.02 -16.13
CA GLY A 184 -4.53 70.37 -15.01
C GLY A 184 -4.74 71.81 -14.59
N ASP A 185 -4.83 72.70 -15.57
CA ASP A 185 -5.03 74.12 -15.30
C ASP A 185 -6.34 74.39 -14.58
N LEU A 186 -7.38 73.65 -14.94
CA LEU A 186 -8.69 73.82 -14.33
C LEU A 186 -8.58 73.54 -12.85
N LEU A 187 -7.90 72.46 -12.51
CA LEU A 187 -7.76 72.12 -11.12
C LEU A 187 -6.94 73.18 -10.43
N GLU A 188 -5.95 73.72 -11.13
CA GLU A 188 -5.09 74.75 -10.56
C GLU A 188 -5.89 75.97 -10.11
N GLU A 189 -6.84 76.41 -10.91
CA GLU A 189 -7.66 77.55 -10.51
C GLU A 189 -8.47 77.16 -9.29
N ILE A 190 -9.02 75.96 -9.33
CA ILE A 190 -9.85 75.49 -8.23
C ILE A 190 -9.17 75.54 -6.87
N TYR A 191 -7.88 75.23 -6.80
CA TYR A 191 -7.24 75.27 -5.50
C TYR A 191 -6.26 76.42 -5.38
N ARG A 192 -6.19 77.23 -6.44
CA ARG A 192 -5.30 78.37 -6.48
C ARG A 192 -5.24 79.13 -5.15
N GLU A 193 -6.40 79.34 -4.54
CA GLU A 193 -6.48 80.12 -3.31
C GLU A 193 -6.09 79.37 -2.02
N LEU A 194 -5.78 78.09 -2.12
CA LEU A 194 -5.39 77.33 -0.93
C LEU A 194 -3.93 77.52 -0.54
N ASP A 195 -3.70 77.73 0.75
CA ASP A 195 -2.35 77.97 1.27
C ASP A 195 -1.56 76.67 1.44
N ALA A 196 -1.30 76.01 0.33
CA ALA A 196 -0.57 74.76 0.29
C ALA A 196 -0.04 74.57 -1.11
N PRO A 197 1.05 73.80 -1.24
CA PRO A 197 1.65 73.55 -2.54
C PRO A 197 0.69 72.83 -3.46
N ILE A 198 0.92 72.96 -4.76
CA ILE A 198 0.19 72.21 -5.77
C ILE A 198 1.23 71.30 -6.38
N ILE A 199 0.85 70.06 -6.63
CA ILE A 199 1.83 69.12 -7.16
C ILE A 199 1.23 68.41 -8.34
N ARG A 200 1.81 68.66 -9.51
CA ARG A 200 1.32 68.08 -10.76
C ARG A 200 2.20 66.93 -11.22
N LYS A 201 1.61 65.74 -11.26
CA LYS A 201 2.31 64.52 -11.63
C LYS A 201 1.54 63.76 -12.70
N THR A 202 2.11 62.66 -13.17
CA THR A 202 1.37 61.83 -14.10
C THR A 202 0.26 61.18 -13.30
N VAL A 203 -0.77 60.74 -14.01
CA VAL A 203 -1.92 60.09 -13.40
C VAL A 203 -1.51 58.94 -12.47
N GLU A 204 -0.58 58.10 -12.95
CA GLU A 204 -0.13 56.96 -12.14
C GLU A 204 0.60 57.36 -10.88
N VAL A 205 1.58 58.25 -11.00
CA VAL A 205 2.32 58.71 -9.84
C VAL A 205 1.40 59.25 -8.76
N ALA A 206 0.38 59.99 -9.18
CA ALA A 206 -0.61 60.53 -8.26
C ALA A 206 -1.35 59.38 -7.59
N GLU A 207 -1.77 58.40 -8.39
CA GLU A 207 -2.44 57.28 -7.80
C GLU A 207 -1.54 56.62 -6.76
N MSE A 208 -0.27 56.37 -7.06
CA MSE A 208 0.65 55.80 -6.04
C MSE A 208 0.75 56.68 -4.81
O MSE A 208 0.71 56.18 -3.68
CB MSE A 208 2.07 55.56 -6.56
CG MSE A 208 2.45 54.12 -6.82
SE MSE A 208 2.01 52.84 -5.44
CE MSE A 208 3.51 53.04 -4.34
N ILE A 209 0.87 57.99 -5.02
CA ILE A 209 0.99 58.95 -3.94
C ILE A 209 -0.09 58.82 -2.85
N LYS A 210 -1.36 58.82 -3.26
CA LYS A 210 -2.46 58.75 -2.32
C LYS A 210 -2.48 57.41 -1.60
N TYR A 211 -2.11 56.35 -2.29
CA TYR A 211 -2.03 55.05 -1.64
C TYR A 211 -0.93 55.01 -0.57
N THR A 212 0.22 55.58 -0.89
CA THR A 212 1.34 55.59 0.03
C THR A 212 1.03 56.37 1.31
N CYS A 213 0.29 57.48 1.14
CA CYS A 213 -0.03 58.31 2.27
C CYS A 213 -0.89 57.49 3.21
N ASN A 214 -1.86 56.80 2.64
CA ASN A 214 -2.77 56.02 3.46
C ASN A 214 -2.07 54.84 4.14
N VAL A 215 -1.21 54.11 3.42
CA VAL A 215 -0.53 53.01 4.08
C VAL A 215 0.50 53.50 5.07
N TRP A 216 1.15 54.63 4.76
CA TRP A 216 2.08 55.23 5.73
C TRP A 216 1.29 55.52 7.00
N HIS A 217 0.11 56.10 6.85
CA HIS A 217 -0.70 56.40 8.03
C HIS A 217 -0.94 55.16 8.90
N ALA A 218 -1.32 54.05 8.28
CA ALA A 218 -1.55 52.84 9.05
C ALA A 218 -0.25 52.34 9.63
N ALA A 219 0.85 52.64 8.95
CA ALA A 219 2.16 52.18 9.38
C ALA A 219 2.52 52.85 10.68
N LYS A 220 2.20 54.14 10.75
CA LYS A 220 2.51 54.95 11.91
C LYS A 220 1.70 54.46 13.09
N VAL A 221 0.40 54.32 12.87
CA VAL A 221 -0.48 53.90 13.95
C VAL A 221 0.02 52.57 14.45
N THR A 222 0.46 51.74 13.53
CA THR A 222 0.95 50.42 13.92
C THR A 222 2.20 50.51 14.77
N PHE A 223 3.12 51.38 14.37
CA PHE A 223 4.38 51.52 15.09
C PHE A 223 4.12 51.90 16.52
N ALA A 224 3.37 52.99 16.67
CA ALA A 224 3.01 53.51 17.99
C ALA A 224 2.30 52.47 18.83
N ASN A 225 1.53 51.59 18.21
CA ASN A 225 0.82 50.58 18.98
C ASN A 225 1.79 49.53 19.48
N GLU A 226 2.58 49.01 18.56
CA GLU A 226 3.56 48.01 18.93
C GLU A 226 4.56 48.58 19.96
N ILE A 227 5.09 49.77 19.74
CA ILE A 227 5.98 50.38 20.72
C ILE A 227 5.30 50.54 22.10
N GLY A 228 4.09 51.08 22.08
CA GLY A 228 3.33 51.27 23.29
C GLY A 228 3.12 49.97 24.03
N ASN A 229 2.87 48.88 23.29
CA ASN A 229 2.69 47.59 23.92
C ASN A 229 3.95 47.14 24.66
N ILE A 230 5.10 47.33 24.02
CA ILE A 230 6.35 46.95 24.66
C ILE A 230 6.54 47.85 25.87
N ALA A 231 6.22 49.14 25.74
CA ALA A 231 6.33 50.09 26.85
C ALA A 231 5.57 49.62 28.10
N LYS A 232 4.26 49.41 27.96
CA LYS A 232 3.44 48.96 29.07
C LYS A 232 4.09 47.76 29.75
N ALA A 233 4.44 46.77 28.94
CA ALA A 233 5.08 45.56 29.43
C ALA A 233 6.35 45.79 30.27
N VAL A 234 7.13 46.82 29.95
CA VAL A 234 8.35 47.04 30.72
C VAL A 234 8.22 48.07 31.83
N GLY A 235 6.98 48.50 32.09
CA GLY A 235 6.70 49.39 33.20
C GLY A 235 6.47 50.88 32.93
N VAL A 236 6.73 51.36 31.72
CA VAL A 236 6.57 52.79 31.47
C VAL A 236 5.32 53.11 30.65
N ASP A 237 5.12 54.39 30.31
CA ASP A 237 3.96 54.83 29.52
C ASP A 237 4.34 55.09 28.07
N GLY A 238 3.63 54.45 27.15
CA GLY A 238 3.93 54.59 25.74
C GLY A 238 3.76 56.03 25.26
N ARG A 239 2.73 56.68 25.77
CA ARG A 239 2.40 58.03 25.36
C ARG A 239 3.55 58.94 25.63
N GLU A 240 4.15 58.76 26.79
CA GLU A 240 5.29 59.57 27.16
C GLU A 240 6.44 59.27 26.21
N VAL A 241 6.61 58.00 25.86
CA VAL A 241 7.66 57.61 24.96
C VAL A 241 7.47 58.18 23.56
N MSE A 242 6.26 58.07 23.02
CA MSE A 242 6.07 58.53 21.65
C MSE A 242 6.13 60.07 21.52
O MSE A 242 6.46 60.61 20.45
CB MSE A 242 4.80 57.93 21.02
CG MSE A 242 4.77 56.40 20.90
SE MSE A 242 6.16 55.56 19.85
CE MSE A 242 5.79 56.38 18.44
N ASP A 243 5.80 60.77 22.61
CA ASP A 243 5.82 62.21 22.62
C ASP A 243 7.23 62.69 22.34
N VAL A 244 8.15 62.26 23.21
CA VAL A 244 9.54 62.66 23.08
C VAL A 244 10.01 62.37 21.66
N ILE A 245 9.70 61.20 21.15
CA ILE A 245 10.10 60.84 19.81
C ILE A 245 9.55 61.81 18.78
N CYS A 246 8.30 62.23 18.96
CA CYS A 246 7.68 63.17 18.03
C CYS A 246 8.24 64.59 18.17
N GLN A 247 9.21 64.76 19.05
CA GLN A 247 9.83 66.05 19.23
C GLN A 247 10.94 66.20 18.21
N ASP A 248 11.51 65.07 17.83
CA ASP A 248 12.62 65.08 16.89
C ASP A 248 12.14 65.36 15.47
N HIS A 249 12.40 66.57 14.99
CA HIS A 249 12.01 66.93 13.64
C HIS A 249 13.20 66.89 12.68
N LYS A 250 14.33 66.43 13.21
CA LYS A 250 15.53 66.27 12.42
C LYS A 250 15.63 64.83 11.87
N LEU A 251 15.29 63.84 12.70
CA LEU A 251 15.37 62.46 12.22
C LEU A 251 14.03 61.75 12.22
N ASN A 252 13.42 61.62 13.40
CA ASN A 252 12.16 60.91 13.50
C ASN A 252 11.05 61.41 12.60
N LEU A 253 10.86 62.72 12.55
CA LEU A 253 9.80 63.28 11.71
C LEU A 253 10.30 64.21 10.59
N SER A 254 11.34 63.81 9.87
CA SER A 254 11.79 64.58 8.73
C SER A 254 11.74 63.67 7.52
N ARG A 255 12.40 64.05 6.44
CA ARG A 255 12.40 63.19 5.27
C ARG A 255 13.55 62.19 5.35
N TYR A 256 14.45 62.42 6.32
CA TYR A 256 15.60 61.52 6.45
C TYR A 256 15.08 60.12 6.71
N TYR A 257 15.83 59.15 6.20
CA TYR A 257 15.50 57.72 6.27
C TYR A 257 14.34 57.38 5.37
N MSE A 258 13.87 58.30 4.54
CA MSE A 258 12.69 58.01 3.73
C MSE A 258 12.96 57.92 2.23
O MSE A 258 12.02 57.90 1.42
CB MSE A 258 11.53 58.98 4.03
CG MSE A 258 10.98 58.91 5.46
SE MSE A 258 9.66 57.59 5.74
CE MSE A 258 8.13 58.62 5.32
N ARG A 259 14.23 57.84 1.84
CA ARG A 259 14.58 57.67 0.42
C ARG A 259 14.53 56.18 0.10
N PRO A 260 13.75 55.79 -0.91
CA PRO A 260 13.60 54.38 -1.23
C PRO A 260 14.95 53.86 -1.69
N GLY A 261 15.46 52.79 -1.14
CA GLY A 261 16.77 52.36 -1.56
C GLY A 261 17.20 50.96 -1.16
N PHE A 262 18.37 50.88 -0.54
CA PHE A 262 18.99 49.61 -0.19
C PHE A 262 18.77 49.30 1.27
N ALA A 263 19.17 48.09 1.68
CA ALA A 263 18.95 47.65 3.05
C ALA A 263 19.68 48.54 4.02
N PHE A 264 19.25 48.57 5.27
CA PHE A 264 19.97 49.32 6.28
C PHE A 264 20.98 48.42 6.97
N GLY A 265 22.07 49.01 7.44
CA GLY A 265 23.14 48.26 8.06
C GLY A 265 23.78 49.13 9.10
N GLY A 266 24.99 48.78 9.51
CA GLY A 266 25.67 49.54 10.53
C GLY A 266 25.67 48.75 11.81
N SER A 267 26.26 49.33 12.85
CA SER A 267 26.35 48.66 14.12
C SER A 267 25.32 49.19 15.12
N CYS A 268 24.17 49.61 14.63
CA CYS A 268 23.13 50.11 15.53
C CYS A 268 21.73 49.70 15.15
N LEU A 269 21.32 49.98 13.91
CA LEU A 269 19.95 49.70 13.49
C LEU A 269 19.60 48.24 13.60
N PRO A 270 20.38 47.39 12.94
CA PRO A 270 20.08 45.95 12.98
C PRO A 270 20.14 45.36 14.41
N LYS A 271 21.10 45.78 15.24
CA LYS A 271 21.17 45.18 16.58
C LYS A 271 20.04 45.66 17.48
N ASP A 272 19.75 46.94 17.44
CA ASP A 272 18.67 47.45 18.27
C ASP A 272 17.35 46.82 17.82
N VAL A 273 17.11 46.75 16.51
CA VAL A 273 15.90 46.09 16.06
C VAL A 273 15.86 44.65 16.60
N ARG A 274 16.99 43.96 16.57
CA ARG A 274 17.04 42.61 17.11
C ARG A 274 16.90 42.64 18.63
N ALA A 275 17.50 43.66 19.25
CA ALA A 275 17.50 43.78 20.71
C ALA A 275 16.13 44.07 21.31
N LEU A 276 15.32 44.88 20.63
CA LEU A 276 14.03 45.23 21.16
C LEU A 276 13.01 44.14 20.89
N THR A 277 13.08 43.49 19.73
CA THR A 277 12.07 42.46 19.45
C THR A 277 12.32 41.18 20.23
N TYR A 278 13.58 40.94 20.56
CA TYR A 278 13.92 39.82 21.40
C TYR A 278 13.26 40.06 22.75
N ARG A 279 13.45 41.28 23.27
CA ARG A 279 12.89 41.64 24.55
C ARG A 279 11.37 41.56 24.52
N ALA A 280 10.78 42.14 23.48
CA ALA A 280 9.34 42.04 23.33
C ALA A 280 8.97 40.57 23.43
N SER A 281 9.73 39.71 22.76
CA SER A 281 9.42 38.28 22.77
C SER A 281 9.51 37.67 24.17
N GLN A 282 10.39 38.20 25.00
CA GLN A 282 10.50 37.68 26.35
C GLN A 282 9.27 38.07 27.17
N LEU A 283 8.72 39.26 26.90
CA LEU A 283 7.58 39.70 27.69
C LEU A 283 6.22 39.22 27.16
N ASP A 284 6.26 38.30 26.20
CA ASP A 284 5.05 37.74 25.59
C ASP A 284 4.26 38.80 24.84
N VAL A 285 4.96 39.85 24.41
CA VAL A 285 4.36 40.92 23.63
C VAL A 285 4.52 40.64 22.14
N GLU A 286 3.45 40.27 21.46
CA GLU A 286 3.59 40.02 20.03
C GLU A 286 3.84 41.33 19.30
N HIS A 287 4.38 41.26 18.11
CA HIS A 287 4.75 42.48 17.42
C HIS A 287 5.05 42.19 15.97
N PRO A 288 4.02 41.92 15.18
CA PRO A 288 4.23 41.56 13.78
C PRO A 288 4.96 42.62 12.94
N MSE A 289 4.68 43.90 13.12
CA MSE A 289 5.39 44.86 12.28
C MSE A 289 6.86 44.93 12.67
O MSE A 289 7.73 44.66 11.84
CB MSE A 289 4.76 46.25 12.32
CG MSE A 289 5.65 47.32 11.71
SE MSE A 289 4.76 48.99 11.79
CE MSE A 289 5.99 49.99 10.80
N LEU A 290 7.14 45.27 13.92
CA LEU A 290 8.52 45.34 14.39
C LEU A 290 9.26 44.06 14.02
N GLY A 291 8.54 42.94 14.11
CA GLY A 291 9.12 41.65 13.86
C GLY A 291 9.28 41.26 12.41
N SER A 292 8.97 42.16 11.49
CA SER A 292 9.11 41.84 10.08
C SER A 292 10.22 42.66 9.47
N LEU A 293 10.70 43.64 10.23
CA LEU A 293 11.77 44.52 9.76
C LEU A 293 12.97 43.79 9.13
N MSE A 294 13.71 43.02 9.91
CA MSE A 294 14.87 42.28 9.44
C MSE A 294 14.53 41.48 8.20
O MSE A 294 15.29 41.46 7.22
CB MSE A 294 15.41 41.30 10.48
CG MSE A 294 15.87 41.94 11.77
SE MSE A 294 16.69 43.72 11.62
CE MSE A 294 18.00 43.33 10.75
N ARG A 295 13.39 40.81 8.24
CA ARG A 295 12.98 40.01 7.10
C ARG A 295 12.97 40.92 5.91
N SER A 296 12.30 42.05 6.01
CA SER A 296 12.27 42.97 4.88
C SER A 296 13.67 43.42 4.53
N ASN A 297 14.46 43.81 5.53
CA ASN A 297 15.81 44.26 5.27
C ASN A 297 16.58 43.26 4.38
N SER A 298 16.58 41.98 4.75
CA SER A 298 17.22 40.95 3.91
C SER A 298 16.65 40.85 2.50
N ASN A 299 15.35 41.01 2.36
CA ASN A 299 14.77 40.93 1.05
C ASN A 299 15.50 41.90 0.17
N GLN A 300 15.82 43.05 0.75
CA GLN A 300 16.37 44.12 -0.04
C GLN A 300 17.77 43.75 -0.47
N VAL A 301 18.50 43.04 0.39
CA VAL A 301 19.78 42.60 -0.07
C VAL A 301 19.55 41.62 -1.23
N GLN A 302 18.74 40.59 -0.99
CA GLN A 302 18.48 39.62 -2.03
C GLN A 302 18.11 40.32 -3.35
N LYS A 303 17.21 41.30 -3.28
CA LYS A 303 16.78 42.01 -4.47
C LYS A 303 17.96 42.57 -5.28
N ALA A 304 18.86 43.29 -4.60
CA ALA A 304 20.05 43.81 -5.29
C ALA A 304 20.80 42.66 -5.94
N PHE A 305 20.95 41.56 -5.21
CA PHE A 305 21.65 40.41 -5.76
C PHE A 305 20.98 39.89 -7.03
N ASP A 306 19.63 39.87 -7.04
CA ASP A 306 18.94 39.32 -8.19
C ASP A 306 19.10 40.24 -9.38
N LEU A 307 19.22 41.53 -9.11
CA LEU A 307 19.34 42.50 -10.18
C LEU A 307 20.73 42.39 -10.78
N ILE A 308 21.74 42.51 -9.92
CA ILE A 308 23.14 42.47 -10.33
C ILE A 308 23.44 41.20 -11.10
N THR A 309 22.79 40.12 -10.69
CA THR A 309 23.09 38.77 -11.15
C THR A 309 22.35 38.34 -12.41
N SER A 310 21.66 39.28 -13.06
CA SER A 310 20.80 38.88 -14.16
C SER A 310 21.29 39.27 -15.54
N HIS A 311 22.60 39.40 -15.70
CA HIS A 311 23.14 39.86 -16.97
C HIS A 311 24.15 38.94 -17.68
N ASP A 312 24.12 37.66 -17.36
CA ASP A 312 25.00 36.71 -18.02
C ASP A 312 26.45 37.20 -18.00
N THR A 313 27.00 37.34 -16.81
CA THR A 313 28.38 37.73 -16.64
C THR A 313 28.75 37.71 -15.17
N ARG A 314 29.99 37.31 -14.89
CA ARG A 314 30.49 37.24 -13.52
C ARG A 314 31.17 38.54 -13.12
N LYS A 315 31.28 39.48 -14.06
CA LYS A 315 32.08 40.67 -13.83
C LYS A 315 31.42 41.89 -13.14
N VAL A 316 31.56 41.94 -11.83
CA VAL A 316 30.92 42.98 -11.03
C VAL A 316 31.87 43.96 -10.35
N GLY A 317 31.64 45.25 -10.55
CA GLY A 317 32.41 46.27 -9.87
C GLY A 317 31.54 46.92 -8.80
N LEU A 318 31.90 46.74 -7.55
CA LEU A 318 31.05 47.21 -6.48
C LEU A 318 31.55 48.50 -5.86
N LEU A 319 30.88 49.61 -6.17
CA LEU A 319 31.30 50.91 -5.68
C LEU A 319 30.65 51.25 -4.34
N GLY A 320 31.48 51.24 -3.29
CA GLY A 320 31.03 51.52 -1.95
C GLY A 320 31.03 50.25 -1.15
N LEU A 321 31.70 50.25 0.00
CA LEU A 321 31.75 49.04 0.80
C LEU A 321 31.34 49.24 2.26
N SER A 322 31.72 50.37 2.85
CA SER A 322 31.32 50.68 4.22
C SER A 322 29.81 50.85 4.25
N PHE A 323 29.19 50.70 5.43
CA PHE A 323 27.72 50.76 5.50
C PHE A 323 27.16 52.08 5.00
N LYS A 324 27.95 53.13 5.09
CA LYS A 324 27.60 54.41 4.46
C LYS A 324 28.80 55.27 4.11
N ALA A 325 28.64 56.07 3.07
CA ALA A 325 29.71 56.95 2.61
C ALA A 325 30.19 57.82 3.74
N GLY A 326 31.50 58.12 3.75
CA GLY A 326 32.04 59.04 4.73
C GLY A 326 32.55 58.41 6.01
N THR A 327 32.25 57.13 6.20
CA THR A 327 32.70 56.42 7.38
C THR A 327 33.36 55.15 6.91
N ASP A 328 34.31 54.65 7.68
CA ASP A 328 34.95 53.41 7.29
C ASP A 328 34.28 52.21 7.97
N ASP A 329 33.32 52.46 8.83
CA ASP A 329 32.63 51.38 9.52
C ASP A 329 32.10 50.29 8.59
N LEU A 330 32.55 49.05 8.81
CA LEU A 330 32.14 47.92 8.00
C LEU A 330 31.16 47.02 8.73
N ARG A 331 30.78 47.42 9.94
CA ARG A 331 29.92 46.57 10.75
C ARG A 331 28.54 46.27 10.16
N GLU A 332 28.28 45.01 9.91
CA GLU A 332 27.01 44.63 9.30
C GLU A 332 26.71 45.55 8.11
N SER A 333 27.69 45.70 7.21
CA SER A 333 27.43 46.49 6.01
C SER A 333 26.73 45.64 4.97
N PRO A 334 25.56 46.07 4.57
CA PRO A 334 24.78 45.36 3.56
C PRO A 334 25.60 45.13 2.30
N LEU A 335 26.60 45.98 2.09
CA LEU A 335 27.44 45.88 0.91
C LEU A 335 28.43 44.74 1.08
N VAL A 336 28.82 44.45 2.31
CA VAL A 336 29.70 43.32 2.54
C VAL A 336 28.85 42.07 2.40
N GLU A 337 27.66 42.09 2.99
CA GLU A 337 26.74 40.97 2.86
C GLU A 337 26.68 40.70 1.38
N LEU A 338 26.35 41.73 0.63
CA LEU A 338 26.23 41.64 -0.82
C LEU A 338 27.51 41.08 -1.45
N ALA A 339 28.65 41.62 -1.01
CA ALA A 339 29.92 41.20 -1.56
C ALA A 339 30.12 39.75 -1.26
N GLU A 340 29.87 39.36 -0.01
CA GLU A 340 30.08 37.98 0.38
C GLU A 340 29.23 37.01 -0.41
N MSE A 341 27.98 37.41 -0.70
CA MSE A 341 27.11 36.59 -1.54
C MSE A 341 27.71 36.33 -2.92
O MSE A 341 27.79 35.18 -3.37
CB MSE A 341 25.75 37.25 -1.73
CG MSE A 341 24.81 37.11 -0.55
SE MSE A 341 23.25 38.23 -0.58
CE MSE A 341 22.24 37.22 -1.74
N LEU A 342 28.14 37.41 -3.57
CA LEU A 342 28.74 37.33 -4.90
C LEU A 342 29.96 36.43 -4.90
N ILE A 343 30.77 36.52 -3.84
CA ILE A 343 31.98 35.71 -3.78
C ILE A 343 31.60 34.26 -3.57
N GLY A 344 30.70 34.02 -2.64
CA GLY A 344 30.28 32.67 -2.37
C GLY A 344 29.69 32.01 -3.59
N LYS A 345 29.20 32.81 -4.51
CA LYS A 345 28.55 32.25 -5.68
C LYS A 345 29.42 32.36 -6.93
N GLY A 346 30.69 32.67 -6.72
CA GLY A 346 31.67 32.67 -7.80
C GLY A 346 31.79 33.85 -8.74
N TYR A 347 31.40 35.04 -8.31
CA TYR A 347 31.50 36.21 -9.19
C TYR A 347 32.89 36.85 -9.17
N GLU A 348 33.29 37.40 -10.30
CA GLU A 348 34.55 38.12 -10.38
C GLU A 348 34.28 39.53 -9.86
N LEU A 349 34.52 39.72 -8.57
CA LEU A 349 34.17 40.95 -7.89
C LEU A 349 35.37 41.88 -7.69
N ARG A 350 35.17 43.18 -7.89
CA ARG A 350 36.18 44.20 -7.68
C ARG A 350 35.50 45.30 -6.91
N ILE A 351 36.11 45.77 -5.83
CA ILE A 351 35.47 46.76 -4.96
C ILE A 351 36.19 48.10 -4.81
N PHE A 352 35.41 49.18 -4.80
CA PHE A 352 35.99 50.50 -4.58
C PHE A 352 35.45 51.17 -3.35
N ASP A 353 36.34 51.68 -2.53
CA ASP A 353 35.95 52.42 -1.36
C ASP A 353 37.19 53.12 -0.78
N ARG A 354 37.26 54.43 -1.01
CA ARG A 354 38.41 55.23 -0.58
C ARG A 354 38.51 55.37 0.94
N ASN A 355 37.37 55.21 1.63
CA ASN A 355 37.35 55.31 3.08
C ASN A 355 37.85 54.00 3.66
N VAL A 356 37.40 52.89 3.10
CA VAL A 356 37.87 51.60 3.57
C VAL A 356 39.37 51.54 3.24
N GLU A 357 39.76 52.20 2.15
CA GLU A 357 41.16 52.28 1.74
C GLU A 357 41.98 52.99 2.80
N TYR A 358 41.68 54.27 2.99
CA TYR A 358 42.36 55.09 3.99
C TYR A 358 42.49 54.34 5.31
N ALA A 359 41.48 53.54 5.62
CA ALA A 359 41.48 52.80 6.87
C ALA A 359 42.46 51.62 6.89
N ARG A 360 42.87 51.14 5.72
CA ARG A 360 43.76 49.98 5.69
C ARG A 360 45.19 50.36 6.05
N VAL A 361 45.41 51.66 6.22
CA VAL A 361 46.72 52.15 6.62
C VAL A 361 46.63 53.28 7.64
N HIS A 362 45.42 53.65 8.04
CA HIS A 362 45.28 54.78 8.97
C HIS A 362 44.27 54.66 10.11
N GLY A 363 44.05 53.45 10.64
CA GLY A 363 43.08 53.33 11.71
C GLY A 363 43.30 52.27 12.78
N ALA A 364 42.22 51.98 13.51
CA ALA A 364 42.21 50.95 14.54
C ALA A 364 41.39 49.79 14.03
N ASN A 365 41.27 49.68 12.72
CA ASN A 365 40.49 48.60 12.11
C ASN A 365 41.36 47.70 11.23
N LYS A 366 42.62 48.08 11.06
CA LYS A 366 43.55 47.29 10.26
C LYS A 366 43.39 45.79 10.50
N GLU A 367 43.43 45.39 11.76
CA GLU A 367 43.28 43.98 12.12
C GLU A 367 42.07 43.37 11.43
N TYR A 368 40.90 43.93 11.70
CA TYR A 368 39.63 43.45 11.16
C TYR A 368 39.61 43.32 9.64
N ILE A 369 40.15 44.31 8.94
CA ILE A 369 40.15 44.32 7.48
C ILE A 369 41.09 43.31 6.83
N GLU A 370 42.18 42.96 7.51
CA GLU A 370 43.17 42.04 6.95
C GLU A 370 43.07 40.62 7.48
N SER A 371 42.30 40.43 8.56
CA SER A 371 42.21 39.10 9.15
C SER A 371 40.79 38.62 9.32
N LYS A 372 39.86 39.54 9.56
CA LYS A 372 38.47 39.16 9.70
C LYS A 372 37.76 38.95 8.35
N ILE A 373 38.05 39.81 7.38
CA ILE A 373 37.43 39.70 6.05
C ILE A 373 38.37 39.86 4.86
N PRO A 374 39.48 39.13 4.84
CA PRO A 374 40.46 39.28 3.76
C PRO A 374 39.89 38.92 2.40
N HIS A 375 38.93 37.99 2.35
CA HIS A 375 38.35 37.53 1.09
C HIS A 375 37.53 38.63 0.43
N VAL A 376 37.08 39.58 1.25
CA VAL A 376 36.38 40.74 0.73
C VAL A 376 37.41 41.83 0.48
N SER A 377 38.18 42.16 1.52
CA SER A 377 39.10 43.29 1.44
C SER A 377 40.14 43.22 0.33
N SER A 378 40.63 42.02 0.03
CA SER A 378 41.65 41.87 -1.00
C SER A 378 41.09 42.13 -2.40
N LEU A 379 39.77 42.28 -2.49
CA LEU A 379 39.14 42.61 -3.76
C LEU A 379 39.09 44.13 -3.96
N LEU A 380 39.55 44.90 -2.98
CA LEU A 380 39.55 46.36 -3.09
C LEU A 380 40.56 46.84 -4.14
N VAL A 381 40.12 47.77 -4.98
CA VAL A 381 40.95 48.36 -6.00
C VAL A 381 40.85 49.87 -5.83
N SER A 382 41.97 50.58 -5.73
CA SER A 382 41.91 52.02 -5.48
C SER A 382 41.74 52.89 -6.71
N ASP A 383 41.96 52.30 -7.88
CA ASP A 383 41.82 53.05 -9.11
C ASP A 383 40.40 52.93 -9.66
N LEU A 384 39.55 53.91 -9.36
CA LEU A 384 38.15 53.89 -9.79
C LEU A 384 37.96 53.60 -11.28
N ASP A 385 38.79 54.18 -12.14
CA ASP A 385 38.64 53.92 -13.57
C ASP A 385 38.99 52.47 -13.89
N GLU A 386 39.85 51.86 -13.08
CA GLU A 386 40.21 50.45 -13.29
C GLU A 386 38.98 49.58 -12.96
N VAL A 387 38.32 49.89 -11.84
CA VAL A 387 37.13 49.14 -11.46
C VAL A 387 36.07 49.21 -12.56
N VAL A 388 35.84 50.40 -13.09
CA VAL A 388 34.85 50.53 -14.14
C VAL A 388 35.25 49.76 -15.41
N ALA A 389 36.44 50.05 -15.94
CA ALA A 389 36.90 49.41 -17.18
C ALA A 389 36.84 47.90 -17.22
N SER A 390 37.18 47.25 -16.12
CA SER A 390 37.26 45.79 -16.15
C SER A 390 36.04 45.09 -15.57
N SER A 391 34.99 45.84 -15.26
CA SER A 391 33.74 45.26 -14.78
C SER A 391 32.70 45.35 -15.87
N ASP A 392 31.63 44.58 -15.74
CA ASP A 392 30.57 44.56 -16.73
C ASP A 392 29.32 45.19 -16.14
N VAL A 393 29.17 44.99 -14.85
CA VAL A 393 28.02 45.48 -14.13
C VAL A 393 28.57 46.41 -13.07
N LEU A 394 28.07 47.63 -13.03
CA LEU A 394 28.53 48.59 -12.04
C LEU A 394 27.42 48.83 -11.03
N VAL A 395 27.76 48.65 -9.76
CA VAL A 395 26.80 48.75 -8.69
C VAL A 395 27.08 49.89 -7.71
N LEU A 396 26.18 50.87 -7.69
CA LEU A 396 26.28 52.03 -6.82
C LEU A 396 25.70 51.68 -5.47
N GLY A 397 26.57 51.36 -4.53
CA GLY A 397 26.15 50.86 -3.24
C GLY A 397 26.02 51.85 -2.12
N ASN A 398 26.67 52.99 -2.21
CA ASN A 398 26.53 53.98 -1.14
C ASN A 398 26.68 55.41 -1.61
N GLY A 399 26.39 56.36 -0.72
CA GLY A 399 26.31 57.75 -1.12
C GLY A 399 27.57 58.54 -1.42
N ASP A 400 28.64 57.88 -1.83
CA ASP A 400 29.83 58.65 -2.12
C ASP A 400 29.58 59.59 -3.29
N GLU A 401 29.84 60.88 -3.07
CA GLU A 401 29.63 61.91 -4.08
C GLU A 401 30.44 61.64 -5.36
N LEU A 402 31.52 60.89 -5.23
CA LEU A 402 32.33 60.50 -6.38
C LEU A 402 31.56 59.69 -7.39
N PHE A 403 30.48 59.03 -6.96
CA PHE A 403 29.70 58.15 -7.83
C PHE A 403 28.65 58.85 -8.68
N VAL A 404 28.51 60.15 -8.49
CA VAL A 404 27.63 60.95 -9.32
C VAL A 404 28.32 61.08 -10.68
N ASP A 405 29.53 61.61 -10.63
CA ASP A 405 30.32 61.80 -11.82
C ASP A 405 30.25 60.52 -12.61
N LEU A 406 30.37 59.39 -11.92
CA LEU A 406 30.32 58.12 -12.61
C LEU A 406 29.00 57.95 -13.32
N VAL A 407 27.93 58.37 -12.67
CA VAL A 407 26.57 58.19 -13.19
C VAL A 407 26.28 58.98 -14.46
N ASN A 408 27.07 60.01 -14.73
CA ASN A 408 26.85 60.81 -15.93
C ASN A 408 27.96 60.63 -16.99
N LYS A 409 28.95 59.82 -16.66
CA LYS A 409 30.08 59.53 -17.52
C LYS A 409 30.24 58.03 -17.71
N THR A 410 29.12 57.33 -17.72
CA THR A 410 29.12 55.88 -17.85
C THR A 410 29.34 55.50 -19.30
N PRO A 411 30.34 54.65 -19.53
CA PRO A 411 30.71 54.22 -20.88
C PRO A 411 29.74 53.21 -21.46
N SER A 412 29.78 53.08 -22.77
CA SER A 412 29.00 52.06 -23.44
C SER A 412 29.54 50.73 -22.95
N GLY A 413 28.74 49.67 -23.04
CA GLY A 413 29.18 48.35 -22.62
C GLY A 413 29.08 48.03 -21.12
N LYS A 414 28.43 48.87 -20.34
CA LYS A 414 28.35 48.61 -18.92
C LYS A 414 26.92 48.71 -18.42
N LYS A 415 26.49 47.79 -17.58
CA LYS A 415 25.17 47.88 -16.99
C LYS A 415 25.33 48.60 -15.67
N LEU A 416 24.43 49.53 -15.36
CA LEU A 416 24.47 50.15 -14.04
C LEU A 416 23.36 49.57 -13.20
N VAL A 417 23.65 49.30 -11.94
CA VAL A 417 22.61 48.96 -10.98
C VAL A 417 22.71 49.97 -9.84
N ASP A 418 21.68 50.79 -9.70
CA ASP A 418 21.70 51.85 -8.72
C ASP A 418 20.91 51.51 -7.47
N LEU A 419 21.57 51.46 -6.32
CA LEU A 419 20.89 51.10 -5.08
C LEU A 419 20.64 52.29 -4.11
N VAL A 420 21.09 53.49 -4.47
CA VAL A 420 20.96 54.60 -3.56
C VAL A 420 20.16 55.68 -4.24
N GLY A 421 20.33 55.81 -5.54
CA GLY A 421 19.53 56.77 -6.27
C GLY A 421 20.28 57.87 -6.99
N PHE A 422 21.50 57.60 -7.46
CA PHE A 422 22.18 58.61 -8.26
C PHE A 422 21.50 58.88 -9.58
N MSE A 423 20.88 57.87 -10.20
CA MSE A 423 20.30 58.05 -11.54
C MSE A 423 19.34 59.25 -11.66
O MSE A 423 18.43 59.42 -10.86
CB MSE A 423 19.59 56.77 -12.01
CG MSE A 423 20.56 55.63 -12.27
SE MSE A 423 19.75 53.90 -12.21
CE MSE A 423 18.79 54.17 -13.32
N PRO A 424 19.56 60.09 -12.66
CA PRO A 424 18.63 61.20 -12.94
C PRO A 424 17.22 60.72 -13.31
N HIS A 425 17.09 59.51 -13.85
CA HIS A 425 15.76 59.02 -14.23
C HIS A 425 15.45 57.56 -13.92
N THR A 426 14.43 57.01 -14.58
CA THR A 426 13.95 55.64 -14.29
C THR A 426 14.73 54.54 -15.03
N THR A 427 14.54 53.27 -14.69
CA THR A 427 15.40 52.29 -15.34
C THR A 427 15.24 52.22 -16.84
N THR A 428 16.32 51.80 -17.50
CA THR A 428 16.34 51.56 -18.94
C THR A 428 17.00 50.21 -19.08
N ALA A 429 17.20 49.74 -20.31
CA ALA A 429 17.80 48.42 -20.49
C ALA A 429 19.26 48.40 -20.08
N GLN A 430 19.85 49.58 -19.90
CA GLN A 430 21.27 49.65 -19.54
C GLN A 430 21.56 50.06 -18.10
N ALA A 431 20.67 50.85 -17.51
CA ALA A 431 20.84 51.31 -16.13
C ALA A 431 19.56 50.99 -15.36
N GLU A 432 19.68 50.30 -14.23
CA GLU A 432 18.51 49.94 -13.43
C GLU A 432 18.62 50.34 -11.97
N GLY A 433 17.53 50.90 -11.44
CA GLY A 433 17.46 51.27 -10.05
C GLY A 433 16.63 50.24 -9.31
N ILE A 434 16.91 50.09 -8.02
CA ILE A 434 16.23 49.11 -7.22
C ILE A 434 14.78 49.51 -6.90
N CYS A 435 14.44 50.78 -7.11
CA CYS A 435 13.10 51.26 -6.84
C CYS A 435 12.69 52.33 -7.82
N TRP A 436 13.27 52.29 -9.00
CA TRP A 436 12.92 53.26 -10.02
C TRP A 436 13.37 52.70 -11.35
N MSE B 1 34.78 70.93 33.35
CA MSE B 1 34.65 69.69 34.14
C MSE B 1 35.73 68.70 33.75
O MSE B 1 36.19 68.69 32.60
CB MSE B 1 33.27 69.04 33.95
CG MSE B 1 32.11 69.76 34.60
SE MSE B 1 30.42 68.79 34.46
CE MSE B 1 30.99 67.19 35.14
N ARG B 2 36.14 67.86 34.69
CA ARG B 2 37.05 66.78 34.37
C ARG B 2 36.14 65.61 34.00
N ILE B 3 36.22 65.16 32.76
CA ILE B 3 35.34 64.08 32.30
C ILE B 3 36.10 62.89 31.79
N SER B 4 35.71 61.71 32.26
CA SER B 4 36.29 60.48 31.74
C SER B 4 35.30 59.80 30.80
N ILE B 5 35.84 59.24 29.72
CA ILE B 5 35.02 58.56 28.74
C ILE B 5 35.54 57.15 28.52
N PHE B 6 34.68 56.19 28.83
CA PHE B 6 35.03 54.80 28.68
C PHE B 6 34.47 54.28 27.39
N GLY B 7 35.37 53.90 26.47
CA GLY B 7 34.98 53.38 25.19
C GLY B 7 35.29 54.39 24.11
N LEU B 8 36.50 54.34 23.56
CA LEU B 8 36.90 55.29 22.54
C LEU B 8 36.60 54.81 21.13
N GLY B 9 35.35 54.38 20.92
CA GLY B 9 34.89 53.96 19.61
C GLY B 9 34.40 55.16 18.83
N TYR B 10 33.46 54.93 17.92
CA TYR B 10 32.87 56.02 17.13
C TYR B 10 32.17 57.04 18.03
N VAL B 11 31.34 56.54 18.94
CA VAL B 11 30.60 57.44 19.83
C VAL B 11 31.49 58.09 20.90
N GLY B 12 32.38 57.31 21.48
CA GLY B 12 33.21 57.80 22.57
C GLY B 12 34.31 58.74 22.13
N ALA B 13 34.91 58.47 20.96
CA ALA B 13 35.98 59.33 20.46
C ALA B 13 35.41 60.69 20.07
N VAL B 14 34.25 60.67 19.43
CA VAL B 14 33.58 61.90 19.04
C VAL B 14 33.28 62.70 20.30
N CYS B 15 32.78 62.02 21.32
CA CYS B 15 32.49 62.68 22.57
C CYS B 15 33.76 63.29 23.15
N ALA B 16 34.82 62.49 23.21
CA ALA B 16 36.08 62.96 23.75
C ALA B 16 36.42 64.31 23.14
N GLY B 17 36.42 64.35 21.82
CA GLY B 17 36.78 65.52 21.06
C GLY B 17 35.89 66.72 21.27
N CYS B 18 34.60 66.55 21.02
CA CYS B 18 33.66 67.65 21.19
C CYS B 18 33.70 68.21 22.60
N LEU B 19 33.67 67.32 23.58
CA LEU B 19 33.69 67.74 24.97
C LEU B 19 34.93 68.56 25.26
N SER B 20 36.07 68.09 24.75
CA SER B 20 37.34 68.73 25.01
C SER B 20 37.48 70.01 24.23
N ALA B 21 36.81 70.09 23.08
CA ALA B 21 36.88 71.31 22.28
C ALA B 21 36.13 72.41 23.00
N ARG B 22 35.24 71.99 23.92
CA ARG B 22 34.40 72.91 24.65
C ARG B 22 35.00 73.33 26.00
N GLY B 23 36.28 73.06 26.18
CA GLY B 23 36.95 73.51 27.40
C GLY B 23 37.05 72.55 28.58
N HIS B 24 36.46 71.35 28.46
CA HIS B 24 36.55 70.38 29.56
C HIS B 24 37.86 69.61 29.53
N GLU B 25 38.15 68.91 30.63
CA GLU B 25 39.30 68.02 30.71
C GLU B 25 38.79 66.62 30.41
N VAL B 26 39.34 65.98 29.39
CA VAL B 26 38.87 64.66 29.02
C VAL B 26 39.93 63.57 29.04
N ILE B 27 39.65 62.50 29.77
CA ILE B 27 40.53 61.34 29.81
C ILE B 27 39.86 60.22 29.03
N GLY B 28 40.38 59.94 27.84
CA GLY B 28 39.85 58.87 27.03
C GLY B 28 40.35 57.54 27.56
N VAL B 29 39.45 56.58 27.70
CA VAL B 29 39.85 55.28 28.19
C VAL B 29 39.29 54.20 27.28
N ASP B 30 40.09 53.16 27.06
CA ASP B 30 39.69 52.05 26.21
C ASP B 30 40.58 50.85 26.54
N VAL B 31 40.09 49.65 26.29
CA VAL B 31 40.88 48.45 26.55
C VAL B 31 42.04 48.26 25.58
N SER B 32 41.91 48.80 24.37
CA SER B 32 42.92 48.66 23.32
C SER B 32 44.04 49.67 23.39
N SER B 33 45.25 49.18 23.64
CA SER B 33 46.42 50.04 23.71
C SER B 33 46.71 50.75 22.39
N THR B 34 46.38 50.10 21.27
CA THR B 34 46.61 50.75 19.99
C THR B 34 45.65 51.92 19.81
N LYS B 35 44.50 51.87 20.48
CA LYS B 35 43.54 52.98 20.40
C LYS B 35 44.04 54.17 21.19
N ILE B 36 44.43 53.92 22.42
CA ILE B 36 44.92 54.98 23.29
C ILE B 36 46.09 55.71 22.68
N ASP B 37 46.92 54.99 21.92
CA ASP B 37 48.12 55.57 21.35
C ASP B 37 47.86 56.51 20.18
N LEU B 38 46.89 56.18 19.35
CA LEU B 38 46.53 57.05 18.25
C LEU B 38 45.90 58.31 18.84
N ILE B 39 45.27 58.16 20.00
CA ILE B 39 44.63 59.29 20.65
C ILE B 39 45.66 60.22 21.25
N ASN B 40 46.76 59.67 21.74
CA ASN B 40 47.79 60.48 22.37
C ASN B 40 48.65 61.24 21.35
N GLN B 41 48.59 60.79 20.10
CA GLN B 41 49.28 61.47 19.01
C GLN B 41 48.26 62.35 18.32
N GLY B 42 47.10 62.51 18.97
CA GLY B 42 46.02 63.31 18.43
C GLY B 42 45.40 62.74 17.16
N LYS B 43 45.75 61.51 16.82
CA LYS B 43 45.24 60.87 15.62
C LYS B 43 43.91 60.15 15.86
N SER B 44 43.12 60.01 14.81
CA SER B 44 41.79 59.40 14.89
C SER B 44 41.80 57.92 14.47
N PRO B 45 41.21 57.07 15.30
CA PRO B 45 41.21 55.63 15.02
C PRO B 45 40.24 55.32 13.88
N ILE B 46 39.28 56.23 13.66
CA ILE B 46 38.24 56.00 12.67
C ILE B 46 38.23 57.07 11.60
N VAL B 47 37.48 56.81 10.52
CA VAL B 47 37.33 57.78 9.45
C VAL B 47 36.01 58.48 9.70
N GLU B 48 36.11 59.72 10.15
CA GLU B 48 34.97 60.52 10.57
C GLU B 48 35.35 61.97 10.36
N PRO B 49 34.60 62.65 9.50
CA PRO B 49 34.90 64.03 9.14
C PRO B 49 35.18 64.93 10.35
N GLY B 50 36.33 65.61 10.33
CA GLY B 50 36.71 66.56 11.36
C GLY B 50 37.07 66.05 12.75
N LEU B 51 37.10 64.73 12.93
CA LEU B 51 37.42 64.17 14.24
C LEU B 51 38.91 64.30 14.56
N GLU B 52 39.77 63.96 13.59
CA GLU B 52 41.21 64.10 13.81
C GLU B 52 41.55 65.51 14.31
N ALA B 53 41.17 66.52 13.53
CA ALA B 53 41.41 67.89 13.91
C ALA B 53 40.95 68.17 15.34
N LEU B 54 39.81 67.61 15.74
CA LEU B 54 39.36 67.84 17.10
C LEU B 54 40.29 67.16 18.09
N LEU B 55 40.74 65.96 17.73
CA LEU B 55 41.58 65.17 18.62
C LEU B 55 42.98 65.79 18.83
N GLN B 56 43.53 66.41 17.79
CA GLN B 56 44.82 67.06 17.92
C GLN B 56 44.69 68.31 18.76
N GLN B 57 43.62 69.06 18.56
CA GLN B 57 43.39 70.26 19.35
C GLN B 57 43.32 69.81 20.79
N GLY B 58 42.62 68.72 21.02
CA GLY B 58 42.48 68.16 22.34
C GLY B 58 43.82 67.89 23.00
N ARG B 59 44.79 67.44 22.20
CA ARG B 59 46.12 67.15 22.72
C ARG B 59 46.91 68.44 22.93
N GLN B 60 46.86 69.31 21.92
CA GLN B 60 47.64 70.54 21.90
C GLN B 60 47.32 71.56 22.99
N THR B 61 46.18 71.39 23.64
CA THR B 61 45.82 72.26 24.74
C THR B 61 45.93 71.48 26.05
N GLY B 62 46.40 70.24 25.93
CA GLY B 62 46.57 69.37 27.07
C GLY B 62 45.27 69.08 27.81
N ARG B 63 44.14 69.36 27.15
CA ARG B 63 42.84 69.13 27.74
C ARG B 63 42.28 67.74 27.46
N LEU B 64 42.98 66.97 26.61
CA LEU B 64 42.55 65.62 26.26
C LEU B 64 43.72 64.65 26.25
N SER B 65 43.59 63.55 26.99
CA SER B 65 44.62 62.53 27.01
C SER B 65 43.98 61.14 27.03
N GLY B 66 44.79 60.09 27.11
CA GLY B 66 44.27 58.73 27.14
C GLY B 66 45.05 57.76 28.02
N THR B 67 44.38 56.70 28.46
CA THR B 67 45.02 55.67 29.27
C THR B 67 44.19 54.42 29.37
N THR B 68 44.79 53.36 29.91
CA THR B 68 44.07 52.12 30.13
C THR B 68 43.92 51.90 31.63
N ASP B 69 44.42 52.86 32.40
CA ASP B 69 44.34 52.80 33.86
C ASP B 69 42.98 53.33 34.34
N PHE B 70 41.96 52.51 34.16
CA PHE B 70 40.61 52.84 34.57
C PHE B 70 40.60 53.58 35.90
N LYS B 71 41.14 52.93 36.93
CA LYS B 71 41.17 53.49 38.28
C LYS B 71 41.68 54.92 38.33
N LYS B 72 42.72 55.21 37.55
CA LYS B 72 43.31 56.53 37.50
C LYS B 72 42.32 57.52 36.90
N ALA B 73 41.66 57.09 35.83
CA ALA B 73 40.70 57.92 35.11
C ALA B 73 39.54 58.37 35.99
N VAL B 74 39.06 57.46 36.81
CA VAL B 74 37.95 57.76 37.70
C VAL B 74 38.47 58.64 38.84
N LEU B 75 39.70 58.35 39.25
CA LEU B 75 40.33 59.09 40.33
C LEU B 75 40.68 60.51 39.93
N ASP B 76 40.87 60.75 38.64
CA ASP B 76 41.21 62.10 38.23
C ASP B 76 40.15 62.82 37.41
N SER B 77 38.90 62.41 37.65
CA SER B 77 37.73 63.02 37.01
C SER B 77 36.56 63.01 37.96
N ASP B 78 35.57 63.85 37.70
CA ASP B 78 34.39 63.94 38.56
C ASP B 78 33.22 63.18 37.96
N VAL B 79 33.24 63.01 36.64
CA VAL B 79 32.16 62.33 35.94
C VAL B 79 32.65 61.43 34.79
N SER B 80 32.00 60.28 34.66
CA SER B 80 32.36 59.35 33.62
C SER B 80 31.19 59.12 32.68
N PHE B 81 31.48 58.98 31.41
CA PHE B 81 30.47 58.63 30.43
C PHE B 81 30.79 57.22 29.96
N ILE B 82 29.80 56.34 30.02
CA ILE B 82 30.01 54.97 29.58
C ILE B 82 29.61 54.83 28.12
N CYS B 83 30.58 54.51 27.28
CA CYS B 83 30.34 54.40 25.85
C CYS B 83 30.81 53.06 25.28
N VAL B 84 30.97 52.03 26.11
CA VAL B 84 31.43 50.76 25.57
C VAL B 84 30.34 50.13 24.68
N GLY B 85 30.76 49.39 23.68
CA GLY B 85 29.81 48.78 22.79
C GLY B 85 28.99 47.71 23.46
N THR B 86 27.82 47.47 22.89
CA THR B 86 26.92 46.43 23.34
C THR B 86 26.57 45.64 22.09
N PRO B 87 27.25 44.52 21.90
CA PRO B 87 27.09 43.68 20.72
C PRO B 87 25.94 42.71 20.86
N SER B 88 25.52 42.11 19.74
CA SER B 88 24.42 41.18 19.78
C SER B 88 24.92 39.80 20.15
N LYS B 89 24.13 39.04 20.91
CA LYS B 89 24.44 37.65 21.18
C LYS B 89 23.74 36.88 20.05
N LYS B 90 24.15 35.63 19.82
CA LYS B 90 23.59 34.84 18.74
C LYS B 90 22.07 34.87 18.68
N ASN B 91 21.43 35.10 19.82
CA ASN B 91 19.98 35.07 19.90
C ASN B 91 19.29 36.43 19.77
N GLY B 92 20.04 37.47 19.47
CA GLY B 92 19.43 38.78 19.30
C GLY B 92 19.47 39.66 20.54
N ASP B 93 19.54 39.03 21.71
CA ASP B 93 19.64 39.78 22.96
C ASP B 93 20.97 40.53 23.05
N LEU B 94 21.04 41.45 24.00
CA LEU B 94 22.20 42.29 24.16
C LEU B 94 23.27 41.62 25.00
N ASP B 95 24.52 41.90 24.70
CA ASP B 95 25.65 41.34 25.43
C ASP B 95 26.19 42.40 26.38
N LEU B 96 25.82 42.33 27.65
CA LEU B 96 26.27 43.33 28.62
C LEU B 96 27.67 43.03 29.13
N GLY B 97 28.38 42.15 28.44
CA GLY B 97 29.72 41.78 28.86
C GLY B 97 30.58 43.01 29.10
N TYR B 98 30.73 43.83 28.07
CA TYR B 98 31.55 45.03 28.19
C TYR B 98 31.02 46.03 29.21
N ILE B 99 29.71 46.23 29.21
CA ILE B 99 29.10 47.16 30.15
C ILE B 99 29.45 46.73 31.56
N GLU B 100 29.15 45.48 31.86
CA GLU B 100 29.43 44.91 33.17
C GLU B 100 30.89 45.12 33.58
N THR B 101 31.81 44.71 32.71
CA THR B 101 33.23 44.92 33.00
C THR B 101 33.48 46.35 33.46
N VAL B 102 33.11 47.33 32.63
CA VAL B 102 33.35 48.73 32.93
C VAL B 102 32.64 49.18 34.21
N CYS B 103 31.55 48.51 34.56
CA CYS B 103 30.85 48.87 35.78
C CYS B 103 31.66 48.41 37.00
N ARG B 104 32.20 47.20 36.92
CA ARG B 104 32.99 46.65 38.02
C ARG B 104 34.17 47.52 38.39
N GLU B 105 34.95 47.88 37.38
CA GLU B 105 36.13 48.71 37.58
C GLU B 105 35.79 50.03 38.25
N ILE B 106 34.82 50.76 37.69
CA ILE B 106 34.40 52.04 38.25
C ILE B 106 34.07 51.90 39.73
N GLY B 107 33.16 50.99 40.04
CA GLY B 107 32.79 50.74 41.41
C GLY B 107 34.01 50.60 42.31
N PHE B 108 34.98 49.79 41.86
CA PHE B 108 36.22 49.60 42.60
C PHE B 108 36.98 50.91 42.74
N ALA B 109 36.86 51.77 41.74
CA ALA B 109 37.55 53.06 41.75
C ALA B 109 36.91 54.08 42.68
N ILE B 110 35.59 54.17 42.65
CA ILE B 110 34.91 55.16 43.48
C ILE B 110 34.92 54.76 44.95
N ARG B 111 35.23 53.50 45.23
CA ARG B 111 35.30 53.05 46.62
C ARG B 111 36.44 53.79 47.30
N GLU B 112 37.64 53.61 46.76
CA GLU B 112 38.83 54.27 47.28
C GLU B 112 38.75 55.78 47.18
N LYS B 113 37.75 56.28 46.44
CA LYS B 113 37.59 57.71 46.21
C LYS B 113 36.60 58.28 47.21
N SER B 114 36.95 59.41 47.81
CA SER B 114 36.10 60.04 48.82
C SER B 114 34.94 60.84 48.22
N GLU B 115 35.25 61.74 47.30
CA GLU B 115 34.24 62.62 46.73
C GLU B 115 33.38 61.99 45.62
N ARG B 116 32.14 62.46 45.58
CA ARG B 116 31.12 62.03 44.64
C ARG B 116 31.59 61.99 43.19
N HIS B 117 31.58 60.81 42.60
CA HIS B 117 31.88 60.66 41.20
C HIS B 117 30.54 60.45 40.50
N THR B 118 30.39 60.97 39.29
CA THR B 118 29.13 60.83 38.59
C THR B 118 29.21 59.94 37.35
N VAL B 119 28.35 58.93 37.31
CA VAL B 119 28.36 57.98 36.21
C VAL B 119 27.19 58.16 35.24
N VAL B 120 27.52 58.33 33.98
CA VAL B 120 26.50 58.44 32.95
C VAL B 120 26.70 57.35 31.92
N VAL B 121 25.59 56.72 31.56
CA VAL B 121 25.60 55.67 30.54
C VAL B 121 25.14 56.27 29.22
N ARG B 122 25.98 56.18 28.20
CA ARG B 122 25.59 56.66 26.89
C ARG B 122 25.35 55.48 25.99
N SER B 123 25.88 54.33 26.38
CA SER B 123 25.67 53.14 25.58
C SER B 123 24.20 52.80 25.55
N THR B 124 23.74 52.33 24.40
CA THR B 124 22.35 51.97 24.22
C THR B 124 22.03 50.66 24.88
N VAL B 125 21.15 50.69 25.87
CA VAL B 125 20.80 49.46 26.58
C VAL B 125 19.31 49.35 26.76
N LEU B 126 18.79 48.12 26.88
CA LEU B 126 17.34 47.92 27.04
C LEU B 126 16.81 48.57 28.31
N PRO B 127 15.52 48.84 28.33
CA PRO B 127 14.86 49.42 29.52
C PRO B 127 15.09 48.53 30.75
N GLY B 128 15.55 49.13 31.85
CA GLY B 128 15.81 48.39 33.07
C GLY B 128 17.25 47.94 33.28
N THR B 129 18.08 48.03 32.24
CA THR B 129 19.47 47.63 32.39
C THR B 129 20.11 48.35 33.58
N VAL B 130 20.03 49.67 33.57
CA VAL B 130 20.66 50.50 34.60
C VAL B 130 20.18 50.23 36.01
N ASN B 131 18.90 49.96 36.16
CA ASN B 131 18.37 49.70 37.47
C ASN B 131 18.75 48.30 37.96
N ASN B 132 18.82 47.36 37.03
CA ASN B 132 19.05 45.98 37.43
C ASN B 132 20.40 45.41 37.05
N VAL B 133 21.31 46.26 36.59
CA VAL B 133 22.64 45.76 36.23
C VAL B 133 23.73 46.75 36.56
N VAL B 134 23.59 47.98 36.10
CA VAL B 134 24.61 49.00 36.33
C VAL B 134 24.67 49.38 37.79
N ILE B 135 23.56 49.85 38.33
CA ILE B 135 23.49 50.28 39.71
C ILE B 135 23.95 49.20 40.70
N PRO B 136 23.41 48.00 40.59
CA PRO B 136 23.76 46.89 41.49
C PRO B 136 25.25 46.51 41.45
N LEU B 137 25.84 46.46 40.26
CA LEU B 137 27.24 46.07 40.15
C LEU B 137 28.14 47.14 40.73
N ILE B 138 27.74 48.40 40.62
CA ILE B 138 28.55 49.50 41.12
C ILE B 138 28.36 49.64 42.63
N GLU B 139 27.13 49.51 43.09
CA GLU B 139 26.85 49.55 44.51
C GLU B 139 27.74 48.50 45.16
N ASP B 140 27.60 47.27 44.67
CA ASP B 140 28.36 46.14 45.19
C ASP B 140 29.85 46.42 45.26
N CYS B 141 30.45 46.76 44.12
CA CYS B 141 31.89 46.97 44.05
C CYS B 141 32.36 48.17 44.84
N SER B 142 31.48 49.12 45.08
CA SER B 142 31.88 50.36 45.75
C SER B 142 31.49 50.42 47.23
N GLY B 143 30.50 49.64 47.63
CA GLY B 143 30.03 49.65 49.00
C GLY B 143 29.17 50.87 49.21
N LYS B 144 29.18 51.75 48.23
CA LYS B 144 28.40 52.96 48.29
C LYS B 144 27.04 52.73 47.64
N LYS B 145 26.03 53.48 48.04
CA LYS B 145 24.68 53.31 47.50
C LYS B 145 24.40 54.27 46.35
N ALA B 146 23.90 53.73 45.24
CA ALA B 146 23.59 54.53 44.06
C ALA B 146 22.62 55.66 44.40
N GLY B 147 22.98 56.88 44.05
CA GLY B 147 22.09 58.01 44.28
C GLY B 147 22.66 58.98 45.29
N VAL B 148 22.80 58.52 46.52
CA VAL B 148 23.31 59.35 47.60
C VAL B 148 24.83 59.49 47.57
N ASP B 149 25.56 58.39 47.33
CA ASP B 149 27.03 58.44 47.34
C ASP B 149 27.66 58.79 45.99
N PHE B 150 27.13 58.25 44.91
CA PHE B 150 27.65 58.57 43.60
C PHE B 150 26.47 58.80 42.70
N GLY B 151 26.61 59.72 41.76
CA GLY B 151 25.54 60.04 40.85
C GLY B 151 25.42 59.02 39.72
N VAL B 152 24.19 58.78 39.30
CA VAL B 152 23.93 57.88 38.20
C VAL B 152 22.91 58.47 37.28
N GLY B 153 23.07 58.21 35.99
CA GLY B 153 22.13 58.72 35.04
C GLY B 153 22.37 58.13 33.67
N THR B 154 21.34 58.21 32.85
CA THR B 154 21.39 57.72 31.49
C THR B 154 21.34 58.92 30.58
N ASN B 155 22.04 58.84 29.46
CA ASN B 155 22.09 59.96 28.53
C ASN B 155 22.40 59.49 27.12
N PRO B 156 21.36 59.07 26.42
CA PRO B 156 21.50 58.54 25.06
C PRO B 156 22.11 59.51 24.08
N GLU B 157 22.39 58.99 22.90
CA GLU B 157 23.00 59.76 21.85
C GLU B 157 22.29 59.42 20.56
N PHE B 158 22.28 60.38 19.65
CA PHE B 158 21.59 60.18 18.39
C PHE B 158 22.55 60.50 17.27
N LEU B 159 23.85 60.50 17.57
CA LEU B 159 24.83 60.82 16.55
C LEU B 159 24.78 59.76 15.46
N ARG B 160 24.97 60.18 14.22
CA ARG B 160 24.99 59.26 13.09
C ARG B 160 26.38 59.29 12.55
N GLU B 161 26.99 58.12 12.37
CA GLU B 161 28.33 58.10 11.78
C GLU B 161 28.38 58.90 10.45
N SER B 162 29.53 59.52 10.22
CA SER B 162 29.80 60.31 9.03
C SER B 162 29.36 61.76 9.19
N THR B 163 28.45 62.02 10.13
CA THR B 163 28.06 63.38 10.49
C THR B 163 28.08 63.51 12.01
N ALA B 164 28.77 62.59 12.66
CA ALA B 164 28.92 62.57 14.12
C ALA B 164 29.14 63.95 14.75
N ILE B 165 30.14 64.67 14.27
CA ILE B 165 30.42 65.96 14.85
C ILE B 165 29.28 66.94 14.65
N LYS B 166 28.80 67.07 13.41
CA LYS B 166 27.69 67.98 13.14
C LYS B 166 26.53 67.60 14.04
N ASP B 167 26.29 66.29 14.15
CA ASP B 167 25.17 65.78 14.95
C ASP B 167 25.35 66.10 16.43
N TYR B 168 26.60 66.15 16.89
CA TYR B 168 26.85 66.45 18.30
C TYR B 168 26.61 67.94 18.57
N ASP B 169 27.12 68.78 17.67
CA ASP B 169 27.00 70.23 17.76
C ASP B 169 25.58 70.71 17.50
N PHE B 170 24.80 69.90 16.78
CA PHE B 170 23.46 70.30 16.42
C PHE B 170 22.50 69.13 16.48
N PRO B 171 22.19 68.67 17.68
CA PRO B 171 21.36 67.48 17.85
C PRO B 171 19.88 67.78 17.78
N PRO B 172 19.08 66.74 17.57
CA PRO B 172 17.63 66.87 17.50
C PRO B 172 17.12 67.30 18.85
N MSE B 173 17.81 66.79 19.87
CA MSE B 173 17.41 67.06 21.24
C MSE B 173 18.39 66.34 22.15
O MSE B 173 19.12 65.46 21.68
CB MSE B 173 16.01 66.51 21.47
CG MSE B 173 15.81 65.13 20.95
SE MSE B 173 13.99 64.48 21.12
CE MSE B 173 14.47 62.89 21.06
N THR B 174 18.41 66.74 23.41
CA THR B 174 19.22 66.09 24.42
C THR B 174 18.27 65.33 25.36
N VAL B 175 18.50 64.04 25.53
CA VAL B 175 17.66 63.26 26.40
C VAL B 175 18.40 62.83 27.66
N ILE B 176 17.90 63.24 28.82
CA ILE B 176 18.51 62.87 30.08
C ILE B 176 17.62 61.91 30.89
N GLY B 177 18.19 60.78 31.25
CA GLY B 177 17.51 59.84 32.12
C GLY B 177 18.10 60.09 33.48
N GLU B 178 17.31 60.63 34.41
CA GLU B 178 17.85 60.97 35.71
C GLU B 178 17.33 60.11 36.86
N LEU B 179 18.20 59.85 37.82
CA LEU B 179 17.81 59.18 39.05
C LEU B 179 17.81 60.23 40.16
N ASP B 180 18.98 60.84 40.39
CA ASP B 180 19.18 61.87 41.39
C ASP B 180 19.36 63.23 40.73
N LYS B 181 18.55 64.21 41.13
CA LYS B 181 18.59 65.54 40.53
C LYS B 181 20.01 66.02 40.25
N GLN B 182 20.92 65.73 41.18
CA GLN B 182 22.29 66.21 41.07
C GLN B 182 22.92 65.88 39.72
N THR B 183 22.77 64.63 39.28
CA THR B 183 23.36 64.21 38.00
C THR B 183 22.61 64.82 36.83
N GLY B 184 21.30 64.94 36.98
CA GLY B 184 20.46 65.58 35.99
C GLY B 184 20.87 67.03 35.77
N ASP B 185 21.21 67.73 36.85
CA ASP B 185 21.66 69.12 36.72
C ASP B 185 23.04 69.18 36.07
N LEU B 186 23.89 68.24 36.45
CA LEU B 186 25.22 68.14 35.91
C LEU B 186 25.15 68.04 34.37
N LEU B 187 24.38 67.08 33.87
CA LEU B 187 24.20 66.94 32.44
C LEU B 187 23.65 68.21 31.79
N GLU B 188 22.63 68.81 32.39
CA GLU B 188 22.07 70.03 31.81
C GLU B 188 23.07 71.21 31.70
N GLU B 189 23.97 71.32 32.67
CA GLU B 189 24.97 72.37 32.62
C GLU B 189 25.89 72.13 31.45
N ILE B 190 26.06 70.86 31.09
CA ILE B 190 26.95 70.50 29.99
C ILE B 190 26.32 70.83 28.66
N TYR B 191 25.05 70.45 28.50
CA TYR B 191 24.39 70.63 27.22
C TYR B 191 23.66 71.96 27.08
N ARG B 192 23.80 72.82 28.08
CA ARG B 192 23.16 74.13 28.09
C ARG B 192 23.32 74.93 26.77
N GLU B 193 24.52 74.90 26.21
CA GLU B 193 24.79 75.70 25.02
C GLU B 193 24.33 75.07 23.70
N LEU B 194 23.73 73.88 23.77
CA LEU B 194 23.22 73.22 22.58
C LEU B 194 21.85 73.77 22.15
N ASP B 195 21.72 74.12 20.88
CA ASP B 195 20.47 74.71 20.40
C ASP B 195 19.39 73.67 20.18
N ALA B 196 18.97 73.04 21.28
CA ALA B 196 17.93 72.04 21.18
C ALA B 196 17.24 71.81 22.51
N PRO B 197 16.05 71.25 22.48
CA PRO B 197 15.31 71.02 23.73
C PRO B 197 16.07 70.02 24.56
N ILE B 198 15.99 70.15 25.88
CA ILE B 198 16.58 69.19 26.79
C ILE B 198 15.42 68.46 27.38
N ILE B 199 15.45 67.12 27.35
CA ILE B 199 14.34 66.32 27.87
C ILE B 199 14.83 65.47 29.04
N ARG B 200 14.22 65.69 30.20
CA ARG B 200 14.59 64.97 31.42
C ARG B 200 13.50 63.99 31.79
N LYS B 201 13.88 62.73 32.01
CA LYS B 201 12.94 61.66 32.29
C LYS B 201 13.55 60.60 33.20
N THR B 202 12.74 59.63 33.60
CA THR B 202 13.27 58.57 34.44
C THR B 202 14.14 57.71 33.57
N VAL B 203 15.18 57.13 34.16
CA VAL B 203 16.09 56.24 33.46
C VAL B 203 15.36 55.29 32.50
N GLU B 204 14.43 54.52 33.05
CA GLU B 204 13.70 53.55 32.23
C GLU B 204 13.10 54.19 30.97
N VAL B 205 12.52 55.39 31.11
CA VAL B 205 11.91 56.04 29.94
C VAL B 205 12.92 56.44 28.85
N ALA B 206 14.06 56.99 29.26
CA ALA B 206 15.08 57.40 28.33
C ALA B 206 15.66 56.21 27.59
N GLU B 207 15.79 55.09 28.31
CA GLU B 207 16.31 53.87 27.73
C GLU B 207 15.34 53.47 26.65
N MSE B 208 14.06 53.42 26.99
CA MSE B 208 13.05 53.08 25.99
C MSE B 208 12.96 54.17 24.90
O MSE B 208 12.57 53.90 23.76
CB MSE B 208 11.68 52.84 26.64
CG MSE B 208 10.61 52.28 25.72
SE MSE B 208 10.77 50.45 25.16
CE MSE B 208 9.32 50.43 23.93
N ILE B 209 13.36 55.40 25.23
CA ILE B 209 13.28 56.49 24.27
C ILE B 209 14.27 56.25 23.14
N LYS B 210 15.53 56.02 23.49
CA LYS B 210 16.56 55.80 22.47
C LYS B 210 16.23 54.62 21.55
N TYR B 211 15.79 53.52 22.13
CA TYR B 211 15.41 52.33 21.37
C TYR B 211 14.32 52.62 20.36
N THR B 212 13.28 53.30 20.81
CA THR B 212 12.16 53.59 19.93
C THR B 212 12.65 54.38 18.74
N CYS B 213 13.56 55.32 18.98
CA CYS B 213 14.10 56.13 17.91
C CYS B 213 14.84 55.28 16.89
N ASN B 214 15.63 54.31 17.37
CA ASN B 214 16.40 53.51 16.43
C ASN B 214 15.51 52.58 15.60
N VAL B 215 14.55 51.92 16.24
CA VAL B 215 13.66 51.04 15.50
C VAL B 215 12.71 51.84 14.60
N TRP B 216 12.51 53.11 14.92
CA TRP B 216 11.64 53.95 14.10
C TRP B 216 12.37 54.31 12.81
N HIS B 217 13.67 54.59 12.90
CA HIS B 217 14.45 54.88 11.71
C HIS B 217 14.45 53.65 10.81
N ALA B 218 14.67 52.51 11.45
CA ALA B 218 14.73 51.27 10.73
C ALA B 218 13.38 50.99 10.09
N ALA B 219 12.32 51.53 10.66
CA ALA B 219 11.01 51.29 10.06
C ALA B 219 10.77 52.24 8.89
N LYS B 220 11.37 53.42 8.95
CA LYS B 220 11.19 54.40 7.90
C LYS B 220 11.87 53.86 6.66
N VAL B 221 13.13 53.51 6.79
CA VAL B 221 13.87 52.95 5.68
C VAL B 221 13.07 51.77 5.14
N THR B 222 12.54 50.96 6.04
CA THR B 222 11.81 49.78 5.64
C THR B 222 10.57 50.14 4.87
N PHE B 223 9.82 51.10 5.36
CA PHE B 223 8.60 51.48 4.65
C PHE B 223 8.96 52.01 3.29
N ALA B 224 9.93 52.91 3.27
CA ALA B 224 10.36 53.53 2.04
C ALA B 224 10.84 52.52 1.02
N ASN B 225 11.54 51.48 1.45
CA ASN B 225 12.05 50.52 0.49
C ASN B 225 10.93 49.70 -0.07
N GLU B 226 10.03 49.24 0.82
CA GLU B 226 8.93 48.42 0.40
C GLU B 226 7.98 49.23 -0.43
N ILE B 227 7.84 50.53 -0.19
CA ILE B 227 6.98 51.31 -1.09
C ILE B 227 7.63 51.50 -2.46
N GLY B 228 8.92 51.79 -2.46
CA GLY B 228 9.64 51.98 -3.70
C GLY B 228 9.60 50.73 -4.56
N ASN B 229 9.72 49.56 -3.92
CA ASN B 229 9.67 48.32 -4.65
C ASN B 229 8.34 48.23 -5.39
N ILE B 230 7.25 48.44 -4.66
CA ILE B 230 5.94 48.38 -5.29
C ILE B 230 5.88 49.47 -6.36
N ALA B 231 6.35 50.66 -6.00
CA ALA B 231 6.35 51.75 -6.98
C ALA B 231 6.98 51.28 -8.29
N LYS B 232 8.20 50.77 -8.22
CA LYS B 232 8.91 50.31 -9.41
C LYS B 232 8.16 49.20 -10.16
N ALA B 233 7.52 48.29 -9.45
CA ALA B 233 6.83 47.20 -10.14
C ALA B 233 5.58 47.69 -10.86
N VAL B 234 5.11 48.88 -10.49
CA VAL B 234 3.89 49.41 -11.07
C VAL B 234 4.18 50.45 -12.16
N GLY B 235 5.46 50.66 -12.43
CA GLY B 235 5.87 51.56 -13.49
C GLY B 235 6.30 52.95 -13.12
N VAL B 236 6.30 53.30 -11.84
CA VAL B 236 6.73 54.64 -11.50
C VAL B 236 7.93 54.66 -10.58
N ASP B 237 8.51 55.84 -10.42
CA ASP B 237 9.69 56.03 -9.59
C ASP B 237 9.32 56.18 -8.12
N GLY B 238 9.73 55.22 -7.30
CA GLY B 238 9.44 55.27 -5.89
C GLY B 238 9.98 56.51 -5.21
N ARG B 239 10.89 57.19 -5.88
CA ARG B 239 11.50 58.36 -5.29
C ARG B 239 10.61 59.58 -5.47
N GLU B 240 10.07 59.70 -6.67
CA GLU B 240 9.15 60.77 -6.96
C GLU B 240 8.01 60.60 -5.97
N VAL B 241 7.59 59.35 -5.75
CA VAL B 241 6.51 59.11 -4.80
C VAL B 241 6.89 59.49 -3.39
N MSE B 242 8.09 59.13 -2.95
CA MSE B 242 8.44 59.43 -1.57
C MSE B 242 8.75 60.91 -1.33
O MSE B 242 8.50 61.41 -0.23
CB MSE B 242 9.49 58.45 -1.00
CG MSE B 242 9.01 56.96 -0.89
SE MSE B 242 7.54 56.53 0.31
CE MSE B 242 8.19 57.41 1.75
N ASP B 243 9.23 61.64 -2.35
CA ASP B 243 9.43 63.08 -2.18
C ASP B 243 8.07 63.72 -1.86
N VAL B 244 7.04 63.42 -2.64
CA VAL B 244 5.74 64.05 -2.39
C VAL B 244 5.19 63.73 -1.00
N ILE B 245 5.32 62.48 -0.59
CA ILE B 245 4.85 62.05 0.72
C ILE B 245 5.50 62.95 1.77
N CYS B 246 6.77 63.27 1.54
CA CYS B 246 7.55 64.07 2.47
C CYS B 246 7.32 65.56 2.33
N GLN B 247 6.37 65.93 1.49
CA GLN B 247 6.05 67.33 1.35
C GLN B 247 4.86 67.66 2.22
N ASP B 248 4.33 66.66 2.93
CA ASP B 248 3.19 66.83 3.83
C ASP B 248 3.56 66.81 5.30
N HIS B 249 3.58 67.97 5.93
CA HIS B 249 3.95 68.06 7.35
C HIS B 249 2.74 68.13 8.26
N LYS B 250 1.55 67.92 7.70
CA LYS B 250 0.35 67.95 8.53
C LYS B 250 -0.04 66.54 8.96
N LEU B 251 -0.02 65.61 8.01
CA LEU B 251 -0.34 64.23 8.30
C LEU B 251 0.89 63.33 8.21
N ASN B 252 1.53 63.27 7.07
CA ASN B 252 2.68 62.38 6.92
C ASN B 252 3.82 62.54 7.93
N LEU B 253 4.47 63.70 7.92
CA LEU B 253 5.62 63.97 8.78
C LEU B 253 5.26 64.86 9.93
N SER B 254 4.35 64.41 10.77
CA SER B 254 3.91 65.17 11.91
C SER B 254 3.61 64.18 13.03
N ARG B 255 3.13 64.68 14.16
CA ARG B 255 2.85 63.80 15.29
C ARG B 255 1.52 63.04 15.18
N TYR B 256 0.67 63.45 14.24
CA TYR B 256 -0.59 62.75 14.10
C TYR B 256 -0.34 61.29 13.76
N TYR B 257 -1.21 60.42 14.26
CA TYR B 257 -1.17 58.99 13.97
C TYR B 257 -0.12 58.30 14.84
N MSE B 258 0.46 59.03 15.79
CA MSE B 258 1.57 58.48 16.59
C MSE B 258 1.24 58.25 18.05
O MSE B 258 2.15 58.04 18.86
CB MSE B 258 2.81 59.36 16.45
CG MSE B 258 3.35 59.47 15.00
SE MSE B 258 4.74 58.18 14.64
CE MSE B 258 3.80 57.00 14.02
N ARG B 259 -0.05 58.30 18.40
CA ARG B 259 -0.46 58.02 19.77
C ARG B 259 -0.72 56.53 19.91
N PRO B 260 0.02 55.87 20.81
CA PRO B 260 -0.20 54.46 21.10
C PRO B 260 -1.63 54.33 21.58
N GLY B 261 -2.30 53.27 21.18
CA GLY B 261 -3.70 53.09 21.51
C GLY B 261 -4.36 51.94 20.77
N PHE B 262 -5.47 52.22 20.10
CA PHE B 262 -6.26 51.17 19.50
C PHE B 262 -6.00 51.00 18.01
N ALA B 263 -6.37 49.84 17.51
CA ALA B 263 -6.23 49.54 16.09
C ALA B 263 -6.90 50.65 15.27
N PHE B 264 -6.48 50.81 14.02
CA PHE B 264 -7.12 51.77 13.14
C PHE B 264 -8.28 51.09 12.45
N GLY B 265 -9.20 51.90 11.95
CA GLY B 265 -10.37 51.41 11.26
C GLY B 265 -10.85 52.48 10.32
N GLY B 266 -12.11 52.43 9.94
CA GLY B 266 -12.60 53.39 8.98
C GLY B 266 -12.68 52.76 7.60
N SER B 267 -13.22 53.48 6.64
CA SER B 267 -13.40 52.91 5.33
C SER B 267 -12.27 53.25 4.38
N CYS B 268 -11.10 53.56 4.91
CA CYS B 268 -10.00 53.90 4.02
C CYS B 268 -8.69 53.20 4.36
N LEU B 269 -8.16 53.45 5.56
CA LEU B 269 -6.92 52.83 5.98
C LEU B 269 -6.89 51.32 5.73
N PRO B 270 -7.78 50.56 6.36
CA PRO B 270 -7.74 49.10 6.24
C PRO B 270 -7.97 48.71 4.80
N LYS B 271 -8.92 49.35 4.14
CA LYS B 271 -9.22 48.98 2.78
C LYS B 271 -8.00 49.23 1.92
N ASP B 272 -7.30 50.31 2.18
CA ASP B 272 -6.13 50.61 1.37
C ASP B 272 -4.89 49.77 1.73
N VAL B 273 -4.76 49.38 2.98
CA VAL B 273 -3.67 48.52 3.33
C VAL B 273 -3.83 47.23 2.52
N ARG B 274 -5.07 46.73 2.45
CA ARG B 274 -5.36 45.46 1.79
C ARG B 274 -5.21 45.49 0.27
N ALA B 275 -5.60 46.61 -0.34
CA ALA B 275 -5.53 46.76 -1.78
C ALA B 275 -4.08 46.81 -2.27
N LEU B 276 -3.27 47.67 -1.67
CA LEU B 276 -1.87 47.79 -2.09
C LEU B 276 -1.13 46.48 -1.93
N THR B 277 -1.27 45.84 -0.78
CA THR B 277 -0.61 44.55 -0.57
C THR B 277 -1.14 43.55 -1.58
N TYR B 278 -2.44 43.65 -1.88
CA TYR B 278 -3.00 42.72 -2.82
C TYR B 278 -2.30 42.90 -4.16
N ARG B 279 -2.21 44.15 -4.61
CA ARG B 279 -1.56 44.45 -5.87
C ARG B 279 -0.14 43.93 -5.75
N ALA B 280 0.55 44.37 -4.72
CA ALA B 280 1.93 43.94 -4.47
C ALA B 280 2.09 42.45 -4.70
N SER B 281 1.12 41.67 -4.21
CA SER B 281 1.15 40.22 -4.38
C SER B 281 0.96 39.81 -5.83
N GLN B 282 0.01 40.42 -6.52
CA GLN B 282 -0.22 40.15 -7.94
C GLN B 282 1.05 40.34 -8.77
N LEU B 283 1.93 41.24 -8.30
CA LEU B 283 3.13 41.58 -9.04
C LEU B 283 4.38 40.87 -8.58
N ASP B 284 4.22 39.89 -7.70
CA ASP B 284 5.34 39.15 -7.13
C ASP B 284 6.29 40.03 -6.33
N VAL B 285 5.76 40.99 -5.60
CA VAL B 285 6.58 41.89 -4.80
C VAL B 285 6.41 41.61 -3.31
N GLU B 286 7.41 41.00 -2.71
CA GLU B 286 7.36 40.64 -1.30
C GLU B 286 7.39 41.92 -0.48
N HIS B 287 6.66 41.94 0.62
CA HIS B 287 6.52 43.13 1.44
C HIS B 287 6.20 42.73 2.88
N PRO B 288 7.17 42.19 3.58
CA PRO B 288 6.90 41.68 4.92
C PRO B 288 6.35 42.77 5.82
N MSE B 289 6.90 43.98 5.80
CA MSE B 289 6.33 44.99 6.68
C MSE B 289 4.90 45.32 6.28
O MSE B 289 3.96 45.02 7.04
CB MSE B 289 7.19 46.26 6.79
CG MSE B 289 6.66 47.26 7.81
SE MSE B 289 7.37 49.03 7.59
CE MSE B 289 8.65 48.94 8.72
N LEU B 290 4.73 45.92 5.09
CA LEU B 290 3.39 46.32 4.68
C LEU B 290 2.42 45.17 4.93
N GLY B 291 2.84 43.96 4.56
CA GLY B 291 1.99 42.80 4.71
C GLY B 291 1.68 42.30 6.11
N SER B 292 2.23 42.93 7.15
CA SER B 292 1.97 42.47 8.52
C SER B 292 1.12 43.44 9.28
N LEU B 293 0.91 44.62 8.72
CA LEU B 293 0.08 45.63 9.36
C LEU B 293 -1.26 45.10 9.88
N MSE B 294 -2.01 44.43 9.02
CA MSE B 294 -3.36 43.95 9.38
C MSE B 294 -3.36 42.89 10.49
O MSE B 294 -4.21 42.92 11.36
CB MSE B 294 -4.16 43.46 8.15
CG MSE B 294 -4.37 44.50 7.01
SE MSE B 294 -5.23 46.19 7.49
CE MSE B 294 -6.70 45.41 8.19
N ARG B 295 -2.41 41.97 10.49
CA ARG B 295 -2.35 41.00 11.56
C ARG B 295 -2.09 41.77 12.86
N SER B 296 -1.09 42.65 12.83
CA SER B 296 -0.77 43.47 14.01
C SER B 296 -1.96 44.31 14.41
N ASN B 297 -2.61 44.91 13.43
CA ASN B 297 -3.76 45.74 13.72
C ASN B 297 -4.81 44.92 14.40
N SER B 298 -5.09 43.76 13.83
CA SER B 298 -6.08 42.88 14.37
C SER B 298 -5.63 42.34 15.75
N ASN B 299 -4.33 42.26 15.97
CA ASN B 299 -3.84 41.82 17.26
C ASN B 299 -4.05 42.85 18.34
N GLN B 300 -4.36 44.08 17.96
CA GLN B 300 -4.65 45.11 18.97
C GLN B 300 -6.09 44.98 19.46
N VAL B 301 -7.01 44.70 18.53
CA VAL B 301 -8.39 44.51 18.90
C VAL B 301 -8.50 43.40 19.96
N GLN B 302 -7.91 42.26 19.68
CA GLN B 302 -7.91 41.14 20.61
C GLN B 302 -7.27 41.53 21.95
N LYS B 303 -6.29 42.42 21.89
CA LYS B 303 -5.59 42.87 23.08
C LYS B 303 -6.54 43.62 23.99
N ALA B 304 -7.37 44.46 23.38
CA ALA B 304 -8.37 45.21 24.13
C ALA B 304 -9.38 44.25 24.73
N PHE B 305 -9.70 43.21 23.99
CA PHE B 305 -10.62 42.20 24.46
C PHE B 305 -10.12 41.58 25.76
N ASP B 306 -8.89 41.09 25.73
CA ASP B 306 -8.34 40.41 26.88
C ASP B 306 -8.33 41.30 28.10
N LEU B 307 -8.14 42.60 27.88
CA LEU B 307 -8.15 43.56 28.98
C LEU B 307 -9.53 43.58 29.61
N ILE B 308 -10.53 43.78 28.77
CA ILE B 308 -11.92 43.88 29.18
C ILE B 308 -12.47 42.60 29.83
N THR B 309 -12.20 41.46 29.23
CA THR B 309 -12.77 40.21 29.73
C THR B 309 -11.95 39.53 30.82
N SER B 310 -11.13 40.32 31.52
CA SER B 310 -10.28 39.77 32.58
C SER B 310 -10.78 40.19 33.94
N HIS B 311 -11.91 40.86 33.98
CA HIS B 311 -12.40 41.39 35.25
C HIS B 311 -13.52 40.60 35.90
N ASP B 312 -13.70 39.34 35.49
CA ASP B 312 -14.71 38.53 36.14
C ASP B 312 -16.00 39.33 36.31
N THR B 313 -16.62 39.69 35.20
CA THR B 313 -17.88 40.41 35.16
C THR B 313 -18.31 40.53 33.72
N ARG B 314 -19.56 40.17 33.46
CA ARG B 314 -20.08 40.17 32.10
C ARG B 314 -20.66 41.53 31.72
N LYS B 315 -20.77 42.42 32.71
CA LYS B 315 -21.38 43.72 32.47
C LYS B 315 -20.40 44.76 31.95
N VAL B 316 -20.48 45.05 30.65
CA VAL B 316 -19.52 45.94 30.02
C VAL B 316 -20.12 47.13 29.29
N GLY B 317 -19.56 48.31 29.52
CA GLY B 317 -20.02 49.52 28.87
C GLY B 317 -18.98 50.06 27.90
N LEU B 318 -19.36 50.11 26.63
CA LEU B 318 -18.50 50.56 25.56
C LEU B 318 -18.85 51.99 25.19
N LEU B 319 -18.05 52.95 25.66
CA LEU B 319 -18.28 54.35 25.32
C LEU B 319 -17.56 54.63 24.01
N GLY B 320 -18.33 54.94 22.96
CA GLY B 320 -17.79 55.23 21.66
C GLY B 320 -18.02 54.02 20.77
N LEU B 321 -18.58 54.25 19.59
CA LEU B 321 -18.88 53.15 18.69
C LEU B 321 -18.31 53.37 17.30
N SER B 322 -18.53 54.56 16.73
CA SER B 322 -18.01 54.89 15.40
C SER B 322 -16.48 54.90 15.38
N PHE B 323 -15.87 54.72 14.21
CA PHE B 323 -14.41 54.61 14.16
C PHE B 323 -13.65 55.76 14.84
N LYS B 324 -14.21 56.97 14.83
CA LYS B 324 -13.62 58.04 15.65
C LYS B 324 -14.63 59.00 16.26
N ALA B 325 -14.18 59.82 17.18
CA ALA B 325 -15.08 60.82 17.76
C ALA B 325 -15.41 61.79 16.65
N GLY B 326 -16.53 62.49 16.78
CA GLY B 326 -16.89 63.48 15.79
C GLY B 326 -17.53 62.95 14.52
N THR B 327 -17.81 61.65 14.46
CA THR B 327 -18.51 61.14 13.29
C THR B 327 -19.34 59.94 13.72
N ASP B 328 -20.23 59.50 12.84
CA ASP B 328 -21.04 58.33 13.11
C ASP B 328 -20.67 57.23 12.12
N ASP B 329 -19.57 57.45 11.39
CA ASP B 329 -19.13 56.49 10.40
C ASP B 329 -18.82 55.17 11.10
N LEU B 330 -19.53 54.10 10.74
CA LEU B 330 -19.36 52.83 11.44
C LEU B 330 -18.52 51.82 10.68
N ARG B 331 -18.20 52.13 9.43
CA ARG B 331 -17.49 51.21 8.56
C ARG B 331 -16.15 50.71 9.11
N GLU B 332 -16.05 49.40 9.28
CA GLU B 332 -14.86 48.77 9.81
C GLU B 332 -14.43 49.45 11.07
N SER B 333 -15.39 49.83 11.90
CA SER B 333 -15.00 50.36 13.19
C SER B 333 -14.48 49.24 14.09
N PRO B 334 -13.29 49.42 14.65
CA PRO B 334 -12.73 48.47 15.59
C PRO B 334 -13.59 48.35 16.83
N LEU B 335 -14.33 49.41 17.15
CA LEU B 335 -15.18 49.38 18.32
C LEU B 335 -16.33 48.42 18.08
N VAL B 336 -16.89 48.46 16.88
CA VAL B 336 -17.96 47.53 16.54
C VAL B 336 -17.41 46.13 16.67
N GLU B 337 -16.27 45.87 16.05
CA GLU B 337 -15.70 44.54 16.17
C GLU B 337 -15.57 44.11 17.61
N LEU B 338 -15.06 45.00 18.44
CA LEU B 338 -14.92 44.74 19.86
C LEU B 338 -16.28 44.28 20.37
N ALA B 339 -17.30 45.09 20.11
CA ALA B 339 -18.66 44.78 20.53
C ALA B 339 -19.13 43.39 20.07
N GLU B 340 -18.91 43.09 18.80
CA GLU B 340 -19.36 41.82 18.26
C GLU B 340 -18.67 40.62 18.94
N MSE B 341 -17.43 40.83 19.37
CA MSE B 341 -16.67 39.78 20.02
C MSE B 341 -17.24 39.59 21.42
O MSE B 341 -17.45 38.46 21.87
CB MSE B 341 -15.17 40.15 20.07
CG MSE B 341 -14.21 38.97 20.10
SE MSE B 341 -12.31 39.53 19.99
CE MSE B 341 -12.60 40.95 19.00
N LEU B 342 -17.48 40.70 22.08
CA LEU B 342 -18.06 40.70 23.40
C LEU B 342 -19.42 40.05 23.32
N ILE B 343 -20.16 40.36 22.25
CA ILE B 343 -21.50 39.79 22.09
C ILE B 343 -21.44 38.30 21.89
N GLY B 344 -20.59 37.87 20.96
CA GLY B 344 -20.42 36.45 20.72
C GLY B 344 -19.98 35.66 21.94
N LYS B 345 -19.43 36.35 22.93
CA LYS B 345 -19.02 35.70 24.17
C LYS B 345 -20.07 35.83 25.28
N GLY B 346 -21.21 36.43 24.95
CA GLY B 346 -22.33 36.53 25.87
C GLY B 346 -22.18 37.50 27.01
N TYR B 347 -21.63 38.67 26.73
CA TYR B 347 -21.48 39.68 27.78
C TYR B 347 -22.72 40.57 27.83
N GLU B 348 -23.02 41.10 29.00
CA GLU B 348 -24.11 42.06 29.12
C GLU B 348 -23.46 43.35 28.64
N LEU B 349 -23.67 43.67 27.38
CA LEU B 349 -23.02 44.83 26.78
C LEU B 349 -23.97 46.01 26.59
N ARG B 350 -23.52 47.18 27.01
CA ARG B 350 -24.28 48.40 26.84
C ARG B 350 -23.33 49.33 26.10
N ILE B 351 -23.87 50.15 25.20
CA ILE B 351 -23.02 51.00 24.37
C ILE B 351 -23.50 52.44 24.30
N PHE B 352 -22.59 53.37 24.51
CA PHE B 352 -22.91 54.77 24.34
C PHE B 352 -22.11 55.40 23.21
N ASP B 353 -22.80 56.22 22.41
CA ASP B 353 -22.20 56.95 21.30
C ASP B 353 -23.25 57.93 20.83
N ARG B 354 -23.10 59.20 21.19
CA ARG B 354 -24.10 60.20 20.83
C ARG B 354 -24.20 60.45 19.34
N ASN B 355 -23.12 60.17 18.60
CA ASN B 355 -23.13 60.41 17.16
C ASN B 355 -23.99 59.42 16.38
N VAL B 356 -23.83 58.13 16.64
CA VAL B 356 -24.62 57.13 15.94
C VAL B 356 -26.08 57.24 16.37
N GLU B 357 -26.30 57.55 17.65
CA GLU B 357 -27.66 57.71 18.15
C GLU B 357 -28.33 58.82 17.34
N TYR B 358 -27.61 59.91 17.13
CA TYR B 358 -28.14 60.98 16.31
C TYR B 358 -28.33 60.49 14.88
N ALA B 359 -27.31 59.84 14.34
CA ALA B 359 -27.34 59.32 12.97
C ALA B 359 -28.52 58.42 12.68
N ARG B 360 -28.91 57.60 13.64
CA ARG B 360 -30.01 56.68 13.41
C ARG B 360 -31.33 57.45 13.42
N VAL B 361 -31.22 58.77 13.44
CA VAL B 361 -32.41 59.61 13.39
C VAL B 361 -32.32 60.57 12.20
N HIS B 362 -31.18 61.21 12.04
CA HIS B 362 -30.97 62.07 10.89
C HIS B 362 -29.79 61.56 10.09
N GLY B 363 -29.95 61.45 8.79
CA GLY B 363 -28.86 60.97 7.95
C GLY B 363 -29.27 59.96 6.92
N ALA B 364 -28.30 59.32 6.30
CA ALA B 364 -28.57 58.37 5.23
C ALA B 364 -28.15 56.95 5.55
N ASN B 365 -27.33 56.78 6.59
CA ASN B 365 -26.86 55.44 6.94
C ASN B 365 -27.71 54.76 8.02
N LYS B 366 -29.00 55.06 8.03
CA LYS B 366 -29.90 54.48 9.04
C LYS B 366 -30.27 53.02 8.78
N GLU B 367 -30.36 52.66 7.50
CA GLU B 367 -30.66 51.27 7.15
C GLU B 367 -29.60 50.37 7.78
N TYR B 368 -28.34 50.67 7.49
CA TYR B 368 -27.23 49.90 8.02
C TYR B 368 -27.41 49.74 9.51
N ILE B 369 -27.52 50.87 10.21
CA ILE B 369 -27.68 50.84 11.66
C ILE B 369 -28.89 50.04 12.11
N GLU B 370 -30.00 50.18 11.39
CA GLU B 370 -31.23 49.48 11.75
C GLU B 370 -31.35 48.03 11.25
N SER B 371 -31.03 47.80 9.98
CA SER B 371 -31.27 46.49 9.38
C SER B 371 -30.04 45.66 9.02
N LYS B 372 -28.85 46.22 9.19
CA LYS B 372 -27.63 45.49 8.86
C LYS B 372 -26.86 45.12 10.12
N ILE B 373 -26.87 45.99 11.13
CA ILE B 373 -26.20 45.67 12.39
C ILE B 373 -27.10 45.89 13.61
N PRO B 374 -28.30 45.34 13.58
CA PRO B 374 -29.26 45.50 14.68
C PRO B 374 -28.72 44.95 15.99
N HIS B 375 -27.98 43.85 15.91
CA HIS B 375 -27.43 43.22 17.10
C HIS B 375 -26.41 44.08 17.85
N VAL B 376 -25.95 45.16 17.24
CA VAL B 376 -25.03 46.06 17.92
C VAL B 376 -25.80 47.29 18.35
N SER B 377 -26.58 47.85 17.44
CA SER B 377 -27.26 49.11 17.71
C SER B 377 -28.37 49.07 18.77
N SER B 378 -28.92 47.91 19.05
CA SER B 378 -30.01 47.82 20.02
C SER B 378 -29.42 47.72 21.40
N LEU B 379 -28.11 47.74 21.46
CA LEU B 379 -27.42 47.75 22.74
C LEU B 379 -27.07 49.20 23.03
N LEU B 380 -27.56 50.09 22.18
CA LEU B 380 -27.30 51.51 22.35
C LEU B 380 -28.11 52.04 23.51
N VAL B 381 -27.61 53.10 24.12
CA VAL B 381 -28.30 53.73 25.22
C VAL B 381 -28.06 55.22 25.08
N SER B 382 -29.13 56.00 25.12
CA SER B 382 -29.03 57.43 24.89
C SER B 382 -28.33 58.21 26.01
N ASP B 383 -28.56 57.79 27.25
CA ASP B 383 -28.00 58.49 28.39
C ASP B 383 -26.68 57.92 28.86
N LEU B 384 -25.64 58.76 28.83
CA LEU B 384 -24.33 58.33 29.27
C LEU B 384 -24.31 57.84 30.73
N ASP B 385 -25.05 58.50 31.62
CA ASP B 385 -25.06 58.09 33.03
C ASP B 385 -25.65 56.68 33.21
N GLU B 386 -26.71 56.40 32.46
CA GLU B 386 -27.36 55.10 32.48
C GLU B 386 -26.37 53.98 32.16
N VAL B 387 -25.46 54.24 31.23
CA VAL B 387 -24.46 53.24 30.82
C VAL B 387 -23.37 53.07 31.87
N VAL B 388 -22.88 54.20 32.36
CA VAL B 388 -21.84 54.20 33.38
C VAL B 388 -22.31 53.48 34.64
N ALA B 389 -23.50 53.84 35.11
CA ALA B 389 -24.04 53.27 36.35
C ALA B 389 -24.29 51.76 36.29
N SER B 390 -24.89 51.30 35.20
CA SER B 390 -25.25 49.89 35.06
C SER B 390 -24.14 48.96 34.57
N SER B 391 -22.91 49.45 34.52
CA SER B 391 -21.80 48.64 34.04
C SER B 391 -20.70 48.54 35.05
N ASP B 392 -19.97 47.44 35.07
CA ASP B 392 -18.86 47.28 35.99
C ASP B 392 -17.54 47.64 35.30
N VAL B 393 -17.49 47.48 33.98
CA VAL B 393 -16.29 47.79 33.21
C VAL B 393 -16.62 48.76 32.08
N LEU B 394 -16.02 49.95 32.16
CA LEU B 394 -16.28 50.95 31.11
C LEU B 394 -15.10 51.01 30.13
N VAL B 395 -15.44 51.06 28.85
CA VAL B 395 -14.41 51.12 27.82
C VAL B 395 -14.43 52.46 27.12
N LEU B 396 -13.29 53.15 27.17
CA LEU B 396 -13.08 54.40 26.45
C LEU B 396 -12.60 54.04 25.05
N GLY B 397 -13.52 53.92 24.09
CA GLY B 397 -13.16 53.51 22.75
C GLY B 397 -12.80 54.58 21.73
N ASN B 398 -13.33 55.77 21.90
CA ASN B 398 -12.98 56.87 21.02
C ASN B 398 -12.89 58.16 21.79
N GLY B 399 -12.30 59.17 21.19
CA GLY B 399 -11.99 60.38 21.93
C GLY B 399 -13.07 61.43 22.11
N ASP B 400 -14.28 61.00 22.45
CA ASP B 400 -15.36 61.95 22.70
C ASP B 400 -15.12 62.60 24.04
N GLU B 401 -14.82 63.89 24.02
CA GLU B 401 -14.58 64.66 25.25
C GLU B 401 -15.60 64.41 26.37
N LEU B 402 -16.80 63.96 26.03
CA LEU B 402 -17.80 63.68 27.06
C LEU B 402 -17.28 62.68 28.06
N PHE B 403 -16.27 61.92 27.66
CA PHE B 403 -15.77 60.86 28.52
C PHE B 403 -14.71 61.36 29.48
N VAL B 404 -14.31 62.62 29.32
CA VAL B 404 -13.31 63.18 30.22
C VAL B 404 -13.80 63.16 31.69
N ASP B 405 -15.03 63.61 31.93
CA ASP B 405 -15.58 63.63 33.29
C ASP B 405 -15.49 62.27 33.99
N LEU B 406 -15.90 61.23 33.27
CA LEU B 406 -15.87 59.86 33.77
C LEU B 406 -14.50 59.45 34.32
N VAL B 407 -13.43 59.90 33.67
CA VAL B 407 -12.07 59.53 34.10
C VAL B 407 -11.47 60.42 35.19
N ASN B 408 -11.89 61.69 35.24
CA ASN B 408 -11.41 62.61 36.27
C ASN B 408 -12.06 62.32 37.63
N LYS B 409 -13.36 62.03 37.62
CA LYS B 409 -14.09 61.72 38.84
C LYS B 409 -14.94 60.46 38.62
N THR B 410 -14.34 59.30 38.83
CA THR B 410 -15.01 58.04 38.54
C THR B 410 -15.78 57.39 39.67
N PRO B 411 -17.05 57.12 39.42
CA PRO B 411 -17.89 56.38 40.36
C PRO B 411 -17.21 55.07 40.79
N SER B 412 -17.08 54.87 42.10
CA SER B 412 -16.42 53.70 42.65
C SER B 412 -17.07 52.42 42.15
N GLY B 413 -16.34 51.32 42.25
CA GLY B 413 -16.85 50.03 41.83
C GLY B 413 -16.79 49.80 40.34
N LYS B 414 -16.12 50.70 39.61
CA LYS B 414 -16.02 50.54 38.17
C LYS B 414 -14.57 50.34 37.74
N LYS B 415 -14.37 49.49 36.72
CA LYS B 415 -13.03 49.28 36.15
C LYS B 415 -12.92 50.07 34.86
N LEU B 416 -11.86 50.84 34.74
CA LEU B 416 -11.65 51.62 33.52
C LEU B 416 -10.66 50.93 32.56
N VAL B 417 -11.05 50.84 31.30
CA VAL B 417 -10.20 50.28 30.25
C VAL B 417 -10.03 51.36 29.18
N ASP B 418 -8.86 52.00 29.17
CA ASP B 418 -8.58 53.17 28.33
C ASP B 418 -7.95 52.81 26.99
N LEU B 419 -8.74 52.85 25.93
CA LEU B 419 -8.20 52.51 24.62
C LEU B 419 -7.69 53.74 23.85
N VAL B 420 -7.90 54.94 24.36
CA VAL B 420 -7.48 56.12 23.60
C VAL B 420 -6.45 57.02 24.24
N GLY B 421 -6.45 57.14 25.57
CA GLY B 421 -5.43 57.93 26.24
C GLY B 421 -5.94 59.02 27.16
N PHE B 422 -7.12 58.81 27.76
CA PHE B 422 -7.72 59.82 28.64
C PHE B 422 -6.99 59.90 29.96
N MSE B 423 -6.52 58.76 30.44
CA MSE B 423 -5.87 58.67 31.73
C MSE B 423 -4.70 59.61 31.81
O MSE B 423 -3.89 59.68 30.90
CB MSE B 423 -5.42 57.23 32.02
CG MSE B 423 -6.58 56.26 32.19
SE MSE B 423 -6.09 54.38 32.19
CE MSE B 423 -4.86 54.47 33.46
N PRO B 424 -4.65 60.37 32.89
CA PRO B 424 -3.52 61.27 33.15
C PRO B 424 -2.22 60.50 33.42
N HIS B 425 -2.34 59.32 34.01
CA HIS B 425 -1.13 58.54 34.32
C HIS B 425 -1.22 57.06 33.97
N THR B 426 -0.34 56.27 34.55
CA THR B 426 -0.22 54.86 34.21
C THR B 426 -1.32 53.99 34.79
N THR B 427 -1.25 52.70 34.50
CA THR B 427 -2.26 51.76 34.95
C THR B 427 -2.32 51.59 36.47
N THR B 428 -3.54 51.49 36.99
CA THR B 428 -3.82 51.26 38.40
C THR B 428 -4.85 50.13 38.49
N ALA B 429 -5.20 49.74 39.70
CA ALA B 429 -6.17 48.65 39.91
C ALA B 429 -7.58 48.99 39.42
N GLN B 430 -7.86 50.27 39.27
CA GLN B 430 -9.18 50.68 38.82
C GLN B 430 -9.24 51.13 37.38
N ALA B 431 -8.13 51.64 36.87
CA ALA B 431 -8.09 52.13 35.50
C ALA B 431 -6.88 51.60 34.75
N GLU B 432 -7.13 50.78 33.74
CA GLU B 432 -6.07 50.17 32.96
C GLU B 432 -6.00 50.75 31.55
N GLY B 433 -4.80 51.14 31.13
CA GLY B 433 -4.56 51.66 29.78
C GLY B 433 -4.02 50.60 28.84
N ILE B 434 -4.28 50.73 27.55
CA ILE B 434 -3.83 49.67 26.64
C ILE B 434 -2.34 49.74 26.34
N CYS B 435 -1.75 50.92 26.49
CA CYS B 435 -0.33 51.04 26.24
C CYS B 435 0.31 51.82 27.38
N TRP B 436 -0.31 51.75 28.54
CA TRP B 436 0.23 52.43 29.71
C TRP B 436 -0.33 51.82 30.97
N MSE C 1 -26.38 -89.03 -3.17
CA MSE C 1 -27.70 -88.65 -2.58
C MSE C 1 -28.72 -88.25 -3.64
O MSE C 1 -28.41 -88.17 -4.82
CB MSE C 1 -27.54 -87.55 -1.52
CG MSE C 1 -26.45 -86.51 -1.81
SE MSE C 1 -26.31 -85.15 -0.41
CE MSE C 1 -24.51 -85.45 0.01
N ARG C 2 -29.93 -87.97 -3.18
CA ARG C 2 -31.03 -87.58 -4.05
C ARG C 2 -31.17 -86.06 -4.13
N ILE C 3 -30.74 -85.49 -5.26
CA ILE C 3 -30.81 -84.04 -5.44
C ILE C 3 -31.65 -83.59 -6.63
N SER C 4 -32.35 -82.48 -6.45
CA SER C 4 -33.16 -81.88 -7.51
C SER C 4 -32.52 -80.55 -7.92
N ILE C 5 -32.42 -80.29 -9.22
CA ILE C 5 -31.82 -79.04 -9.70
C ILE C 5 -32.74 -78.16 -10.53
N PHE C 6 -33.18 -77.06 -9.94
CA PHE C 6 -34.07 -76.12 -10.62
C PHE C 6 -33.29 -75.17 -11.54
N GLY C 7 -33.72 -75.10 -12.81
CA GLY C 7 -33.06 -74.25 -13.79
C GLY C 7 -32.00 -75.05 -14.52
N LEU C 8 -32.22 -75.32 -15.80
CA LEU C 8 -31.26 -76.16 -16.52
C LEU C 8 -30.48 -75.41 -17.59
N GLY C 9 -29.84 -74.33 -17.17
CA GLY C 9 -29.02 -73.53 -18.07
C GLY C 9 -27.57 -73.95 -18.01
N TYR C 10 -26.69 -73.12 -18.55
CA TYR C 10 -25.25 -73.37 -18.55
C TYR C 10 -24.70 -73.82 -17.19
N VAL C 11 -25.41 -73.52 -16.11
CA VAL C 11 -24.93 -73.85 -14.77
C VAL C 11 -25.71 -74.99 -14.12
N GLY C 12 -27.04 -74.90 -14.10
CA GLY C 12 -27.85 -75.96 -13.52
C GLY C 12 -27.66 -77.29 -14.20
N ALA C 13 -27.45 -77.26 -15.52
CA ALA C 13 -27.25 -78.48 -16.30
C ALA C 13 -25.91 -79.14 -15.99
N VAL C 14 -24.83 -78.35 -16.06
CA VAL C 14 -23.49 -78.83 -15.78
C VAL C 14 -23.45 -79.48 -14.40
N CYS C 15 -24.17 -78.88 -13.46
CA CYS C 15 -24.30 -79.45 -12.13
C CYS C 15 -24.98 -80.80 -12.22
N ALA C 16 -26.16 -80.82 -12.80
CA ALA C 16 -26.91 -82.06 -12.99
C ALA C 16 -25.98 -83.12 -13.53
N GLY C 17 -25.28 -82.78 -14.60
CA GLY C 17 -24.32 -83.68 -15.21
C GLY C 17 -23.23 -84.12 -14.25
N CYS C 18 -22.40 -83.18 -13.81
CA CYS C 18 -21.29 -83.50 -12.90
C CYS C 18 -21.72 -84.27 -11.66
N LEU C 19 -22.89 -83.94 -11.14
CA LEU C 19 -23.39 -84.62 -9.96
C LEU C 19 -23.74 -86.08 -10.25
N SER C 20 -24.54 -86.31 -11.29
CA SER C 20 -24.93 -87.66 -11.66
C SER C 20 -23.70 -88.47 -12.00
N ALA C 21 -22.84 -87.90 -12.83
CA ALA C 21 -21.60 -88.57 -13.22
C ALA C 21 -20.76 -88.91 -12.00
N ARG C 22 -21.22 -88.47 -10.82
CA ARG C 22 -20.49 -88.75 -9.60
C ARG C 22 -21.27 -89.72 -8.72
N GLY C 23 -22.38 -90.23 -9.25
CA GLY C 23 -23.19 -91.21 -8.55
C GLY C 23 -24.34 -90.72 -7.67
N HIS C 24 -24.93 -89.59 -8.03
CA HIS C 24 -26.09 -89.08 -7.30
C HIS C 24 -27.33 -89.20 -8.18
N GLU C 25 -28.49 -89.35 -7.54
CA GLU C 25 -29.76 -89.37 -8.27
C GLU C 25 -30.15 -87.93 -8.54
N VAL C 26 -29.87 -87.47 -9.74
CA VAL C 26 -30.13 -86.08 -10.08
C VAL C 26 -31.43 -85.87 -10.83
N ILE C 27 -32.28 -85.01 -10.27
CA ILE C 27 -33.54 -84.65 -10.91
C ILE C 27 -33.45 -83.22 -11.44
N GLY C 28 -33.37 -83.08 -12.76
CA GLY C 28 -33.29 -81.78 -13.40
C GLY C 28 -34.66 -81.14 -13.51
N VAL C 29 -34.78 -79.90 -13.06
CA VAL C 29 -36.05 -79.19 -13.08
C VAL C 29 -35.95 -77.89 -13.86
N ASP C 30 -36.93 -77.65 -14.74
CA ASP C 30 -36.93 -76.45 -15.57
C ASP C 30 -38.33 -76.18 -16.12
N VAL C 31 -38.58 -74.95 -16.53
CA VAL C 31 -39.89 -74.56 -17.04
C VAL C 31 -40.01 -74.87 -18.54
N SER C 32 -38.86 -75.06 -19.17
CA SER C 32 -38.83 -75.34 -20.59
C SER C 32 -38.85 -76.83 -20.90
N SER C 33 -40.01 -77.32 -21.32
CA SER C 33 -40.12 -78.73 -21.69
C SER C 33 -39.19 -78.99 -22.88
N THR C 34 -38.84 -77.93 -23.59
CA THR C 34 -37.90 -78.05 -24.70
C THR C 34 -36.57 -78.50 -24.15
N LYS C 35 -36.09 -77.76 -23.14
CA LYS C 35 -34.83 -78.07 -22.47
C LYS C 35 -34.89 -79.47 -21.89
N ILE C 36 -36.00 -79.77 -21.22
CA ILE C 36 -36.18 -81.06 -20.57
C ILE C 36 -36.11 -82.24 -21.54
N ASP C 37 -36.72 -82.09 -22.70
CA ASP C 37 -36.71 -83.15 -23.71
C ASP C 37 -35.29 -83.57 -24.04
N LEU C 38 -34.48 -82.60 -24.45
CA LEU C 38 -33.10 -82.86 -24.83
C LEU C 38 -32.29 -83.57 -23.73
N ILE C 39 -32.64 -83.31 -22.47
CA ILE C 39 -31.91 -83.92 -21.36
C ILE C 39 -32.24 -85.41 -21.22
N ASN C 40 -33.51 -85.75 -21.33
CA ASN C 40 -33.94 -87.14 -21.27
C ASN C 40 -33.39 -87.96 -22.44
N GLN C 41 -33.22 -87.30 -23.58
CA GLN C 41 -32.60 -87.93 -24.75
C GLN C 41 -31.08 -87.76 -24.66
N GLY C 42 -30.62 -87.29 -23.51
CA GLY C 42 -29.20 -87.10 -23.26
C GLY C 42 -28.53 -86.19 -24.26
N LYS C 43 -29.08 -84.99 -24.45
CA LYS C 43 -28.50 -84.03 -25.38
C LYS C 43 -28.21 -82.71 -24.66
N SER C 44 -27.14 -82.04 -25.08
CA SER C 44 -26.78 -80.75 -24.49
C SER C 44 -27.58 -79.62 -25.10
N PRO C 45 -28.28 -78.87 -24.25
CA PRO C 45 -29.08 -77.73 -24.71
C PRO C 45 -28.14 -76.60 -25.14
N ILE C 46 -26.88 -76.71 -24.75
CA ILE C 46 -25.90 -75.67 -25.05
C ILE C 46 -24.62 -76.24 -25.67
N VAL C 47 -23.86 -75.37 -26.33
CA VAL C 47 -22.57 -75.76 -26.88
C VAL C 47 -21.56 -75.62 -25.74
N GLU C 48 -21.24 -76.75 -25.11
CA GLU C 48 -20.32 -76.76 -23.98
C GLU C 48 -19.51 -78.06 -24.01
N PRO C 49 -18.23 -77.94 -24.30
CA PRO C 49 -17.32 -79.08 -24.44
C PRO C 49 -17.50 -80.18 -23.41
N GLY C 50 -17.85 -81.37 -23.87
CA GLY C 50 -17.99 -82.53 -23.01
C GLY C 50 -19.23 -82.64 -22.17
N LEU C 51 -20.14 -81.68 -22.28
CA LEU C 51 -21.37 -81.74 -21.49
C LEU C 51 -22.30 -82.85 -21.99
N GLU C 52 -22.32 -83.06 -23.30
CA GLU C 52 -23.17 -84.09 -23.87
C GLU C 52 -22.78 -85.47 -23.36
N ALA C 53 -21.49 -85.76 -23.44
CA ALA C 53 -20.96 -87.01 -22.91
C ALA C 53 -21.53 -87.24 -21.52
N LEU C 54 -21.29 -86.30 -20.61
CA LEU C 54 -21.80 -86.43 -19.24
C LEU C 54 -23.31 -86.61 -19.20
N LEU C 55 -24.02 -85.98 -20.14
CA LEU C 55 -25.48 -86.08 -20.20
C LEU C 55 -25.95 -87.42 -20.79
N GLN C 56 -25.14 -88.02 -21.66
CA GLN C 56 -25.46 -89.35 -22.18
C GLN C 56 -25.41 -90.31 -20.99
N GLN C 57 -24.22 -90.39 -20.39
CA GLN C 57 -23.96 -91.26 -19.26
C GLN C 57 -25.06 -91.17 -18.20
N GLY C 58 -25.59 -89.97 -18.01
CA GLY C 58 -26.60 -89.76 -16.99
C GLY C 58 -27.85 -90.60 -17.18
N ARG C 59 -28.28 -90.74 -18.43
CA ARG C 59 -29.49 -91.49 -18.76
C ARG C 59 -29.22 -92.97 -18.99
N GLN C 60 -28.03 -93.28 -19.52
CA GLN C 60 -27.64 -94.66 -19.76
C GLN C 60 -27.58 -95.41 -18.44
N THR C 61 -27.19 -94.71 -17.38
CA THR C 61 -27.10 -95.29 -16.05
C THR C 61 -28.37 -94.98 -15.27
N GLY C 62 -29.17 -94.07 -15.80
CA GLY C 62 -30.43 -93.70 -15.18
C GLY C 62 -30.28 -92.87 -13.93
N ARG C 63 -29.18 -92.13 -13.85
CA ARG C 63 -28.94 -91.25 -12.69
C ARG C 63 -29.46 -89.84 -12.95
N LEU C 64 -29.69 -89.54 -14.22
CA LEU C 64 -30.16 -88.23 -14.62
C LEU C 64 -31.54 -88.34 -15.26
N SER C 65 -32.43 -87.41 -14.95
CA SER C 65 -33.76 -87.39 -15.53
C SER C 65 -34.41 -86.01 -15.39
N GLY C 66 -35.11 -85.59 -16.44
CA GLY C 66 -35.76 -84.30 -16.45
C GLY C 66 -37.27 -84.35 -16.24
N THR C 67 -37.83 -83.23 -15.83
CA THR C 67 -39.27 -83.10 -15.60
C THR C 67 -39.66 -81.66 -15.34
N THR C 68 -40.93 -81.34 -15.58
CA THR C 68 -41.43 -80.01 -15.32
C THR C 68 -42.19 -80.04 -14.01
N ASP C 69 -42.27 -81.22 -13.39
CA ASP C 69 -42.94 -81.40 -12.14
C ASP C 69 -42.08 -80.91 -10.98
N PHE C 70 -42.37 -79.71 -10.49
CA PHE C 70 -41.62 -79.18 -9.36
C PHE C 70 -41.91 -79.98 -8.08
N LYS C 71 -43.19 -80.14 -7.76
CA LYS C 71 -43.58 -80.88 -6.57
C LYS C 71 -42.86 -82.22 -6.49
N LYS C 72 -43.05 -83.06 -7.50
CA LYS C 72 -42.42 -84.37 -7.53
C LYS C 72 -40.93 -84.23 -7.21
N ALA C 73 -40.22 -83.53 -8.08
CA ALA C 73 -38.80 -83.29 -7.93
C ALA C 73 -38.40 -83.09 -6.48
N VAL C 74 -39.22 -82.35 -5.74
CA VAL C 74 -38.92 -82.08 -4.34
C VAL C 74 -39.13 -83.32 -3.49
N LEU C 75 -40.33 -83.89 -3.59
CA LEU C 75 -40.71 -85.07 -2.82
C LEU C 75 -39.84 -86.29 -3.12
N ASP C 76 -39.27 -86.34 -4.33
CA ASP C 76 -38.40 -87.46 -4.69
C ASP C 76 -36.93 -87.09 -4.54
N SER C 77 -36.68 -86.07 -3.73
CA SER C 77 -35.32 -85.61 -3.50
C SER C 77 -35.11 -85.13 -2.07
N ASP C 78 -33.84 -85.01 -1.67
CA ASP C 78 -33.50 -84.59 -0.33
C ASP C 78 -32.91 -83.18 -0.31
N VAL C 79 -32.24 -82.82 -1.40
CA VAL C 79 -31.60 -81.52 -1.51
C VAL C 79 -31.95 -80.84 -2.82
N SER C 80 -32.21 -79.54 -2.76
CA SER C 80 -32.55 -78.76 -3.95
C SER C 80 -31.53 -77.68 -4.22
N PHE C 81 -30.96 -77.69 -5.42
CA PHE C 81 -30.02 -76.67 -5.86
C PHE C 81 -30.75 -75.65 -6.75
N ILE C 82 -30.95 -74.44 -6.24
CA ILE C 82 -31.60 -73.40 -7.04
C ILE C 82 -30.62 -72.80 -8.02
N CYS C 83 -30.85 -73.06 -9.29
CA CYS C 83 -29.95 -72.57 -10.32
C CYS C 83 -30.65 -71.74 -11.38
N VAL C 84 -31.83 -71.22 -11.06
CA VAL C 84 -32.53 -70.40 -12.04
C VAL C 84 -31.75 -69.11 -12.25
N GLY C 85 -32.17 -68.33 -13.22
CA GLY C 85 -31.49 -67.09 -13.53
C GLY C 85 -31.99 -65.88 -12.76
N THR C 86 -31.17 -64.85 -12.74
CA THR C 86 -31.53 -63.59 -12.11
C THR C 86 -31.09 -62.51 -13.07
N PRO C 87 -31.98 -62.18 -14.02
CA PRO C 87 -31.67 -61.21 -15.07
C PRO C 87 -31.68 -59.79 -14.52
N SER C 88 -31.08 -58.86 -15.27
CA SER C 88 -31.04 -57.47 -14.89
C SER C 88 -32.34 -56.75 -15.20
N LYS C 89 -32.79 -55.93 -14.26
CA LYS C 89 -33.92 -55.05 -14.47
C LYS C 89 -33.38 -53.79 -15.15
N LYS C 90 -34.24 -53.03 -15.80
CA LYS C 90 -33.80 -51.85 -16.54
C LYS C 90 -32.87 -50.98 -15.72
N ASN C 91 -33.06 -50.95 -14.41
CA ASN C 91 -32.28 -50.10 -13.54
C ASN C 91 -30.98 -50.72 -13.01
N GLY C 92 -30.69 -51.96 -13.36
CA GLY C 92 -29.47 -52.57 -12.89
C GLY C 92 -29.62 -53.55 -11.75
N ASP C 93 -30.72 -53.45 -10.99
CA ASP C 93 -31.03 -54.41 -9.92
C ASP C 93 -31.32 -55.75 -10.56
N LEU C 94 -31.18 -56.84 -9.83
CA LEU C 94 -31.48 -58.08 -10.50
C LEU C 94 -32.91 -58.48 -10.20
N ASP C 95 -33.60 -59.02 -11.20
CA ASP C 95 -35.00 -59.42 -11.07
C ASP C 95 -35.09 -60.76 -10.37
N LEU C 96 -35.67 -60.75 -9.16
CA LEU C 96 -35.73 -61.94 -8.35
C LEU C 96 -36.93 -62.82 -8.68
N GLY C 97 -37.63 -62.46 -9.74
CA GLY C 97 -38.83 -63.17 -10.14
C GLY C 97 -38.75 -64.68 -10.14
N TYR C 98 -37.86 -65.25 -10.95
CA TYR C 98 -37.77 -66.69 -11.08
C TYR C 98 -37.45 -67.39 -9.76
N ILE C 99 -36.53 -66.83 -9.00
CA ILE C 99 -36.15 -67.38 -7.70
C ILE C 99 -37.36 -67.40 -6.78
N GLU C 100 -38.12 -66.31 -6.84
CA GLU C 100 -39.29 -66.17 -6.01
C GLU C 100 -40.30 -67.28 -6.26
N THR C 101 -40.66 -67.54 -7.52
CA THR C 101 -41.62 -68.61 -7.75
C THR C 101 -41.02 -69.95 -7.30
N VAL C 102 -39.84 -70.28 -7.80
CA VAL C 102 -39.18 -71.51 -7.38
C VAL C 102 -39.27 -71.71 -5.87
N CYS C 103 -39.01 -70.64 -5.11
CA CYS C 103 -39.06 -70.70 -3.65
C CYS C 103 -40.43 -71.06 -3.14
N ARG C 104 -41.46 -70.55 -3.80
CA ARG C 104 -42.83 -70.87 -3.45
C ARG C 104 -43.14 -72.30 -3.90
N GLU C 105 -42.69 -72.66 -5.09
CA GLU C 105 -42.87 -74.02 -5.59
C GLU C 105 -42.37 -74.99 -4.52
N ILE C 106 -41.14 -74.77 -4.05
CA ILE C 106 -40.53 -75.65 -3.05
C ILE C 106 -41.24 -75.59 -1.71
N GLY C 107 -41.62 -74.39 -1.31
CA GLY C 107 -42.29 -74.20 -0.03
C GLY C 107 -43.62 -74.93 0.08
N PHE C 108 -44.40 -74.95 -1.00
CA PHE C 108 -45.70 -75.62 -1.00
C PHE C 108 -45.54 -77.13 -1.03
N ALA C 109 -44.48 -77.61 -1.68
CA ALA C 109 -44.22 -79.03 -1.78
C ALA C 109 -43.62 -79.59 -0.49
N ILE C 110 -43.27 -78.71 0.45
CA ILE C 110 -42.69 -79.16 1.71
C ILE C 110 -43.76 -79.42 2.76
N ARG C 111 -44.84 -78.65 2.71
CA ARG C 111 -45.96 -78.84 3.63
C ARG C 111 -46.47 -80.27 3.59
N GLU C 112 -46.39 -80.91 2.43
CA GLU C 112 -46.82 -82.29 2.34
C GLU C 112 -45.76 -83.15 3.01
N LYS C 113 -44.57 -83.23 2.42
CA LYS C 113 -43.48 -84.03 3.00
C LYS C 113 -43.34 -83.80 4.50
N SER C 114 -42.93 -84.84 5.21
CA SER C 114 -42.70 -84.76 6.64
C SER C 114 -41.20 -84.92 6.90
N GLU C 115 -40.49 -85.33 5.86
CA GLU C 115 -39.04 -85.50 5.90
C GLU C 115 -38.33 -84.18 5.69
N ARG C 116 -37.13 -84.05 6.23
CA ARG C 116 -36.36 -82.82 6.09
C ARG C 116 -35.79 -82.67 4.68
N HIS C 117 -36.19 -81.59 4.02
CA HIS C 117 -35.68 -81.24 2.71
C HIS C 117 -34.57 -80.22 2.91
N THR C 118 -33.66 -80.10 1.96
CA THR C 118 -32.57 -79.13 2.09
C THR C 118 -32.46 -78.19 0.87
N VAL C 119 -32.49 -76.89 1.12
CA VAL C 119 -32.42 -75.91 0.05
C VAL C 119 -31.07 -75.20 -0.08
N VAL C 120 -30.46 -75.33 -1.25
CA VAL C 120 -29.20 -74.65 -1.53
C VAL C 120 -29.31 -73.73 -2.74
N VAL C 121 -28.94 -72.47 -2.57
CA VAL C 121 -28.97 -71.55 -3.69
C VAL C 121 -27.63 -71.44 -4.39
N ARG C 122 -27.58 -71.70 -5.69
CA ARG C 122 -26.33 -71.50 -6.43
C ARG C 122 -26.47 -70.28 -7.33
N SER C 123 -27.71 -69.86 -7.56
CA SER C 123 -27.92 -68.67 -8.36
C SER C 123 -27.20 -67.57 -7.62
N THR C 124 -26.52 -66.73 -8.35
CA THR C 124 -25.79 -65.64 -7.76
C THR C 124 -26.73 -64.49 -7.38
N VAL C 125 -26.79 -64.19 -6.10
CA VAL C 125 -27.70 -63.14 -5.67
C VAL C 125 -27.06 -62.17 -4.69
N LEU C 126 -27.43 -60.89 -4.79
CA LEU C 126 -26.91 -59.84 -3.91
C LEU C 126 -27.02 -60.29 -2.48
N PRO C 127 -26.07 -59.81 -1.68
CA PRO C 127 -26.00 -60.12 -0.25
C PRO C 127 -27.28 -59.75 0.47
N GLY C 128 -27.78 -60.67 1.29
CA GLY C 128 -29.01 -60.47 2.05
C GLY C 128 -30.19 -61.17 1.40
N THR C 129 -30.05 -61.52 0.12
CA THR C 129 -31.13 -62.15 -0.59
C THR C 129 -31.64 -63.38 0.14
N VAL C 130 -30.75 -64.30 0.48
CA VAL C 130 -31.17 -65.52 1.15
C VAL C 130 -31.88 -65.24 2.47
N ASN C 131 -31.36 -64.30 3.24
CA ASN C 131 -31.95 -63.95 4.52
C ASN C 131 -33.27 -63.19 4.41
N ASN C 132 -33.34 -62.23 3.48
CA ASN C 132 -34.52 -61.38 3.39
C ASN C 132 -35.51 -61.74 2.28
N VAL C 133 -35.26 -62.84 1.58
CA VAL C 133 -36.16 -63.25 0.52
C VAL C 133 -36.46 -64.75 0.54
N VAL C 134 -35.54 -65.56 0.03
CA VAL C 134 -35.81 -66.99 -0.06
C VAL C 134 -36.35 -67.56 1.25
N ILE C 135 -35.67 -67.32 2.35
CA ILE C 135 -36.13 -67.83 3.63
C ILE C 135 -37.56 -67.39 3.92
N PRO C 136 -37.80 -66.10 4.05
CA PRO C 136 -39.14 -65.62 4.34
C PRO C 136 -40.18 -66.28 3.43
N LEU C 137 -39.95 -66.26 2.13
CA LEU C 137 -40.89 -66.88 1.20
C LEU C 137 -41.11 -68.34 1.57
N ILE C 138 -40.01 -69.08 1.63
CA ILE C 138 -40.05 -70.51 1.93
C ILE C 138 -40.78 -70.83 3.22
N GLU C 139 -40.50 -70.07 4.27
CA GLU C 139 -41.20 -70.31 5.53
C GLU C 139 -42.70 -70.07 5.33
N ASP C 140 -43.05 -68.91 4.79
CA ASP C 140 -44.45 -68.56 4.59
C ASP C 140 -45.14 -69.29 3.44
N CYS C 141 -44.63 -70.47 3.09
CA CYS C 141 -45.26 -71.27 2.05
C CYS C 141 -45.27 -72.68 2.56
N SER C 142 -44.44 -72.92 3.57
CA SER C 142 -44.26 -74.25 4.13
C SER C 142 -44.89 -74.35 5.49
N GLY C 143 -45.17 -73.20 6.09
CA GLY C 143 -45.64 -73.15 7.46
C GLY C 143 -44.54 -73.62 8.38
N LYS C 144 -43.50 -74.17 7.79
CA LYS C 144 -42.35 -74.67 8.54
C LYS C 144 -41.36 -73.56 8.83
N LYS C 145 -40.24 -73.89 9.47
CA LYS C 145 -39.26 -72.90 9.86
C LYS C 145 -37.82 -73.26 9.47
N ALA C 146 -37.08 -72.26 9.00
CA ALA C 146 -35.70 -72.44 8.54
C ALA C 146 -34.72 -72.73 9.66
N GLY C 147 -33.91 -73.77 9.46
CA GLY C 147 -32.92 -74.15 10.45
C GLY C 147 -33.33 -75.41 11.19
N VAL C 148 -34.58 -75.45 11.62
CA VAL C 148 -35.12 -76.60 12.34
C VAL C 148 -35.74 -77.63 11.39
N ASP C 149 -36.71 -77.19 10.59
CA ASP C 149 -37.44 -78.08 9.68
C ASP C 149 -36.75 -78.32 8.34
N PHE C 150 -36.16 -77.28 7.78
CA PHE C 150 -35.45 -77.42 6.50
C PHE C 150 -34.13 -76.69 6.52
N GLY C 151 -33.11 -77.34 5.97
CA GLY C 151 -31.80 -76.74 5.89
C GLY C 151 -31.75 -75.75 4.74
N VAL C 152 -31.08 -74.62 4.97
CA VAL C 152 -30.90 -73.61 3.94
C VAL C 152 -29.45 -73.19 3.93
N GLY C 153 -28.96 -72.82 2.76
CA GLY C 153 -27.58 -72.41 2.62
C GLY C 153 -27.28 -71.99 1.20
N THR C 154 -26.16 -71.30 1.03
CA THR C 154 -25.76 -70.83 -0.28
C THR C 154 -24.46 -71.51 -0.66
N ASN C 155 -24.26 -71.66 -1.96
CA ASN C 155 -23.11 -72.35 -2.49
C ASN C 155 -22.81 -71.76 -3.84
N PRO C 156 -22.20 -70.57 -3.87
CA PRO C 156 -21.96 -69.87 -5.13
C PRO C 156 -21.18 -70.79 -6.05
N GLU C 157 -21.16 -70.48 -7.35
CA GLU C 157 -20.42 -71.28 -8.32
C GLU C 157 -19.35 -70.43 -8.96
N PHE C 158 -18.28 -71.03 -9.47
CA PHE C 158 -17.23 -70.22 -10.10
C PHE C 158 -16.92 -70.65 -11.52
N LEU C 159 -17.82 -71.45 -12.09
CA LEU C 159 -17.72 -71.94 -13.46
C LEU C 159 -17.70 -70.85 -14.53
N ARG C 160 -16.75 -70.97 -15.45
CA ARG C 160 -16.68 -70.06 -16.58
C ARG C 160 -17.21 -70.82 -17.76
N GLU C 161 -18.13 -70.24 -18.52
CA GLU C 161 -18.68 -70.96 -19.66
C GLU C 161 -17.56 -71.35 -20.61
N SER C 162 -17.76 -72.47 -21.30
CA SER C 162 -16.78 -73.03 -22.25
C SER C 162 -15.80 -73.99 -21.57
N THR C 163 -15.49 -73.74 -20.30
CA THR C 163 -14.66 -74.65 -19.52
C THR C 163 -15.41 -75.08 -18.26
N ALA C 164 -16.74 -75.02 -18.32
CA ALA C 164 -17.61 -75.35 -17.19
C ALA C 164 -17.27 -76.63 -16.44
N ILE C 165 -16.92 -77.69 -17.15
CA ILE C 165 -16.66 -78.96 -16.49
C ILE C 165 -15.26 -79.08 -15.87
N LYS C 166 -14.22 -78.72 -16.62
CA LYS C 166 -12.91 -78.71 -16.02
C LYS C 166 -13.02 -77.81 -14.79
N ASP C 167 -13.69 -76.67 -14.96
CA ASP C 167 -13.84 -75.71 -13.86
C ASP C 167 -14.53 -76.37 -12.67
N TYR C 168 -15.61 -77.11 -12.92
CA TYR C 168 -16.32 -77.80 -11.85
C TYR C 168 -15.42 -78.82 -11.21
N ASP C 169 -14.62 -79.50 -12.02
CA ASP C 169 -13.76 -80.57 -11.55
C ASP C 169 -12.59 -80.04 -10.75
N PHE C 170 -12.02 -78.93 -11.18
CA PHE C 170 -10.86 -78.37 -10.48
C PHE C 170 -11.07 -76.89 -10.18
N PRO C 171 -11.97 -76.61 -9.23
CA PRO C 171 -12.34 -75.23 -8.91
C PRO C 171 -11.26 -74.58 -8.09
N PRO C 172 -11.22 -73.25 -8.08
CA PRO C 172 -10.27 -72.52 -7.25
C PRO C 172 -10.61 -72.80 -5.80
N MSE C 173 -11.90 -72.86 -5.49
CA MSE C 173 -12.33 -73.14 -4.14
C MSE C 173 -13.76 -73.64 -4.12
O MSE C 173 -14.36 -73.88 -5.17
CB MSE C 173 -12.23 -71.88 -3.28
CG MSE C 173 -12.75 -70.63 -3.97
SE MSE C 173 -12.18 -69.01 -3.13
CE MSE C 173 -10.59 -69.42 -2.88
N THR C 174 -14.30 -73.83 -2.93
CA THR C 174 -15.69 -74.21 -2.74
C THR C 174 -16.10 -73.40 -1.53
N VAL C 175 -16.99 -72.44 -1.73
CA VAL C 175 -17.41 -71.64 -0.59
C VAL C 175 -18.83 -72.00 -0.24
N ILE C 176 -19.09 -72.05 1.05
CA ILE C 176 -20.40 -72.40 1.55
C ILE C 176 -20.93 -71.30 2.45
N GLY C 177 -22.17 -70.88 2.18
CA GLY C 177 -22.84 -69.96 3.05
C GLY C 177 -23.76 -70.83 3.88
N GLU C 178 -23.52 -70.89 5.19
CA GLU C 178 -24.33 -71.78 6.00
C GLU C 178 -25.13 -71.14 7.11
N LEU C 179 -26.38 -71.56 7.24
CA LEU C 179 -27.23 -71.14 8.34
C LEU C 179 -27.11 -72.21 9.38
N ASP C 180 -27.56 -73.40 9.00
CA ASP C 180 -27.53 -74.57 9.86
C ASP C 180 -26.35 -75.46 9.46
N LYS C 181 -25.74 -76.10 10.46
CA LYS C 181 -24.61 -77.00 10.25
C LYS C 181 -24.98 -78.22 9.40
N GLN C 182 -26.25 -78.60 9.47
CA GLN C 182 -26.75 -79.76 8.76
C GLN C 182 -26.54 -79.63 7.25
N THR C 183 -26.78 -78.43 6.73
CA THR C 183 -26.57 -78.19 5.30
C THR C 183 -25.08 -78.06 5.01
N GLY C 184 -24.37 -77.38 5.89
CA GLY C 184 -22.95 -77.20 5.74
C GLY C 184 -22.22 -78.50 5.47
N ASP C 185 -22.56 -79.52 6.26
CA ASP C 185 -21.93 -80.82 6.11
C ASP C 185 -22.39 -81.51 4.84
N LEU C 186 -23.67 -81.34 4.50
CA LEU C 186 -24.21 -81.91 3.27
C LEU C 186 -23.41 -81.43 2.08
N LEU C 187 -22.97 -80.18 2.14
CA LEU C 187 -22.20 -79.61 1.06
C LEU C 187 -20.77 -80.11 1.11
N GLU C 188 -20.17 -80.14 2.31
CA GLU C 188 -18.81 -80.65 2.48
C GLU C 188 -18.73 -82.10 2.03
N GLU C 189 -19.79 -82.86 2.30
CA GLU C 189 -19.83 -84.23 1.84
C GLU C 189 -19.81 -84.21 0.32
N ILE C 190 -20.71 -83.42 -0.27
CA ILE C 190 -20.81 -83.33 -1.72
C ILE C 190 -19.51 -82.96 -2.39
N TYR C 191 -18.78 -82.03 -1.80
CA TYR C 191 -17.58 -81.51 -2.45
C TYR C 191 -16.26 -82.08 -1.93
N ARG C 192 -16.37 -82.80 -0.81
CA ARG C 192 -15.23 -83.39 -0.10
C ARG C 192 -14.05 -83.86 -0.94
N GLU C 193 -14.32 -84.52 -2.06
CA GLU C 193 -13.25 -85.06 -2.88
C GLU C 193 -12.46 -84.09 -3.76
N LEU C 194 -12.97 -82.89 -4.02
CA LEU C 194 -12.26 -81.98 -4.91
C LEU C 194 -11.03 -81.42 -4.24
N ASP C 195 -9.90 -81.51 -4.94
CA ASP C 195 -8.61 -80.97 -4.47
C ASP C 195 -8.59 -79.44 -4.42
N ALA C 196 -9.40 -78.87 -3.54
CA ALA C 196 -9.45 -77.43 -3.36
C ALA C 196 -10.01 -77.13 -1.97
N PRO C 197 -9.60 -76.01 -1.39
CA PRO C 197 -10.04 -75.64 -0.05
C PRO C 197 -11.56 -75.54 0.06
N ILE C 198 -12.09 -75.93 1.21
CA ILE C 198 -13.50 -75.77 1.50
C ILE C 198 -13.59 -74.63 2.52
N ILE C 199 -14.36 -73.62 2.19
CA ILE C 199 -14.46 -72.42 2.99
C ILE C 199 -15.90 -72.19 3.42
N ARG C 200 -16.15 -72.33 4.72
CA ARG C 200 -17.49 -72.17 5.27
C ARG C 200 -17.64 -70.77 5.85
N LYS C 201 -18.67 -70.06 5.41
CA LYS C 201 -18.89 -68.70 5.85
C LYS C 201 -20.37 -68.52 6.10
N THR C 202 -20.76 -67.38 6.67
CA THR C 202 -22.17 -67.12 6.85
C THR C 202 -22.78 -66.86 5.49
N VAL C 203 -24.10 -67.03 5.38
CA VAL C 203 -24.77 -66.78 4.13
C VAL C 203 -24.41 -65.42 3.51
N GLU C 204 -24.55 -64.35 4.29
CA GLU C 204 -24.21 -63.03 3.77
C GLU C 204 -22.84 -62.98 3.12
N VAL C 205 -21.84 -63.49 3.82
CA VAL C 205 -20.48 -63.39 3.34
C VAL C 205 -20.21 -64.16 2.05
N ALA C 206 -20.77 -65.36 1.91
CA ALA C 206 -20.55 -66.15 0.69
C ALA C 206 -21.12 -65.37 -0.46
N GLU C 207 -22.23 -64.69 -0.18
CA GLU C 207 -22.86 -63.85 -1.17
C GLU C 207 -21.96 -62.69 -1.59
N MSE C 208 -21.33 -61.99 -0.64
CA MSE C 208 -20.42 -60.90 -1.01
C MSE C 208 -19.25 -61.47 -1.78
O MSE C 208 -18.79 -60.86 -2.75
CB MSE C 208 -19.88 -60.13 0.19
CG MSE C 208 -20.49 -58.75 0.44
SE MSE C 208 -20.70 -57.58 -1.07
CE MSE C 208 -19.17 -56.80 -1.05
N ILE C 209 -18.76 -62.62 -1.33
CA ILE C 209 -17.60 -63.23 -1.93
C ILE C 209 -17.79 -63.44 -3.42
N LYS C 210 -18.92 -64.01 -3.80
CA LYS C 210 -19.15 -64.29 -5.21
C LYS C 210 -19.23 -62.99 -5.99
N TYR C 211 -20.04 -62.06 -5.51
CA TYR C 211 -20.11 -60.76 -6.16
C TYR C 211 -18.73 -60.07 -6.29
N THR C 212 -17.91 -60.18 -5.25
CA THR C 212 -16.57 -59.59 -5.29
C THR C 212 -15.74 -60.23 -6.40
N CYS C 213 -15.81 -61.56 -6.50
CA CYS C 213 -15.10 -62.30 -7.53
C CYS C 213 -15.45 -61.81 -8.95
N ASN C 214 -16.73 -61.76 -9.28
CA ASN C 214 -17.10 -61.36 -10.64
C ASN C 214 -16.79 -59.89 -10.94
N VAL C 215 -16.80 -59.05 -9.92
CA VAL C 215 -16.52 -57.64 -10.13
C VAL C 215 -15.00 -57.46 -10.21
N TRP C 216 -14.27 -58.33 -9.51
CA TRP C 216 -12.83 -58.32 -9.61
C TRP C 216 -12.41 -58.72 -11.03
N HIS C 217 -13.11 -59.69 -11.61
CA HIS C 217 -12.75 -60.09 -12.96
C HIS C 217 -12.91 -58.89 -13.87
N ALA C 218 -14.07 -58.26 -13.79
CA ALA C 218 -14.36 -57.10 -14.62
C ALA C 218 -13.33 -56.01 -14.39
N ALA C 219 -12.88 -55.87 -13.15
CA ALA C 219 -11.90 -54.85 -12.86
C ALA C 219 -10.58 -55.18 -13.53
N LYS C 220 -10.21 -56.47 -13.51
CA LYS C 220 -8.96 -56.90 -14.13
C LYS C 220 -8.97 -56.56 -15.61
N VAL C 221 -9.96 -57.05 -16.33
CA VAL C 221 -10.01 -56.80 -17.76
C VAL C 221 -9.97 -55.31 -18.05
N THR C 222 -10.80 -54.56 -17.33
CA THR C 222 -10.88 -53.13 -17.55
C THR C 222 -9.49 -52.54 -17.44
N PHE C 223 -8.77 -52.90 -16.39
CA PHE C 223 -7.43 -52.40 -16.19
C PHE C 223 -6.61 -52.71 -17.41
N ALA C 224 -6.51 -53.99 -17.73
CA ALA C 224 -5.70 -54.38 -18.88
C ALA C 224 -6.04 -53.59 -20.15
N ASN C 225 -7.33 -53.33 -20.39
CA ASN C 225 -7.71 -52.60 -21.59
C ASN C 225 -7.23 -51.14 -21.60
N GLU C 226 -7.47 -50.43 -20.51
CA GLU C 226 -7.02 -49.06 -20.46
C GLU C 226 -5.49 -49.06 -20.62
N ILE C 227 -4.78 -49.88 -19.84
CA ILE C 227 -3.33 -49.93 -19.98
C ILE C 227 -2.97 -50.25 -21.42
N GLY C 228 -3.70 -51.17 -22.01
CA GLY C 228 -3.50 -51.49 -23.41
C GLY C 228 -3.72 -50.27 -24.28
N ASN C 229 -4.82 -49.55 -24.06
CA ASN C 229 -5.09 -48.37 -24.88
C ASN C 229 -3.99 -47.31 -24.76
N ILE C 230 -3.42 -47.14 -23.58
CA ILE C 230 -2.41 -46.11 -23.40
C ILE C 230 -1.13 -46.57 -24.05
N ALA C 231 -0.79 -47.84 -23.84
CA ALA C 231 0.43 -48.37 -24.42
C ALA C 231 0.46 -48.14 -25.92
N LYS C 232 -0.66 -48.42 -26.59
CA LYS C 232 -0.69 -48.25 -28.03
C LYS C 232 -0.35 -46.80 -28.39
N ALA C 233 -1.04 -45.88 -27.73
CA ALA C 233 -0.84 -44.46 -27.97
C ALA C 233 0.61 -44.04 -27.77
N VAL C 234 1.37 -44.76 -26.94
CA VAL C 234 2.77 -44.40 -26.79
C VAL C 234 3.64 -45.21 -27.72
N GLY C 235 3.02 -46.15 -28.45
CA GLY C 235 3.73 -46.91 -29.45
C GLY C 235 4.42 -48.18 -28.97
N VAL C 236 3.85 -48.85 -27.97
CA VAL C 236 4.41 -50.09 -27.48
C VAL C 236 3.28 -51.12 -27.46
N ASP C 237 3.62 -52.35 -27.11
CA ASP C 237 2.63 -53.40 -27.12
C ASP C 237 2.08 -53.64 -25.72
N GLY C 238 0.83 -53.23 -25.52
CA GLY C 238 0.22 -53.45 -24.23
C GLY C 238 0.31 -54.90 -23.75
N ARG C 239 0.37 -55.83 -24.70
CA ARG C 239 0.44 -57.26 -24.37
C ARG C 239 1.75 -57.61 -23.68
N GLU C 240 2.83 -57.16 -24.29
CA GLU C 240 4.16 -57.26 -23.71
C GLU C 240 4.17 -56.59 -22.34
N VAL C 241 3.56 -55.43 -22.24
CA VAL C 241 3.51 -54.73 -20.96
C VAL C 241 2.79 -55.57 -19.94
N MSE C 242 1.59 -56.01 -20.28
CA MSE C 242 0.76 -56.75 -19.33
C MSE C 242 1.30 -58.15 -19.00
O MSE C 242 0.94 -58.72 -17.97
CB MSE C 242 -0.73 -56.78 -19.74
CG MSE C 242 -1.44 -55.42 -19.67
SE MSE C 242 -1.59 -54.72 -17.95
CE MSE C 242 -2.27 -56.23 -17.03
N ASP C 243 2.15 -58.69 -19.86
CA ASP C 243 2.76 -59.98 -19.56
C ASP C 243 3.76 -59.79 -18.44
N VAL C 244 4.62 -58.80 -18.60
CA VAL C 244 5.61 -58.51 -17.58
C VAL C 244 4.93 -58.22 -16.22
N ILE C 245 3.83 -57.48 -16.23
CA ILE C 245 3.16 -57.21 -14.97
C ILE C 245 2.73 -58.52 -14.36
N CYS C 246 2.24 -59.42 -15.18
CA CYS C 246 1.77 -60.70 -14.66
C CYS C 246 2.90 -61.60 -14.13
N GLN C 247 4.15 -61.29 -14.43
CA GLN C 247 5.23 -62.16 -13.95
C GLN C 247 5.51 -61.94 -12.49
N ASP C 248 5.03 -60.81 -11.97
CA ASP C 248 5.23 -60.44 -10.59
C ASP C 248 4.16 -61.06 -9.66
N HIS C 249 4.50 -62.13 -8.98
CA HIS C 249 3.56 -62.77 -8.07
C HIS C 249 3.90 -62.41 -6.63
N LYS C 250 4.70 -61.37 -6.48
CA LYS C 250 5.12 -60.93 -5.18
C LYS C 250 4.31 -59.69 -4.77
N LEU C 251 4.08 -58.82 -5.74
CA LEU C 251 3.29 -57.60 -5.55
C LEU C 251 2.07 -57.49 -6.48
N ASN C 252 2.27 -57.70 -7.78
CA ASN C 252 1.14 -57.61 -8.73
C ASN C 252 0.03 -58.66 -8.51
N LEU C 253 0.36 -59.94 -8.54
CA LEU C 253 -0.67 -60.96 -8.40
C LEU C 253 -0.64 -61.66 -7.03
N SER C 254 -0.35 -60.89 -5.99
CA SER C 254 -0.33 -61.41 -4.65
C SER C 254 -1.41 -60.69 -3.87
N ARG C 255 -1.57 -61.05 -2.60
CA ARG C 255 -2.60 -60.40 -1.82
C ARG C 255 -2.19 -59.03 -1.33
N TYR C 256 -0.95 -58.62 -1.59
CA TYR C 256 -0.55 -57.30 -1.15
C TYR C 256 -1.39 -56.23 -1.87
N TYR C 257 -1.62 -55.10 -1.20
CA TYR C 257 -2.45 -54.02 -1.71
C TYR C 257 -3.92 -54.43 -1.76
N MSE C 258 -4.26 -55.61 -1.25
CA MSE C 258 -5.63 -56.07 -1.35
C MSE C 258 -6.35 -56.13 0.00
O MSE C 258 -7.33 -56.84 0.16
CB MSE C 258 -5.71 -57.41 -2.08
CG MSE C 258 -5.27 -57.34 -3.54
SE MSE C 258 -6.62 -56.63 -4.63
CE MSE C 258 -7.31 -58.25 -5.15
N ARG C 259 -5.86 -55.36 0.96
CA ARG C 259 -6.56 -55.31 2.23
C ARG C 259 -7.41 -54.04 2.32
N PRO C 260 -8.69 -54.19 2.61
CA PRO C 260 -9.58 -53.04 2.71
C PRO C 260 -9.07 -52.13 3.79
N GLY C 261 -8.94 -50.84 3.51
CA GLY C 261 -8.47 -49.89 4.50
C GLY C 261 -8.54 -48.42 4.13
N PHE C 262 -7.45 -47.71 4.43
CA PHE C 262 -7.37 -46.29 4.20
C PHE C 262 -6.87 -46.00 2.79
N ALA C 263 -6.89 -44.72 2.42
CA ALA C 263 -6.45 -44.31 1.11
C ALA C 263 -4.96 -44.59 0.93
N PHE C 264 -4.48 -44.59 -0.31
CA PHE C 264 -3.06 -44.73 -0.57
C PHE C 264 -2.41 -43.36 -0.63
N GLY C 265 -1.16 -43.28 -0.20
CA GLY C 265 -0.42 -42.03 -0.16
C GLY C 265 1.02 -42.31 -0.47
N GLY C 266 1.92 -41.41 -0.08
CA GLY C 266 3.32 -41.59 -0.40
C GLY C 266 3.72 -40.74 -1.58
N SER C 267 4.98 -40.84 -1.98
CA SER C 267 5.48 -40.05 -3.08
C SER C 267 5.68 -40.91 -4.30
N CYS C 268 4.65 -41.64 -4.69
CA CYS C 268 4.77 -42.55 -5.82
C CYS C 268 3.44 -42.90 -6.44
N LEU C 269 2.60 -43.57 -5.67
CA LEU C 269 1.30 -43.99 -6.17
C LEU C 269 0.43 -42.82 -6.63
N PRO C 270 0.29 -41.78 -5.83
CA PRO C 270 -0.55 -40.67 -6.29
C PRO C 270 0.16 -40.01 -7.48
N LYS C 271 1.45 -39.75 -7.36
CA LYS C 271 2.17 -39.09 -8.44
C LYS C 271 2.02 -39.85 -9.76
N ASP C 272 2.39 -41.12 -9.77
CA ASP C 272 2.35 -41.91 -10.99
C ASP C 272 0.95 -42.04 -11.59
N VAL C 273 -0.07 -42.12 -10.75
CA VAL C 273 -1.44 -42.19 -11.23
C VAL C 273 -1.82 -40.86 -11.90
N ARG C 274 -1.47 -39.74 -11.27
CA ARG C 274 -1.77 -38.44 -11.88
C ARG C 274 -0.98 -38.22 -13.16
N ALA C 275 0.17 -38.88 -13.29
CA ALA C 275 1.01 -38.69 -14.47
C ALA C 275 0.59 -39.55 -15.66
N LEU C 276 0.28 -40.81 -15.39
CA LEU C 276 -0.17 -41.68 -16.44
C LEU C 276 -1.47 -41.16 -17.05
N THR C 277 -2.43 -40.85 -16.18
CA THR C 277 -3.74 -40.37 -16.60
C THR C 277 -3.64 -39.03 -17.31
N TYR C 278 -2.61 -38.27 -16.96
CA TYR C 278 -2.39 -36.97 -17.58
C TYR C 278 -1.82 -37.21 -18.96
N ARG C 279 -0.86 -38.11 -19.04
CA ARG C 279 -0.29 -38.50 -20.32
C ARG C 279 -1.37 -39.10 -21.24
N ALA C 280 -2.12 -40.05 -20.72
CA ALA C 280 -3.22 -40.66 -21.44
C ALA C 280 -4.16 -39.59 -22.00
N SER C 281 -4.44 -38.57 -21.20
CA SER C 281 -5.31 -37.48 -21.59
C SER C 281 -4.71 -36.66 -22.71
N GLN C 282 -3.40 -36.45 -22.65
CA GLN C 282 -2.70 -35.68 -23.67
C GLN C 282 -2.76 -36.43 -25.00
N LEU C 283 -2.82 -37.75 -24.95
CA LEU C 283 -2.91 -38.58 -26.15
C LEU C 283 -4.35 -38.83 -26.60
N ASP C 284 -5.29 -38.16 -25.94
CA ASP C 284 -6.70 -38.31 -26.24
C ASP C 284 -7.27 -39.69 -25.90
N VAL C 285 -6.61 -40.41 -25.01
CA VAL C 285 -7.09 -41.73 -24.63
C VAL C 285 -8.00 -41.68 -23.41
N GLU C 286 -9.28 -41.96 -23.60
CA GLU C 286 -10.24 -41.97 -22.48
C GLU C 286 -9.83 -43.06 -21.50
N HIS C 287 -10.05 -42.83 -20.22
CA HIS C 287 -9.59 -43.79 -19.22
C HIS C 287 -10.42 -43.76 -17.94
N PRO C 288 -11.72 -44.02 -18.07
CA PRO C 288 -12.65 -43.93 -16.95
C PRO C 288 -12.13 -44.56 -15.67
N MSE C 289 -11.67 -45.82 -15.70
CA MSE C 289 -11.17 -46.48 -14.49
C MSE C 289 -9.98 -45.77 -13.89
O MSE C 289 -10.08 -45.22 -12.78
CB MSE C 289 -10.84 -47.96 -14.74
CG MSE C 289 -10.17 -48.68 -13.54
SE MSE C 289 -10.25 -50.61 -13.80
CE MSE C 289 -8.93 -51.11 -12.76
N LEU C 290 -8.84 -45.77 -14.59
CA LEU C 290 -7.65 -45.09 -14.10
C LEU C 290 -8.01 -43.69 -13.64
N GLY C 291 -8.83 -43.02 -14.44
CA GLY C 291 -9.25 -41.68 -14.14
C GLY C 291 -10.19 -41.56 -12.95
N SER C 292 -10.49 -42.64 -12.25
CA SER C 292 -11.35 -42.52 -11.08
C SER C 292 -10.62 -42.85 -9.78
N LEU C 293 -9.40 -43.37 -9.92
CA LEU C 293 -8.61 -43.78 -8.77
C LEU C 293 -8.50 -42.70 -7.74
N MSE C 294 -7.90 -41.57 -8.11
CA MSE C 294 -7.72 -40.48 -7.15
C MSE C 294 -9.05 -40.02 -6.50
O MSE C 294 -9.07 -39.65 -5.31
CB MSE C 294 -6.97 -39.31 -7.80
CG MSE C 294 -5.59 -39.67 -8.36
SE MSE C 294 -4.46 -40.65 -7.19
CE MSE C 294 -4.39 -39.43 -5.85
N ARG C 295 -10.13 -40.04 -7.26
CA ARG C 295 -11.37 -39.53 -6.70
C ARG C 295 -11.79 -40.49 -5.63
N SER C 296 -11.60 -41.78 -5.89
CA SER C 296 -11.91 -42.79 -4.90
C SER C 296 -10.96 -42.71 -3.72
N ASN C 297 -9.68 -42.45 -3.97
CA ASN C 297 -8.73 -42.30 -2.87
C ASN C 297 -9.13 -41.18 -1.95
N SER C 298 -9.61 -40.05 -2.49
CA SER C 298 -10.09 -38.94 -1.63
C SER C 298 -11.32 -39.32 -0.81
N ASN C 299 -12.26 -40.01 -1.44
CA ASN C 299 -13.46 -40.38 -0.75
C ASN C 299 -13.11 -41.13 0.55
N GLN C 300 -12.13 -42.00 0.47
CA GLN C 300 -11.72 -42.76 1.63
C GLN C 300 -11.22 -41.83 2.73
N VAL C 301 -10.52 -40.75 2.37
CA VAL C 301 -10.12 -39.83 3.40
C VAL C 301 -11.36 -39.19 4.00
N GLN C 302 -12.28 -38.73 3.16
CA GLN C 302 -13.52 -38.14 3.65
C GLN C 302 -14.26 -39.13 4.55
N LYS C 303 -14.25 -40.40 4.16
CA LYS C 303 -14.91 -41.41 4.98
C LYS C 303 -14.29 -41.54 6.38
N ALA C 304 -12.97 -41.58 6.48
CA ALA C 304 -12.41 -41.66 7.82
C ALA C 304 -12.84 -40.44 8.63
N PHE C 305 -12.82 -39.26 8.01
CA PHE C 305 -13.19 -38.03 8.70
C PHE C 305 -14.59 -38.15 9.28
N ASP C 306 -15.55 -38.59 8.46
CA ASP C 306 -16.93 -38.70 8.92
C ASP C 306 -17.07 -39.70 10.07
N LEU C 307 -16.30 -40.77 10.04
CA LEU C 307 -16.33 -41.76 11.11
C LEU C 307 -15.79 -41.12 12.39
N ILE C 308 -14.62 -40.52 12.31
CA ILE C 308 -13.97 -39.91 13.47
C ILE C 308 -14.75 -38.74 14.09
N THR C 309 -15.58 -38.13 13.28
CA THR C 309 -16.23 -36.88 13.62
C THR C 309 -17.66 -37.06 14.12
N SER C 310 -18.05 -38.32 14.27
CA SER C 310 -19.44 -38.63 14.62
C SER C 310 -19.62 -39.00 16.08
N HIS C 311 -18.87 -38.37 16.98
CA HIS C 311 -18.95 -38.81 18.36
C HIS C 311 -19.21 -37.74 19.41
N ASP C 312 -19.62 -36.55 18.99
CA ASP C 312 -19.91 -35.48 19.94
C ASP C 312 -18.71 -35.26 20.87
N THR C 313 -17.54 -35.08 20.26
CA THR C 313 -16.32 -34.75 20.99
C THR C 313 -15.24 -34.27 20.05
N ARG C 314 -14.52 -33.24 20.47
CA ARG C 314 -13.46 -32.66 19.66
C ARG C 314 -12.10 -33.26 19.96
N LYS C 315 -12.03 -34.14 20.96
CA LYS C 315 -10.75 -34.72 21.37
C LYS C 315 -10.31 -35.99 20.59
N VAL C 316 -9.49 -35.78 19.56
CA VAL C 316 -9.02 -36.88 18.70
C VAL C 316 -7.52 -37.13 18.81
N GLY C 317 -7.17 -38.38 19.04
CA GLY C 317 -5.77 -38.79 19.12
C GLY C 317 -5.47 -39.67 17.94
N LEU C 318 -4.56 -39.21 17.08
CA LEU C 318 -4.25 -39.91 15.83
C LEU C 318 -2.91 -40.68 15.85
N LEU C 319 -3.01 -42.00 15.71
CA LEU C 319 -1.83 -42.87 15.74
C LEU C 319 -1.23 -43.16 14.36
N GLY C 320 -0.08 -42.55 14.06
CA GLY C 320 0.51 -42.72 12.75
C GLY C 320 0.31 -41.47 11.93
N LEU C 321 1.41 -40.94 11.41
CA LEU C 321 1.36 -39.70 10.65
C LEU C 321 1.99 -39.91 9.30
N SER C 322 3.06 -40.70 9.25
CA SER C 322 3.72 -40.94 7.97
C SER C 322 2.88 -41.86 7.12
N PHE C 323 3.04 -41.80 5.80
CA PHE C 323 2.18 -42.57 4.90
C PHE C 323 2.20 -44.06 5.19
N LYS C 324 3.31 -44.58 5.68
CA LYS C 324 3.27 -45.94 6.17
C LYS C 324 4.20 -46.15 7.33
N ALA C 325 3.94 -47.20 8.10
CA ALA C 325 4.73 -47.49 9.26
C ALA C 325 6.12 -47.88 8.79
N GLY C 326 7.12 -47.61 9.62
CA GLY C 326 8.48 -47.99 9.29
C GLY C 326 9.22 -46.91 8.54
N THR C 327 8.55 -45.79 8.31
CA THR C 327 9.19 -44.75 7.52
C THR C 327 8.72 -43.41 8.00
N ASP C 328 9.53 -42.38 7.79
CA ASP C 328 9.15 -41.05 8.24
C ASP C 328 8.56 -40.25 7.07
N ASP C 329 8.42 -40.91 5.93
CA ASP C 329 7.92 -40.25 4.72
C ASP C 329 6.52 -39.66 4.89
N LEU C 330 6.43 -38.33 4.84
CA LEU C 330 5.14 -37.66 5.02
C LEU C 330 4.56 -37.18 3.70
N ARG C 331 5.24 -37.46 2.61
CA ARG C 331 4.79 -36.99 1.29
C ARG C 331 3.42 -37.55 0.94
N GLU C 332 2.49 -36.64 0.69
CA GLU C 332 1.14 -37.04 0.33
C GLU C 332 0.65 -38.11 1.25
N SER C 333 0.91 -37.94 2.54
CA SER C 333 0.37 -38.88 3.50
C SER C 333 -1.10 -38.55 3.79
N PRO C 334 -1.96 -39.53 3.61
CA PRO C 334 -3.41 -39.36 3.81
C PRO C 334 -3.68 -39.10 5.28
N LEU C 335 -2.74 -39.49 6.12
CA LEU C 335 -2.87 -39.22 7.53
C LEU C 335 -2.69 -37.72 7.75
N VAL C 336 -1.75 -37.11 7.01
CA VAL C 336 -1.57 -35.67 7.13
C VAL C 336 -2.79 -34.94 6.58
N GLU C 337 -3.37 -35.47 5.52
CA GLU C 337 -4.59 -34.89 4.96
C GLU C 337 -5.70 -34.91 6.01
N LEU C 338 -5.92 -36.08 6.59
CA LEU C 338 -6.94 -36.27 7.62
C LEU C 338 -6.73 -35.29 8.75
N ALA C 339 -5.50 -35.25 9.24
CA ALA C 339 -5.08 -34.32 10.28
C ALA C 339 -5.45 -32.88 9.93
N GLU C 340 -5.02 -32.41 8.77
CA GLU C 340 -5.32 -31.04 8.36
C GLU C 340 -6.82 -30.77 8.30
N MSE C 341 -7.60 -31.78 7.90
CA MSE C 341 -9.04 -31.65 7.90
C MSE C 341 -9.57 -31.45 9.34
O MSE C 341 -10.42 -30.59 9.58
CB MSE C 341 -9.71 -32.87 7.27
CG MSE C 341 -9.50 -32.98 5.78
SE MSE C 341 -10.08 -34.71 5.11
CE MSE C 341 -11.78 -34.40 5.13
N LEU C 342 -9.05 -32.25 10.26
CA LEU C 342 -9.46 -32.17 11.66
C LEU C 342 -9.20 -30.79 12.25
N ILE C 343 -7.98 -30.28 12.06
CA ILE C 343 -7.61 -28.98 12.58
C ILE C 343 -8.50 -27.92 11.96
N GLY C 344 -8.55 -27.95 10.64
CA GLY C 344 -9.33 -26.98 9.91
C GLY C 344 -10.76 -26.94 10.37
N LYS C 345 -11.25 -28.08 10.84
CA LYS C 345 -12.63 -28.12 11.28
C LYS C 345 -12.77 -27.93 12.80
N GLY C 346 -11.65 -27.56 13.43
CA GLY C 346 -11.62 -27.24 14.84
C GLY C 346 -11.34 -28.36 15.83
N TYR C 347 -10.75 -29.47 15.42
CA TYR C 347 -10.58 -30.54 16.39
C TYR C 347 -9.35 -30.42 17.27
N GLU C 348 -9.43 -31.00 18.46
CA GLU C 348 -8.31 -30.97 19.40
C GLU C 348 -7.54 -32.26 19.16
N LEU C 349 -6.51 -32.16 18.32
CA LEU C 349 -5.77 -33.30 17.84
C LEU C 349 -4.43 -33.52 18.52
N ARG C 350 -4.15 -34.77 18.86
CA ARG C 350 -2.83 -35.15 19.38
C ARG C 350 -2.32 -36.25 18.48
N ILE C 351 -1.07 -36.17 18.07
CA ILE C 351 -0.56 -37.11 17.10
C ILE C 351 0.65 -37.85 17.63
N PHE C 352 0.69 -39.14 17.36
CA PHE C 352 1.80 -39.96 17.74
C PHE C 352 2.39 -40.62 16.50
N ASP C 353 3.70 -40.50 16.35
CA ASP C 353 4.37 -41.16 15.25
C ASP C 353 5.83 -41.25 15.60
N ARG C 354 6.22 -42.38 16.18
CA ARG C 354 7.60 -42.52 16.65
C ARG C 354 8.62 -42.22 15.57
N ASN C 355 8.39 -42.70 14.35
CA ASN C 355 9.31 -42.46 13.25
C ASN C 355 9.49 -40.97 12.92
N VAL C 356 8.39 -40.24 12.92
CA VAL C 356 8.46 -38.82 12.61
C VAL C 356 9.20 -38.10 13.71
N GLU C 357 8.96 -38.48 14.96
CA GLU C 357 9.70 -37.91 16.08
C GLU C 357 11.17 -38.18 15.88
N TYR C 358 11.51 -39.43 15.61
CA TYR C 358 12.90 -39.77 15.38
C TYR C 358 13.47 -38.81 14.38
N ALA C 359 12.74 -38.60 13.29
CA ALA C 359 13.18 -37.72 12.21
C ALA C 359 13.46 -36.31 12.69
N ARG C 360 12.54 -35.73 13.44
CA ARG C 360 12.71 -34.37 13.97
C ARG C 360 14.13 -34.06 14.47
N VAL C 361 14.91 -35.08 14.76
CA VAL C 361 16.26 -34.85 15.28
C VAL C 361 17.35 -35.78 14.72
N HIS C 362 17.12 -36.37 13.55
CA HIS C 362 18.09 -37.31 12.97
C HIS C 362 18.01 -37.44 11.44
N GLY C 363 17.16 -36.66 10.80
CA GLY C 363 16.98 -36.81 9.36
C GLY C 363 17.17 -35.56 8.52
N ALA C 364 17.06 -35.74 7.20
CA ALA C 364 17.20 -34.64 6.27
C ALA C 364 15.84 -34.07 5.87
N ASN C 365 14.85 -34.32 6.70
CA ASN C 365 13.50 -33.80 6.47
C ASN C 365 13.21 -32.73 7.51
N LYS C 366 14.17 -32.54 8.42
CA LYS C 366 14.09 -31.54 9.48
C LYS C 366 13.37 -30.25 9.06
N GLU C 367 13.79 -29.68 7.94
CA GLU C 367 13.17 -28.46 7.44
C GLU C 367 11.67 -28.61 7.31
N TYR C 368 11.26 -29.32 6.26
CA TYR C 368 9.86 -29.62 5.93
C TYR C 368 8.93 -29.81 7.14
N ILE C 369 9.35 -30.60 8.12
CA ILE C 369 8.52 -30.84 9.31
C ILE C 369 8.30 -29.56 10.11
N GLU C 370 9.37 -28.78 10.27
CA GLU C 370 9.29 -27.53 11.02
C GLU C 370 8.91 -26.35 10.12
N SER C 371 8.93 -26.53 8.81
CA SER C 371 8.65 -25.39 7.95
C SER C 371 7.42 -25.52 7.05
N LYS C 372 7.24 -26.66 6.39
CA LYS C 372 6.10 -26.82 5.49
C LYS C 372 4.80 -27.23 6.20
N ILE C 373 4.92 -27.83 7.39
CA ILE C 373 3.74 -28.29 8.12
C ILE C 373 3.80 -28.08 9.60
N PRO C 374 4.21 -26.88 10.02
CA PRO C 374 4.29 -26.56 11.44
C PRO C 374 2.99 -26.84 12.16
N HIS C 375 1.87 -26.45 11.54
CA HIS C 375 0.56 -26.63 12.15
C HIS C 375 0.23 -28.10 12.49
N VAL C 376 0.83 -29.02 11.77
CA VAL C 376 0.60 -30.43 12.03
C VAL C 376 1.64 -30.95 13.01
N SER C 377 2.90 -30.91 12.61
CA SER C 377 3.98 -31.44 13.46
C SER C 377 4.03 -30.90 14.89
N SER C 378 3.55 -29.69 15.12
CA SER C 378 3.58 -29.12 16.47
C SER C 378 2.61 -29.83 17.38
N LEU C 379 1.70 -30.58 16.77
CA LEU C 379 0.69 -31.29 17.53
C LEU C 379 1.15 -32.68 17.91
N LEU C 380 2.41 -33.01 17.57
CA LEU C 380 2.98 -34.30 17.90
C LEU C 380 3.26 -34.42 19.39
N VAL C 381 2.90 -35.57 19.95
CA VAL C 381 3.12 -35.86 21.34
C VAL C 381 3.94 -37.13 21.39
N SER C 382 5.17 -37.05 21.90
CA SER C 382 6.08 -38.20 21.92
C SER C 382 5.68 -39.36 22.84
N ASP C 383 4.78 -39.10 23.79
CA ASP C 383 4.35 -40.13 24.76
C ASP C 383 2.98 -40.77 24.41
N LEU C 384 3.02 -41.95 23.81
CA LEU C 384 1.80 -42.68 23.41
C LEU C 384 0.77 -42.76 24.51
N ASP C 385 1.21 -43.06 25.71
CA ASP C 385 0.27 -43.17 26.82
C ASP C 385 -0.40 -41.83 27.01
N GLU C 386 0.32 -40.74 26.77
CA GLU C 386 -0.29 -39.41 26.98
C GLU C 386 -1.36 -39.08 25.92
N VAL C 387 -1.10 -39.43 24.66
CA VAL C 387 -2.06 -39.26 23.58
C VAL C 387 -3.34 -40.07 23.86
N VAL C 388 -3.19 -41.23 24.48
CA VAL C 388 -4.36 -42.03 24.78
C VAL C 388 -5.18 -41.49 25.94
N ALA C 389 -4.52 -41.20 27.04
CA ALA C 389 -5.23 -40.73 28.24
C ALA C 389 -6.06 -39.48 27.98
N SER C 390 -5.51 -38.54 27.21
CA SER C 390 -6.20 -37.27 27.08
C SER C 390 -7.04 -37.13 25.82
N SER C 391 -7.24 -38.22 25.08
CA SER C 391 -8.10 -38.17 23.89
C SER C 391 -9.35 -38.99 24.12
N ASP C 392 -10.38 -38.74 23.31
CA ASP C 392 -11.61 -39.51 23.37
C ASP C 392 -11.66 -40.49 22.21
N VAL C 393 -11.17 -40.05 21.05
CA VAL C 393 -11.18 -40.90 19.88
C VAL C 393 -9.77 -41.26 19.43
N LEU C 394 -9.49 -42.55 19.48
CA LEU C 394 -8.21 -43.07 19.06
C LEU C 394 -8.39 -43.63 17.67
N VAL C 395 -7.51 -43.23 16.77
CA VAL C 395 -7.61 -43.65 15.38
C VAL C 395 -6.34 -44.34 14.94
N LEU C 396 -6.43 -45.62 14.60
CA LEU C 396 -5.25 -46.32 14.11
C LEU C 396 -5.06 -45.92 12.66
N GLY C 397 -4.03 -45.12 12.41
CA GLY C 397 -3.79 -44.54 11.10
C GLY C 397 -2.88 -45.31 10.16
N ASN C 398 -1.93 -46.05 10.71
CA ASN C 398 -1.05 -46.87 9.89
C ASN C 398 -0.59 -48.15 10.61
N GLY C 399 0.09 -49.03 9.91
CA GLY C 399 0.40 -50.33 10.46
C GLY C 399 1.52 -50.50 11.46
N ASP C 400 1.68 -49.57 12.40
CA ASP C 400 2.74 -49.74 13.40
C ASP C 400 2.41 -50.90 14.34
N GLU C 401 3.42 -51.73 14.61
CA GLU C 401 3.32 -52.87 15.54
C GLU C 401 2.96 -52.43 16.97
N LEU C 402 3.39 -51.25 17.37
CA LEU C 402 3.08 -50.72 18.70
C LEU C 402 1.59 -50.56 18.93
N PHE C 403 0.82 -50.46 17.85
CA PHE C 403 -0.62 -50.20 17.97
C PHE C 403 -1.41 -51.45 18.30
N VAL C 404 -0.84 -52.62 18.02
CA VAL C 404 -1.51 -53.87 18.34
C VAL C 404 -1.91 -53.90 19.81
N ASP C 405 -0.95 -53.66 20.70
CA ASP C 405 -1.26 -53.63 22.13
C ASP C 405 -2.42 -52.70 22.43
N LEU C 406 -2.29 -51.45 22.01
CA LEU C 406 -3.37 -50.51 22.26
C LEU C 406 -4.72 -51.08 21.86
N VAL C 407 -4.75 -51.81 20.75
CA VAL C 407 -6.01 -52.34 20.24
C VAL C 407 -6.52 -53.50 21.09
N ASN C 408 -5.67 -54.05 21.95
CA ASN C 408 -6.09 -55.14 22.82
C ASN C 408 -5.95 -54.76 24.29
N LYS C 409 -5.70 -53.48 24.54
CA LYS C 409 -5.45 -53.01 25.88
C LYS C 409 -6.08 -51.65 26.01
N THR C 410 -7.14 -51.46 25.23
CA THR C 410 -7.83 -50.19 25.19
C THR C 410 -8.54 -49.94 26.50
N PRO C 411 -8.25 -48.82 27.13
CA PRO C 411 -8.92 -48.48 28.39
C PRO C 411 -10.35 -48.12 28.08
N SER C 412 -11.19 -48.22 29.10
CA SER C 412 -12.58 -47.86 28.98
C SER C 412 -12.63 -46.39 28.68
N GLY C 413 -13.79 -45.92 28.24
CA GLY C 413 -13.99 -44.53 27.97
C GLY C 413 -13.28 -43.96 26.77
N LYS C 414 -12.93 -44.79 25.79
CA LYS C 414 -12.24 -44.33 24.60
C LYS C 414 -12.87 -44.99 23.38
N LYS C 415 -13.07 -44.25 22.29
CA LYS C 415 -13.63 -44.84 21.08
C LYS C 415 -12.48 -45.21 20.17
N LEU C 416 -12.66 -46.22 19.33
CA LEU C 416 -11.59 -46.61 18.44
C LEU C 416 -12.08 -46.55 17.03
N VAL C 417 -11.29 -45.92 16.18
CA VAL C 417 -11.62 -45.90 14.77
C VAL C 417 -10.47 -46.51 14.01
N ASP C 418 -10.61 -47.78 13.66
CA ASP C 418 -9.57 -48.55 12.99
C ASP C 418 -9.58 -48.29 11.49
N LEU C 419 -8.46 -47.81 10.97
CA LEU C 419 -8.39 -47.53 9.56
C LEU C 419 -7.45 -48.47 8.81
N VAL C 420 -6.87 -49.46 9.50
CA VAL C 420 -5.96 -50.38 8.81
C VAL C 420 -6.21 -51.84 9.10
N GLY C 421 -7.01 -52.18 10.11
CA GLY C 421 -7.33 -53.57 10.35
C GLY C 421 -6.76 -54.29 11.57
N PHE C 422 -6.35 -53.53 12.58
CA PHE C 422 -5.86 -54.15 13.80
C PHE C 422 -7.00 -54.93 14.49
N MSE C 423 -8.20 -54.37 14.46
CA MSE C 423 -9.34 -54.98 15.17
C MSE C 423 -9.54 -56.45 14.84
O MSE C 423 -9.64 -56.83 13.68
CB MSE C 423 -10.63 -54.21 14.86
CG MSE C 423 -10.73 -52.87 15.54
SE MSE C 423 -12.20 -51.88 14.86
CE MSE C 423 -13.54 -53.09 15.34
N PRO C 424 -9.61 -57.26 15.88
CA PRO C 424 -9.83 -58.72 15.72
C PRO C 424 -11.24 -59.04 15.19
N HIS C 425 -12.21 -58.21 15.51
CA HIS C 425 -13.54 -58.52 14.99
C HIS C 425 -14.29 -57.34 14.37
N THR C 426 -15.58 -57.49 14.11
CA THR C 426 -16.33 -56.45 13.44
C THR C 426 -16.57 -55.26 14.35
N THR C 427 -17.14 -54.18 13.82
CA THR C 427 -17.39 -53.02 14.68
C THR C 427 -18.46 -53.23 15.74
N THR C 428 -18.34 -52.43 16.80
CA THR C 428 -19.26 -52.45 17.93
C THR C 428 -19.59 -51.01 18.25
N ALA C 429 -20.19 -50.73 19.40
CA ALA C 429 -20.52 -49.34 19.76
C ALA C 429 -19.28 -48.56 20.07
N GLN C 430 -18.19 -49.27 20.38
CA GLN C 430 -16.94 -48.60 20.74
C GLN C 430 -15.80 -48.69 19.74
N ALA C 431 -15.65 -49.81 19.08
CA ALA C 431 -14.55 -49.98 18.15
C ALA C 431 -15.15 -50.07 16.78
N GLU C 432 -14.60 -49.32 15.83
CA GLU C 432 -15.18 -49.36 14.48
C GLU C 432 -14.13 -49.35 13.39
N GLY C 433 -14.29 -50.25 12.43
CA GLY C 433 -13.38 -50.30 11.31
C GLY C 433 -13.96 -49.50 10.16
N ILE C 434 -13.11 -49.15 9.21
CA ILE C 434 -13.56 -48.39 8.06
C ILE C 434 -14.25 -49.31 7.04
N CYS C 435 -13.90 -50.60 7.03
CA CYS C 435 -14.54 -51.53 6.10
C CYS C 435 -14.94 -52.82 6.79
N TRP C 436 -15.25 -52.71 8.07
CA TRP C 436 -15.70 -53.86 8.85
C TRP C 436 -16.34 -53.30 10.09
N MSE D 1 32.61 -53.30 -9.70
CA MSE D 1 32.40 -52.16 -10.63
C MSE D 1 32.44 -50.84 -9.86
O MSE D 1 32.11 -50.78 -8.67
CB MSE D 1 31.06 -52.28 -11.37
CG MSE D 1 30.94 -53.51 -12.28
SE MSE D 1 29.27 -53.52 -13.28
CE MSE D 1 29.07 -51.75 -13.35
N ARG D 2 32.82 -49.79 -10.58
CA ARG D 2 32.84 -48.44 -10.04
C ARG D 2 31.51 -47.80 -10.44
N ILE D 3 30.61 -47.66 -9.48
CA ILE D 3 29.29 -47.11 -9.76
C ILE D 3 29.06 -45.80 -9.05
N SER D 4 28.46 -44.84 -9.75
CA SER D 4 28.08 -43.58 -9.14
C SER D 4 26.57 -43.57 -9.10
N ILE D 5 26.00 -43.01 -8.05
CA ILE D 5 24.56 -42.96 -7.92
C ILE D 5 24.08 -41.55 -7.65
N PHE D 6 23.40 -40.95 -8.63
CA PHE D 6 22.89 -39.59 -8.47
C PHE D 6 21.54 -39.57 -7.82
N GLY D 7 21.43 -38.79 -6.74
CA GLY D 7 20.20 -38.65 -5.99
C GLY D 7 20.25 -39.62 -4.84
N LEU D 8 20.40 -39.12 -3.64
CA LEU D 8 20.49 -40.01 -2.49
C LEU D 8 19.24 -40.00 -1.64
N GLY D 9 18.09 -40.18 -2.28
CA GLY D 9 16.84 -40.32 -1.55
C GLY D 9 16.67 -41.78 -1.15
N TYR D 10 15.46 -42.14 -0.75
CA TYR D 10 15.18 -43.51 -0.33
C TYR D 10 15.68 -44.52 -1.36
N VAL D 11 15.39 -44.29 -2.64
CA VAL D 11 15.80 -45.22 -3.69
C VAL D 11 17.29 -45.19 -3.89
N GLY D 12 17.88 -44.00 -3.78
CA GLY D 12 19.30 -43.83 -4.01
C GLY D 12 20.19 -44.43 -2.95
N ALA D 13 19.91 -44.06 -1.69
CA ALA D 13 20.71 -44.51 -0.57
C ALA D 13 20.75 -46.02 -0.47
N VAL D 14 19.58 -46.63 -0.60
CA VAL D 14 19.47 -48.08 -0.55
C VAL D 14 20.36 -48.75 -1.61
N CYS D 15 20.32 -48.24 -2.83
CA CYS D 15 21.17 -48.78 -3.89
C CYS D 15 22.62 -48.71 -3.45
N ALA D 16 23.05 -47.50 -3.10
CA ALA D 16 24.41 -47.26 -2.64
C ALA D 16 24.83 -48.34 -1.66
N GLY D 17 24.09 -48.42 -0.56
CA GLY D 17 24.34 -49.41 0.47
C GLY D 17 24.37 -50.85 -0.03
N CYS D 18 23.31 -51.28 -0.68
CA CYS D 18 23.25 -52.64 -1.18
C CYS D 18 24.34 -52.87 -2.22
N LEU D 19 24.45 -51.95 -3.17
CA LEU D 19 25.47 -52.08 -4.18
C LEU D 19 26.84 -52.21 -3.52
N SER D 20 27.12 -51.36 -2.54
CA SER D 20 28.41 -51.44 -1.88
C SER D 20 28.55 -52.72 -1.09
N ALA D 21 27.44 -53.26 -0.61
CA ALA D 21 27.51 -54.50 0.17
C ALA D 21 27.89 -55.71 -0.69
N ARG D 22 27.95 -55.53 -1.99
CA ARG D 22 28.19 -56.68 -2.85
C ARG D 22 29.54 -56.62 -3.54
N GLY D 23 30.45 -55.81 -3.03
CA GLY D 23 31.78 -55.72 -3.59
C GLY D 23 32.02 -54.48 -4.42
N HIS D 24 30.96 -53.85 -4.90
CA HIS D 24 31.13 -52.67 -5.74
C HIS D 24 31.65 -51.44 -5.02
N GLU D 25 32.38 -50.61 -5.76
CA GLU D 25 32.87 -49.33 -5.27
C GLU D 25 31.78 -48.34 -5.61
N VAL D 26 31.21 -47.69 -4.60
CA VAL D 26 30.10 -46.81 -4.88
C VAL D 26 30.36 -45.36 -4.51
N ILE D 27 30.05 -44.47 -5.44
CA ILE D 27 30.14 -43.05 -5.14
C ILE D 27 28.77 -42.44 -5.20
N GLY D 28 28.28 -42.02 -4.03
CA GLY D 28 26.98 -41.37 -3.92
C GLY D 28 27.09 -39.92 -4.33
N VAL D 29 26.09 -39.41 -5.03
CA VAL D 29 26.13 -38.04 -5.50
C VAL D 29 24.82 -37.32 -5.23
N ASP D 30 24.91 -36.09 -4.73
CA ASP D 30 23.73 -35.29 -4.44
C ASP D 30 24.05 -33.79 -4.33
N VAL D 31 23.04 -32.96 -4.54
CA VAL D 31 23.22 -31.52 -4.40
C VAL D 31 23.33 -31.11 -2.93
N SER D 32 22.83 -31.95 -2.05
CA SER D 32 22.82 -31.63 -0.62
C SER D 32 24.13 -31.92 0.07
N SER D 33 24.77 -30.88 0.58
CA SER D 33 26.02 -31.03 1.31
C SER D 33 25.71 -31.78 2.60
N THR D 34 24.46 -31.66 3.04
CA THR D 34 24.01 -32.28 4.27
C THR D 34 23.81 -33.78 4.09
N LYS D 35 23.32 -34.19 2.93
CA LYS D 35 23.14 -35.62 2.65
C LYS D 35 24.51 -36.26 2.48
N ILE D 36 25.36 -35.62 1.70
CA ILE D 36 26.71 -36.14 1.48
C ILE D 36 27.49 -36.24 2.81
N ASP D 37 27.30 -35.28 3.70
CA ASP D 37 27.98 -35.30 4.99
C ASP D 37 27.54 -36.48 5.86
N LEU D 38 26.23 -36.73 5.89
CA LEU D 38 25.72 -37.86 6.66
C LEU D 38 26.19 -39.18 6.05
N ILE D 39 26.39 -39.21 4.73
CA ILE D 39 26.77 -40.46 4.09
C ILE D 39 28.24 -40.78 4.28
N ASN D 40 29.08 -39.75 4.40
CA ASN D 40 30.49 -39.99 4.62
C ASN D 40 30.70 -40.37 6.09
N GLN D 41 29.70 -40.05 6.92
CA GLN D 41 29.71 -40.45 8.31
C GLN D 41 28.90 -41.75 8.47
N GLY D 42 28.64 -42.41 7.35
CA GLY D 42 27.93 -43.67 7.34
C GLY D 42 26.53 -43.62 7.93
N LYS D 43 25.89 -42.46 7.82
CA LYS D 43 24.56 -42.29 8.41
C LYS D 43 23.43 -42.14 7.39
N SER D 44 22.24 -42.54 7.81
CA SER D 44 21.06 -42.51 6.96
C SER D 44 20.32 -41.20 7.14
N PRO D 45 20.02 -40.53 6.04
CA PRO D 45 19.29 -39.27 6.08
C PRO D 45 17.82 -39.57 6.35
N ILE D 46 17.43 -40.81 6.07
CA ILE D 46 16.05 -41.24 6.18
C ILE D 46 15.85 -42.43 7.12
N VAL D 47 14.58 -42.65 7.49
CA VAL D 47 14.24 -43.78 8.34
C VAL D 47 13.89 -44.97 7.46
N GLU D 48 14.87 -45.85 7.28
CA GLU D 48 14.70 -47.04 6.48
C GLU D 48 15.43 -48.17 7.19
N PRO D 49 14.67 -49.16 7.68
CA PRO D 49 15.25 -50.29 8.43
C PRO D 49 16.47 -50.90 7.74
N GLY D 50 17.55 -51.08 8.51
CA GLY D 50 18.77 -51.69 8.02
C GLY D 50 19.64 -50.81 7.15
N LEU D 51 19.16 -49.62 6.83
CA LEU D 51 19.92 -48.73 5.96
C LEU D 51 21.19 -48.27 6.65
N GLU D 52 21.05 -47.62 7.80
CA GLU D 52 22.20 -47.08 8.53
C GLU D 52 23.36 -48.07 8.66
N ALA D 53 23.04 -49.30 9.05
CA ALA D 53 24.04 -50.33 9.20
C ALA D 53 24.74 -50.55 7.87
N LEU D 54 23.97 -50.66 6.79
CA LEU D 54 24.57 -50.84 5.47
C LEU D 54 25.58 -49.73 5.21
N LEU D 55 25.10 -48.49 5.26
CA LEU D 55 25.97 -47.35 5.03
C LEU D 55 27.24 -47.44 5.85
N GLN D 56 27.09 -47.69 7.15
CA GLN D 56 28.25 -47.86 8.01
C GLN D 56 29.23 -48.84 7.36
N GLN D 57 28.78 -50.06 7.11
CA GLN D 57 29.62 -51.05 6.47
C GLN D 57 30.40 -50.43 5.30
N GLY D 58 29.68 -49.78 4.40
CA GLY D 58 30.28 -49.16 3.23
C GLY D 58 31.51 -48.31 3.52
N ARG D 59 31.39 -47.38 4.47
CA ARG D 59 32.50 -46.53 4.86
C ARG D 59 33.62 -47.37 5.43
N GLN D 60 33.28 -48.21 6.39
CA GLN D 60 34.26 -49.05 7.06
C GLN D 60 35.04 -49.92 6.09
N THR D 61 34.46 -50.19 4.93
CA THR D 61 35.15 -51.00 3.95
C THR D 61 35.79 -50.09 2.92
N GLY D 62 35.44 -48.81 2.98
CA GLY D 62 36.00 -47.84 2.06
C GLY D 62 35.46 -48.01 0.66
N ARG D 63 34.38 -48.79 0.56
CA ARG D 63 33.74 -49.04 -0.73
C ARG D 63 32.62 -48.03 -1.00
N LEU D 64 32.21 -47.32 0.04
CA LEU D 64 31.18 -46.30 -0.12
C LEU D 64 31.70 -44.92 0.30
N SER D 65 31.28 -43.90 -0.44
CA SER D 65 31.67 -42.53 -0.18
C SER D 65 30.68 -41.67 -0.95
N GLY D 66 30.79 -40.37 -0.83
CA GLY D 66 29.85 -39.48 -1.50
C GLY D 66 30.41 -38.09 -1.76
N THR D 67 29.91 -37.44 -2.80
CA THR D 67 30.37 -36.11 -3.14
C THR D 67 29.29 -35.29 -3.81
N THR D 68 29.59 -34.01 -4.01
CA THR D 68 28.67 -33.09 -4.64
C THR D 68 29.23 -32.82 -6.01
N ASP D 69 30.50 -33.17 -6.19
CA ASP D 69 31.15 -33.01 -7.47
C ASP D 69 30.65 -34.08 -8.43
N PHE D 70 29.70 -33.72 -9.29
CA PHE D 70 29.16 -34.66 -10.25
C PHE D 70 30.18 -35.02 -11.35
N LYS D 71 30.96 -34.05 -11.80
CA LYS D 71 31.92 -34.32 -12.85
C LYS D 71 33.01 -35.30 -12.39
N LYS D 72 33.48 -35.15 -11.16
CA LYS D 72 34.46 -36.08 -10.62
C LYS D 72 33.86 -37.47 -10.52
N ALA D 73 32.62 -37.52 -10.03
CA ALA D 73 31.90 -38.77 -9.86
C ALA D 73 31.89 -39.62 -11.13
N VAL D 74 31.64 -38.98 -12.26
CA VAL D 74 31.54 -39.72 -13.52
C VAL D 74 32.89 -40.22 -13.98
N LEU D 75 33.90 -39.37 -13.84
CA LEU D 75 35.26 -39.73 -14.20
C LEU D 75 35.81 -40.86 -13.36
N ASP D 76 35.44 -40.91 -12.08
CA ASP D 76 35.92 -41.96 -11.18
C ASP D 76 35.01 -43.17 -11.10
N SER D 77 34.07 -43.28 -12.05
CA SER D 77 33.20 -44.44 -12.10
C SER D 77 32.97 -44.82 -13.55
N ASP D 78 32.51 -46.04 -13.77
CA ASP D 78 32.26 -46.51 -15.13
C ASP D 78 30.79 -46.50 -15.46
N VAL D 79 29.95 -46.49 -14.42
CA VAL D 79 28.52 -46.51 -14.62
C VAL D 79 27.80 -45.65 -13.60
N SER D 80 26.78 -44.95 -14.06
CA SER D 80 26.04 -44.06 -13.18
C SER D 80 24.56 -44.40 -13.20
N PHE D 81 23.96 -44.47 -12.03
CA PHE D 81 22.53 -44.69 -11.94
C PHE D 81 21.89 -43.35 -11.57
N ILE D 82 20.96 -42.88 -12.39
CA ILE D 82 20.25 -41.65 -12.07
C ILE D 82 19.03 -42.03 -11.24
N CYS D 83 18.98 -41.52 -10.01
CA CYS D 83 17.89 -41.85 -9.11
C CYS D 83 17.19 -40.64 -8.52
N VAL D 84 17.40 -39.46 -9.07
CA VAL D 84 16.76 -38.28 -8.50
C VAL D 84 15.25 -38.32 -8.64
N GLY D 85 14.56 -37.64 -7.73
CA GLY D 85 13.12 -37.60 -7.78
C GLY D 85 12.61 -36.83 -8.99
N THR D 86 11.32 -36.95 -9.24
CA THR D 86 10.66 -36.24 -10.32
C THR D 86 9.26 -36.03 -9.83
N PRO D 87 9.03 -34.84 -9.29
CA PRO D 87 7.79 -34.47 -8.62
C PRO D 87 6.73 -33.90 -9.54
N SER D 88 5.47 -34.18 -9.21
CA SER D 88 4.34 -33.63 -9.93
C SER D 88 4.37 -32.11 -10.09
N LYS D 89 4.01 -31.66 -11.29
CA LYS D 89 3.73 -30.27 -11.55
C LYS D 89 2.23 -30.21 -11.28
N LYS D 90 1.71 -29.03 -10.96
CA LYS D 90 0.30 -28.88 -10.58
C LYS D 90 -0.73 -29.58 -11.48
N ASN D 91 -0.42 -29.80 -12.75
CA ASN D 91 -1.37 -30.44 -13.64
C ASN D 91 -1.34 -31.98 -13.61
N GLY D 92 -0.40 -32.55 -12.88
CA GLY D 92 -0.29 -33.99 -12.81
C GLY D 92 0.88 -34.46 -13.64
N ASP D 93 1.36 -33.59 -14.52
CA ASP D 93 2.50 -33.90 -15.37
C ASP D 93 3.75 -33.91 -14.53
N LEU D 94 4.76 -34.59 -15.06
CA LEU D 94 6.01 -34.79 -14.37
C LEU D 94 6.95 -33.59 -14.51
N ASP D 95 7.72 -33.30 -13.46
CA ASP D 95 8.72 -32.24 -13.50
C ASP D 95 10.07 -32.91 -13.69
N LEU D 96 10.65 -32.71 -14.86
CA LEU D 96 11.90 -33.38 -15.22
C LEU D 96 13.15 -32.57 -14.88
N GLY D 97 12.97 -31.48 -14.13
CA GLY D 97 14.06 -30.60 -13.79
C GLY D 97 15.30 -31.28 -13.25
N TYR D 98 15.13 -32.12 -12.24
CA TYR D 98 16.26 -32.80 -11.63
C TYR D 98 16.89 -33.80 -12.59
N ILE D 99 16.07 -34.52 -13.34
CA ILE D 99 16.58 -35.43 -14.34
C ILE D 99 17.44 -34.64 -15.34
N GLU D 100 16.87 -33.55 -15.84
CA GLU D 100 17.56 -32.73 -16.85
C GLU D 100 18.89 -32.17 -16.35
N THR D 101 18.91 -31.66 -15.12
CA THR D 101 20.13 -31.13 -14.54
C THR D 101 21.20 -32.20 -14.49
N VAL D 102 20.84 -33.35 -13.93
CA VAL D 102 21.79 -34.45 -13.78
C VAL D 102 22.32 -34.94 -15.13
N CYS D 103 21.48 -34.90 -16.16
CA CYS D 103 21.92 -35.31 -17.49
C CYS D 103 23.02 -34.37 -17.97
N ARG D 104 22.68 -33.10 -18.16
CA ARG D 104 23.67 -32.13 -18.61
C ARG D 104 25.00 -32.38 -17.92
N GLU D 105 25.00 -32.38 -16.60
CA GLU D 105 26.23 -32.61 -15.86
C GLU D 105 26.96 -33.87 -16.33
N ILE D 106 26.27 -35.01 -16.29
CA ILE D 106 26.85 -36.28 -16.76
C ILE D 106 27.32 -36.19 -18.21
N GLY D 107 26.53 -35.54 -19.07
CA GLY D 107 26.89 -35.32 -20.46
C GLY D 107 28.16 -34.48 -20.56
N PHE D 108 28.28 -33.47 -19.69
CA PHE D 108 29.47 -32.62 -19.67
C PHE D 108 30.65 -33.39 -19.13
N ALA D 109 30.39 -34.57 -18.58
CA ALA D 109 31.44 -35.35 -17.94
C ALA D 109 32.08 -36.38 -18.86
N ILE D 110 31.26 -37.10 -19.61
CA ILE D 110 31.82 -38.08 -20.52
C ILE D 110 32.50 -37.39 -21.68
N ARG D 111 32.59 -36.07 -21.60
CA ARG D 111 33.20 -35.28 -22.66
C ARG D 111 34.68 -35.08 -22.35
N GLU D 112 35.02 -34.93 -21.08
CA GLU D 112 36.43 -34.88 -20.74
C GLU D 112 36.93 -36.31 -20.92
N LYS D 113 36.22 -37.22 -20.27
CA LYS D 113 36.56 -38.65 -20.21
C LYS D 113 36.63 -39.36 -21.56
N SER D 114 37.59 -40.28 -21.66
CA SER D 114 37.78 -41.05 -22.89
C SER D 114 37.04 -42.38 -22.86
N GLU D 115 37.23 -43.17 -21.81
CA GLU D 115 36.59 -44.48 -21.73
C GLU D 115 35.07 -44.48 -21.57
N ARG D 116 34.46 -45.48 -22.18
CA ARG D 116 33.02 -45.69 -22.18
C ARG D 116 32.41 -45.53 -20.80
N HIS D 117 31.37 -44.73 -20.73
CA HIS D 117 30.65 -44.57 -19.48
C HIS D 117 29.26 -45.12 -19.72
N THR D 118 28.55 -45.47 -18.66
CA THR D 118 27.23 -46.01 -18.84
C THR D 118 26.23 -45.33 -17.93
N VAL D 119 25.17 -44.81 -18.54
CA VAL D 119 24.09 -44.10 -17.84
C VAL D 119 22.85 -44.96 -17.77
N VAL D 120 22.46 -45.33 -16.56
CA VAL D 120 21.27 -46.13 -16.39
C VAL D 120 20.26 -45.31 -15.61
N VAL D 121 19.03 -45.20 -16.11
CA VAL D 121 18.03 -44.44 -15.39
C VAL D 121 17.19 -45.32 -14.45
N ARG D 122 17.10 -44.92 -13.18
CA ARG D 122 16.25 -45.64 -12.24
C ARG D 122 15.04 -44.79 -11.90
N SER D 123 15.22 -43.48 -11.89
CA SER D 123 14.11 -42.62 -11.59
C SER D 123 12.94 -43.02 -12.46
N THR D 124 11.76 -43.09 -11.87
CA THR D 124 10.59 -43.43 -12.64
C THR D 124 10.15 -42.27 -13.53
N VAL D 125 9.98 -42.54 -14.82
CA VAL D 125 9.57 -41.49 -15.75
C VAL D 125 8.66 -42.05 -16.84
N LEU D 126 7.79 -41.20 -17.39
CA LEU D 126 6.86 -41.61 -18.44
C LEU D 126 7.59 -42.16 -19.65
N PRO D 127 6.92 -43.02 -20.39
CA PRO D 127 7.50 -43.62 -21.59
C PRO D 127 7.95 -42.57 -22.59
N GLY D 128 9.20 -42.63 -23.04
CA GLY D 128 9.68 -41.70 -24.03
C GLY D 128 10.61 -40.66 -23.45
N THR D 129 10.81 -40.71 -22.15
CA THR D 129 11.70 -39.74 -21.52
C THR D 129 13.17 -39.98 -21.93
N VAL D 130 13.65 -41.20 -21.76
CA VAL D 130 15.01 -41.50 -22.12
C VAL D 130 15.26 -41.11 -23.56
N ASN D 131 14.43 -41.61 -24.48
CA ASN D 131 14.59 -41.38 -25.91
C ASN D 131 14.46 -39.91 -26.31
N ASN D 132 13.56 -39.17 -25.66
CA ASN D 132 13.30 -37.79 -26.07
C ASN D 132 13.89 -36.71 -25.19
N VAL D 133 14.42 -37.09 -24.04
CA VAL D 133 14.97 -36.11 -23.12
C VAL D 133 16.34 -36.53 -22.64
N VAL D 134 16.45 -37.74 -22.09
CA VAL D 134 17.75 -38.19 -21.61
C VAL D 134 18.79 -38.24 -22.73
N ILE D 135 18.58 -39.08 -23.74
CA ILE D 135 19.59 -39.20 -24.77
C ILE D 135 20.01 -37.88 -25.43
N PRO D 136 19.06 -37.10 -25.94
CA PRO D 136 19.38 -35.82 -26.58
C PRO D 136 20.22 -34.92 -25.68
N LEU D 137 19.79 -34.70 -24.44
CA LEU D 137 20.56 -33.85 -23.54
C LEU D 137 21.98 -34.37 -23.39
N ILE D 138 22.10 -35.67 -23.12
CA ILE D 138 23.42 -36.23 -22.88
C ILE D 138 24.26 -36.08 -24.13
N GLU D 139 23.68 -36.38 -25.28
CA GLU D 139 24.42 -36.26 -26.52
C GLU D 139 24.95 -34.84 -26.69
N ASP D 140 24.04 -33.88 -26.59
CA ASP D 140 24.34 -32.48 -26.75
C ASP D 140 25.46 -32.00 -25.81
N CYS D 141 25.40 -32.38 -24.55
CA CYS D 141 26.43 -31.94 -23.61
C CYS D 141 27.68 -32.80 -23.72
N SER D 142 27.60 -33.91 -24.44
CA SER D 142 28.74 -34.80 -24.52
C SER D 142 29.45 -34.69 -25.85
N GLY D 143 28.72 -34.29 -26.87
CA GLY D 143 29.26 -34.23 -28.22
C GLY D 143 29.30 -35.61 -28.83
N LYS D 144 29.17 -36.62 -27.98
CA LYS D 144 29.23 -38.01 -28.44
C LYS D 144 27.82 -38.54 -28.71
N LYS D 145 27.72 -39.77 -29.19
CA LYS D 145 26.41 -40.36 -29.49
C LYS D 145 26.03 -41.45 -28.48
N ALA D 146 24.77 -41.88 -28.52
CA ALA D 146 24.26 -42.86 -27.57
C ALA D 146 24.30 -44.30 -28.09
N GLY D 147 24.79 -45.20 -27.26
CA GLY D 147 24.87 -46.59 -27.62
C GLY D 147 26.26 -46.99 -28.05
N VAL D 148 26.90 -46.15 -28.86
CA VAL D 148 28.22 -46.46 -29.36
C VAL D 148 29.33 -45.73 -28.61
N ASP D 149 29.11 -44.46 -28.26
CA ASP D 149 30.13 -43.73 -27.51
C ASP D 149 29.91 -43.87 -26.01
N PHE D 150 28.65 -43.95 -25.60
CA PHE D 150 28.33 -44.19 -24.19
C PHE D 150 27.08 -45.05 -24.10
N GLY D 151 27.07 -45.97 -23.14
CA GLY D 151 25.94 -46.85 -22.96
C GLY D 151 24.78 -46.19 -22.24
N VAL D 152 23.56 -46.52 -22.66
CA VAL D 152 22.34 -45.99 -22.07
C VAL D 152 21.37 -47.12 -21.79
N GLY D 153 20.51 -46.93 -20.80
CA GLY D 153 19.51 -47.92 -20.48
C GLY D 153 18.60 -47.57 -19.32
N THR D 154 17.45 -48.21 -19.29
CA THR D 154 16.45 -48.03 -18.24
C THR D 154 16.42 -49.27 -17.38
N ASN D 155 16.29 -49.09 -16.07
CA ASN D 155 16.21 -50.20 -15.12
C ASN D 155 15.42 -49.78 -13.90
N PRO D 156 14.11 -49.84 -14.03
CA PRO D 156 13.18 -49.40 -12.98
C PRO D 156 13.38 -50.10 -11.64
N GLU D 157 12.89 -49.46 -10.59
CA GLU D 157 13.03 -49.99 -9.25
C GLU D 157 11.64 -50.30 -8.77
N PHE D 158 11.50 -51.37 -7.99
CA PHE D 158 10.19 -51.75 -7.46
C PHE D 158 10.17 -51.73 -5.93
N LEU D 159 11.21 -51.16 -5.33
CA LEU D 159 11.33 -51.19 -3.88
C LEU D 159 10.18 -50.43 -3.19
N ARG D 160 9.75 -50.91 -2.03
CA ARG D 160 8.75 -50.20 -1.26
C ARG D 160 9.42 -49.65 -0.01
N GLU D 161 9.03 -48.46 0.41
CA GLU D 161 9.61 -47.84 1.60
C GLU D 161 9.23 -48.62 2.86
N SER D 162 10.22 -48.78 3.72
CA SER D 162 10.11 -49.49 5.00
C SER D 162 10.57 -50.91 4.83
N THR D 163 10.56 -51.38 3.58
CA THR D 163 11.06 -52.70 3.26
C THR D 163 12.04 -52.63 2.08
N ALA D 164 12.66 -51.47 1.88
CA ALA D 164 13.56 -51.23 0.76
C ALA D 164 14.64 -52.30 0.57
N ILE D 165 15.39 -52.57 1.64
CA ILE D 165 16.49 -53.51 1.52
C ILE D 165 16.00 -54.93 1.22
N LYS D 166 14.98 -55.39 1.91
CA LYS D 166 14.51 -56.75 1.67
C LYS D 166 14.04 -56.81 0.25
N ASP D 167 13.36 -55.76 -0.20
CA ASP D 167 12.85 -55.68 -1.56
C ASP D 167 13.99 -55.72 -2.58
N TYR D 168 15.09 -55.05 -2.28
CA TYR D 168 16.26 -55.08 -3.16
C TYR D 168 16.86 -56.49 -3.15
N ASP D 169 16.99 -57.07 -1.95
CA ASP D 169 17.64 -58.36 -1.83
C ASP D 169 16.80 -59.46 -2.44
N PHE D 170 15.52 -59.18 -2.64
CA PHE D 170 14.58 -60.18 -3.13
C PHE D 170 13.45 -59.50 -3.88
N PRO D 171 13.72 -59.08 -5.11
CA PRO D 171 12.76 -58.33 -5.90
C PRO D 171 11.76 -59.25 -6.58
N PRO D 172 10.64 -58.70 -7.02
CA PRO D 172 9.67 -59.52 -7.76
C PRO D 172 10.32 -59.98 -9.05
N MSE D 173 11.22 -59.17 -9.59
CA MSE D 173 11.79 -59.42 -10.89
C MSE D 173 12.71 -58.26 -11.26
O MSE D 173 12.51 -57.15 -10.78
CB MSE D 173 10.66 -59.49 -11.91
CG MSE D 173 9.78 -58.23 -11.97
SE MSE D 173 8.35 -58.32 -13.23
CE MSE D 173 7.80 -56.70 -13.13
N THR D 174 13.71 -58.50 -12.09
CA THR D 174 14.58 -57.43 -12.53
C THR D 174 14.18 -56.96 -13.93
N VAL D 175 13.89 -55.67 -14.06
CA VAL D 175 13.52 -55.15 -15.38
C VAL D 175 14.59 -54.25 -16.01
N ILE D 176 15.02 -54.58 -17.21
CA ILE D 176 15.96 -53.72 -17.93
C ILE D 176 15.34 -53.17 -19.23
N GLY D 177 15.62 -51.90 -19.49
CA GLY D 177 15.28 -51.28 -20.75
C GLY D 177 16.62 -51.08 -21.42
N GLU D 178 16.81 -51.69 -22.58
CA GLU D 178 18.10 -51.57 -23.21
C GLU D 178 18.09 -50.93 -24.58
N LEU D 179 19.04 -50.02 -24.77
CA LEU D 179 19.32 -49.47 -26.08
C LEU D 179 20.45 -50.35 -26.64
N ASP D 180 21.64 -50.19 -26.08
CA ASP D 180 22.81 -50.97 -26.52
C ASP D 180 23.08 -52.20 -25.66
N LYS D 181 23.31 -53.33 -26.31
CA LYS D 181 23.55 -54.58 -25.60
C LYS D 181 24.58 -54.54 -24.47
N GLN D 182 25.63 -53.75 -24.61
CA GLN D 182 26.66 -53.69 -23.56
C GLN D 182 26.03 -53.23 -22.24
N THR D 183 25.13 -52.27 -22.32
CA THR D 183 24.48 -51.76 -21.13
C THR D 183 23.57 -52.81 -20.53
N GLY D 184 22.82 -53.50 -21.40
CA GLY D 184 21.92 -54.54 -20.97
C GLY D 184 22.68 -55.67 -20.31
N ASP D 185 23.74 -56.13 -20.96
CA ASP D 185 24.59 -57.19 -20.42
C ASP D 185 25.19 -56.72 -19.12
N LEU D 186 25.44 -55.42 -19.03
CA LEU D 186 26.02 -54.85 -17.84
C LEU D 186 25.06 -55.07 -16.68
N LEU D 187 23.80 -54.65 -16.86
CA LEU D 187 22.83 -54.80 -15.80
C LEU D 187 22.67 -56.27 -15.41
N GLU D 188 22.50 -57.13 -16.40
CA GLU D 188 22.36 -58.56 -16.09
C GLU D 188 23.48 -59.04 -15.20
N GLU D 189 24.70 -58.61 -15.51
CA GLU D 189 25.85 -58.98 -14.71
C GLU D 189 25.67 -58.51 -13.25
N ILE D 190 25.08 -57.33 -13.07
CA ILE D 190 24.87 -56.81 -11.73
C ILE D 190 23.76 -57.53 -10.96
N TYR D 191 22.76 -58.03 -11.67
CA TYR D 191 21.62 -58.64 -10.99
C TYR D 191 21.57 -60.18 -10.99
N ARG D 192 22.55 -60.78 -11.64
CA ARG D 192 22.72 -62.24 -11.75
C ARG D 192 22.50 -63.07 -10.47
N GLU D 193 22.90 -62.56 -9.32
CA GLU D 193 22.78 -63.32 -8.06
C GLU D 193 21.41 -63.19 -7.41
N LEU D 194 20.66 -62.18 -7.83
CA LEU D 194 19.30 -61.99 -7.32
C LEU D 194 18.42 -63.15 -7.77
N ASP D 195 17.57 -63.65 -6.89
CA ASP D 195 16.73 -64.79 -7.20
C ASP D 195 15.39 -64.36 -7.79
N ALA D 196 15.39 -64.02 -9.07
CA ALA D 196 14.17 -63.60 -9.73
C ALA D 196 14.40 -63.55 -11.22
N PRO D 197 13.33 -63.45 -12.00
CA PRO D 197 13.47 -63.41 -13.45
C PRO D 197 14.09 -62.09 -13.88
N ILE D 198 14.88 -62.10 -14.93
CA ILE D 198 15.44 -60.88 -15.50
C ILE D 198 14.76 -60.66 -16.84
N ILE D 199 14.21 -59.47 -17.01
CA ILE D 199 13.42 -59.13 -18.18
C ILE D 199 14.03 -57.99 -19.00
N ARG D 200 14.60 -58.33 -20.16
CA ARG D 200 15.19 -57.29 -21.02
C ARG D 200 14.22 -56.91 -22.13
N LYS D 201 13.99 -55.61 -22.29
CA LYS D 201 13.00 -55.12 -23.25
C LYS D 201 13.52 -53.82 -23.83
N THR D 202 12.79 -53.22 -24.76
CA THR D 202 13.18 -51.91 -25.26
C THR D 202 12.93 -50.91 -24.14
N VAL D 203 13.62 -49.78 -24.20
CA VAL D 203 13.48 -48.73 -23.19
C VAL D 203 12.03 -48.30 -22.93
N GLU D 204 11.29 -47.94 -23.97
CA GLU D 204 9.92 -47.46 -23.75
C GLU D 204 9.03 -48.50 -23.05
N VAL D 205 9.09 -49.74 -23.51
CA VAL D 205 8.30 -50.79 -22.88
C VAL D 205 8.63 -50.83 -21.40
N ALA D 206 9.91 -50.83 -21.08
CA ALA D 206 10.33 -50.86 -19.70
C ALA D 206 9.67 -49.69 -18.96
N GLU D 207 9.71 -48.50 -19.55
CA GLU D 207 9.15 -47.35 -18.88
C GLU D 207 7.68 -47.57 -18.59
N MSE D 208 6.95 -48.09 -19.57
CA MSE D 208 5.51 -48.29 -19.44
C MSE D 208 5.20 -49.37 -18.39
O MSE D 208 4.20 -49.27 -17.67
CB MSE D 208 4.90 -48.65 -20.81
CG MSE D 208 3.38 -48.67 -20.85
SE MSE D 208 2.50 -47.06 -20.32
CE MSE D 208 0.84 -47.55 -20.74
N ILE D 209 6.07 -50.38 -18.32
CA ILE D 209 5.94 -51.44 -17.33
C ILE D 209 5.89 -50.84 -15.92
N LYS D 210 6.94 -50.11 -15.59
CA LYS D 210 7.07 -49.54 -14.26
C LYS D 210 5.82 -48.72 -13.89
N TYR D 211 5.31 -47.95 -14.85
CA TYR D 211 4.13 -47.15 -14.62
C TYR D 211 2.89 -48.00 -14.43
N THR D 212 2.81 -49.13 -15.13
CA THR D 212 1.65 -49.99 -15.00
C THR D 212 1.60 -50.61 -13.61
N CYS D 213 2.76 -51.00 -13.12
CA CYS D 213 2.87 -51.60 -11.79
C CYS D 213 2.32 -50.66 -10.74
N ASN D 214 2.84 -49.44 -10.71
CA ASN D 214 2.42 -48.53 -9.67
C ASN D 214 0.95 -48.22 -9.76
N VAL D 215 0.49 -47.96 -10.97
CA VAL D 215 -0.92 -47.65 -11.16
C VAL D 215 -1.80 -48.88 -10.90
N TRP D 216 -1.23 -50.08 -10.96
CA TRP D 216 -1.99 -51.30 -10.72
C TRP D 216 -2.16 -51.45 -9.22
N HIS D 217 -1.09 -51.16 -8.50
CA HIS D 217 -1.13 -51.17 -7.05
C HIS D 217 -2.23 -50.25 -6.56
N ALA D 218 -2.25 -49.03 -7.08
CA ALA D 218 -3.27 -48.07 -6.68
C ALA D 218 -4.67 -48.63 -6.97
N ALA D 219 -4.80 -49.35 -8.09
CA ALA D 219 -6.07 -49.95 -8.43
C ALA D 219 -6.39 -51.10 -7.46
N LYS D 220 -5.38 -51.85 -7.06
CA LYS D 220 -5.61 -52.92 -6.12
C LYS D 220 -6.14 -52.36 -4.81
N VAL D 221 -5.50 -51.31 -4.32
CA VAL D 221 -5.89 -50.69 -3.07
C VAL D 221 -7.30 -50.12 -3.15
N THR D 222 -7.56 -49.38 -4.21
CA THR D 222 -8.86 -48.81 -4.42
C THR D 222 -9.95 -49.85 -4.50
N PHE D 223 -9.71 -50.92 -5.25
CA PHE D 223 -10.74 -51.96 -5.41
C PHE D 223 -11.05 -52.59 -4.06
N ALA D 224 -9.99 -52.86 -3.31
CA ALA D 224 -10.15 -53.47 -2.01
C ALA D 224 -10.92 -52.53 -1.12
N ASN D 225 -10.59 -51.25 -1.18
CA ASN D 225 -11.29 -50.29 -0.35
C ASN D 225 -12.76 -50.11 -0.71
N GLU D 226 -13.08 -50.05 -1.99
CA GLU D 226 -14.47 -49.86 -2.40
C GLU D 226 -15.26 -51.10 -2.02
N ILE D 227 -14.63 -52.27 -2.19
CA ILE D 227 -15.29 -53.50 -1.82
C ILE D 227 -15.49 -53.48 -0.32
N GLY D 228 -14.45 -53.09 0.41
CA GLY D 228 -14.59 -53.01 1.85
C GLY D 228 -15.77 -52.14 2.23
N ASN D 229 -15.97 -51.02 1.54
CA ASN D 229 -17.07 -50.13 1.87
C ASN D 229 -18.45 -50.74 1.64
N ILE D 230 -18.69 -51.33 0.47
CA ILE D 230 -19.98 -51.97 0.22
C ILE D 230 -20.20 -53.03 1.29
N ALA D 231 -19.17 -53.83 1.54
CA ALA D 231 -19.26 -54.89 2.52
C ALA D 231 -19.78 -54.40 3.88
N LYS D 232 -19.14 -53.37 4.40
CA LYS D 232 -19.50 -52.84 5.70
C LYS D 232 -20.93 -52.33 5.68
N ALA D 233 -21.33 -51.75 4.55
CA ALA D 233 -22.65 -51.17 4.45
C ALA D 233 -23.67 -52.29 4.48
N VAL D 234 -23.22 -53.48 4.16
CA VAL D 234 -24.11 -54.61 4.01
C VAL D 234 -24.09 -55.57 5.21
N GLY D 235 -23.34 -55.21 6.25
CA GLY D 235 -23.26 -56.01 7.46
C GLY D 235 -22.15 -57.02 7.55
N VAL D 236 -21.37 -57.20 6.49
CA VAL D 236 -20.26 -58.16 6.56
C VAL D 236 -18.91 -57.48 6.64
N ASP D 237 -17.91 -58.24 7.02
CA ASP D 237 -16.56 -57.75 7.15
C ASP D 237 -15.79 -57.76 5.82
N GLY D 238 -15.28 -56.60 5.41
CA GLY D 238 -14.54 -56.47 4.17
C GLY D 238 -13.31 -57.35 4.11
N ARG D 239 -12.60 -57.45 5.23
CA ARG D 239 -11.36 -58.21 5.31
C ARG D 239 -11.60 -59.69 5.12
N GLU D 240 -12.71 -60.17 5.67
CA GLU D 240 -12.99 -61.59 5.60
C GLU D 240 -13.33 -61.89 4.15
N VAL D 241 -14.01 -60.95 3.52
CA VAL D 241 -14.37 -61.12 2.12
C VAL D 241 -13.11 -61.12 1.28
N MSE D 242 -12.25 -60.14 1.51
CA MSE D 242 -11.09 -60.05 0.65
C MSE D 242 -10.08 -61.18 0.85
O MSE D 242 -9.41 -61.59 -0.11
CB MSE D 242 -10.50 -58.64 0.62
CG MSE D 242 -11.47 -57.60 0.04
SE MSE D 242 -11.79 -57.61 -1.85
CE MSE D 242 -10.18 -58.10 -2.26
N ASP D 243 -9.98 -61.72 2.06
CA ASP D 243 -9.11 -62.89 2.26
C ASP D 243 -9.54 -64.05 1.34
N VAL D 244 -10.82 -64.41 1.36
CA VAL D 244 -11.26 -65.53 0.54
C VAL D 244 -10.94 -65.27 -0.93
N ILE D 245 -11.15 -64.02 -1.33
CA ILE D 245 -10.82 -63.63 -2.70
C ILE D 245 -9.36 -63.91 -3.00
N CYS D 246 -8.48 -63.70 -2.03
CA CYS D 246 -7.06 -63.92 -2.27
C CYS D 246 -6.61 -65.38 -2.12
N GLN D 247 -7.57 -66.27 -1.92
CA GLN D 247 -7.26 -67.69 -1.79
C GLN D 247 -7.47 -68.38 -3.14
N ASP D 248 -7.92 -67.62 -4.14
CA ASP D 248 -8.11 -68.16 -5.49
C ASP D 248 -6.99 -67.70 -6.41
N HIS D 249 -6.05 -68.60 -6.71
CA HIS D 249 -4.93 -68.29 -7.57
C HIS D 249 -5.15 -68.72 -9.01
N LYS D 250 -6.31 -69.26 -9.30
CA LYS D 250 -6.63 -69.65 -10.67
C LYS D 250 -7.28 -68.50 -11.42
N LEU D 251 -8.28 -67.85 -10.83
CA LEU D 251 -8.92 -66.71 -11.50
C LEU D 251 -8.55 -65.37 -10.85
N ASN D 252 -8.91 -65.19 -9.58
CA ASN D 252 -8.62 -63.93 -8.88
C ASN D 252 -7.18 -63.42 -9.01
N LEU D 253 -6.22 -64.18 -8.48
CA LEU D 253 -4.83 -63.76 -8.48
C LEU D 253 -3.94 -64.43 -9.51
N SER D 254 -4.51 -64.75 -10.68
CA SER D 254 -3.73 -65.32 -11.75
C SER D 254 -3.62 -64.26 -12.84
N ARG D 255 -3.07 -64.65 -13.98
CA ARG D 255 -2.90 -63.74 -15.10
C ARG D 255 -4.16 -63.72 -15.96
N TYR D 256 -5.11 -64.58 -15.64
CA TYR D 256 -6.33 -64.61 -16.41
C TYR D 256 -7.05 -63.30 -16.23
N TYR D 257 -7.75 -62.89 -17.28
CA TYR D 257 -8.51 -61.65 -17.37
C TYR D 257 -7.55 -60.52 -17.67
N MSE D 258 -6.25 -60.76 -17.57
CA MSE D 258 -5.35 -59.63 -17.71
C MSE D 258 -4.83 -59.38 -19.09
O MSE D 258 -3.81 -58.74 -19.24
CB MSE D 258 -4.18 -59.74 -16.73
CG MSE D 258 -4.67 -59.77 -15.30
SE MSE D 258 -4.83 -58.03 -14.50
CE MSE D 258 -5.43 -57.08 -15.82
N ARG D 259 -5.55 -59.86 -20.10
CA ARG D 259 -5.13 -59.65 -21.48
C ARG D 259 -5.80 -58.40 -22.06
N PRO D 260 -5.00 -57.42 -22.47
CA PRO D 260 -5.52 -56.22 -23.14
C PRO D 260 -6.32 -56.67 -24.36
N GLY D 261 -7.47 -56.05 -24.58
CA GLY D 261 -8.33 -56.52 -25.64
C GLY D 261 -9.72 -55.93 -25.65
N PHE D 262 -10.71 -56.76 -25.87
CA PHE D 262 -12.07 -56.28 -26.06
C PHE D 262 -12.89 -56.21 -24.79
N ALA D 263 -14.05 -55.55 -24.88
CA ALA D 263 -14.94 -55.44 -23.75
C ALA D 263 -15.33 -56.83 -23.29
N PHE D 264 -15.75 -56.96 -22.03
CA PHE D 264 -16.21 -58.24 -21.56
C PHE D 264 -17.72 -58.34 -21.76
N GLY D 265 -18.22 -59.57 -21.73
CA GLY D 265 -19.64 -59.79 -21.91
C GLY D 265 -20.12 -60.99 -21.14
N GLY D 266 -21.17 -61.63 -21.66
CA GLY D 266 -21.70 -62.80 -21.02
C GLY D 266 -22.83 -62.44 -20.10
N SER D 267 -23.40 -63.42 -19.44
CA SER D 267 -24.55 -63.16 -18.61
C SER D 267 -24.14 -63.02 -17.18
N CYS D 268 -22.88 -62.70 -16.93
CA CYS D 268 -22.45 -62.61 -15.55
C CYS D 268 -21.77 -61.32 -15.16
N LEU D 269 -20.71 -60.96 -15.89
CA LEU D 269 -19.92 -59.80 -15.52
C LEU D 269 -20.67 -58.48 -15.53
N PRO D 270 -21.27 -58.18 -16.69
CA PRO D 270 -22.03 -56.94 -16.82
C PRO D 270 -23.18 -56.91 -15.82
N LYS D 271 -23.92 -58.00 -15.65
CA LYS D 271 -25.06 -57.97 -14.73
C LYS D 271 -24.63 -57.92 -13.28
N ASP D 272 -23.51 -58.55 -12.97
CA ASP D 272 -23.05 -58.48 -11.61
C ASP D 272 -22.42 -57.12 -11.29
N VAL D 273 -21.85 -56.46 -12.29
CA VAL D 273 -21.30 -55.15 -12.02
C VAL D 273 -22.44 -54.14 -11.84
N ARG D 274 -23.45 -54.26 -12.69
CA ARG D 274 -24.61 -53.36 -12.62
C ARG D 274 -25.36 -53.56 -11.32
N ALA D 275 -25.41 -54.81 -10.85
CA ALA D 275 -26.18 -55.12 -9.65
C ALA D 275 -25.51 -54.64 -8.37
N LEU D 276 -24.22 -54.91 -8.23
CA LEU D 276 -23.47 -54.51 -7.05
C LEU D 276 -23.43 -52.99 -6.92
N THR D 277 -23.08 -52.30 -8.00
CA THR D 277 -23.03 -50.83 -8.00
C THR D 277 -24.41 -50.29 -7.67
N TYR D 278 -25.43 -50.97 -8.19
CA TYR D 278 -26.79 -50.54 -7.92
C TYR D 278 -27.07 -50.57 -6.43
N ARG D 279 -26.68 -51.66 -5.78
CA ARG D 279 -26.91 -51.80 -4.36
C ARG D 279 -26.04 -50.79 -3.61
N ALA D 280 -24.86 -50.52 -4.14
CA ALA D 280 -23.99 -49.56 -3.51
C ALA D 280 -24.69 -48.18 -3.47
N SER D 281 -25.39 -47.85 -4.56
CA SER D 281 -26.11 -46.59 -4.62
C SER D 281 -27.30 -46.60 -3.67
N GLN D 282 -28.02 -47.70 -3.60
CA GLN D 282 -29.13 -47.80 -2.66
C GLN D 282 -28.63 -47.49 -1.24
N LEU D 283 -27.49 -48.07 -0.88
CA LEU D 283 -26.91 -47.89 0.44
C LEU D 283 -26.18 -46.56 0.65
N ASP D 284 -26.17 -45.72 -0.37
CA ASP D 284 -25.42 -44.46 -0.33
C ASP D 284 -23.93 -44.71 -0.08
N VAL D 285 -23.32 -45.61 -0.83
CA VAL D 285 -21.90 -45.83 -0.72
C VAL D 285 -21.21 -45.42 -2.02
N GLU D 286 -20.54 -44.27 -1.98
CA GLU D 286 -19.85 -43.79 -3.16
C GLU D 286 -18.87 -44.86 -3.66
N HIS D 287 -18.86 -45.11 -4.95
CA HIS D 287 -18.01 -46.13 -5.50
C HIS D 287 -17.48 -45.73 -6.88
N PRO D 288 -16.59 -44.74 -6.90
CA PRO D 288 -16.04 -44.20 -8.14
C PRO D 288 -15.42 -45.22 -9.10
N MSE D 289 -14.48 -46.03 -8.64
CA MSE D 289 -13.91 -47.05 -9.53
C MSE D 289 -14.98 -48.00 -10.05
O MSE D 289 -15.25 -48.03 -11.26
CB MSE D 289 -12.75 -47.82 -8.90
CG MSE D 289 -12.38 -49.14 -9.64
SE MSE D 289 -10.81 -50.01 -8.87
CE MSE D 289 -9.64 -48.72 -9.26
N LEU D 290 -15.63 -48.75 -9.15
CA LEU D 290 -16.62 -49.74 -9.56
C LEU D 290 -17.69 -49.16 -10.49
N GLY D 291 -18.08 -47.91 -10.21
CA GLY D 291 -19.08 -47.23 -11.04
C GLY D 291 -18.58 -46.78 -12.39
N SER D 292 -17.29 -46.99 -12.67
CA SER D 292 -16.71 -46.55 -13.93
C SER D 292 -16.49 -47.70 -14.89
N LEU D 293 -16.53 -48.92 -14.36
CA LEU D 293 -16.32 -50.11 -15.16
C LEU D 293 -17.18 -50.19 -16.40
N MSE D 294 -18.50 -50.13 -16.26
CA MSE D 294 -19.36 -50.25 -17.44
C MSE D 294 -19.03 -49.17 -18.51
O MSE D 294 -19.06 -49.46 -19.71
CB MSE D 294 -20.84 -50.27 -17.11
CG MSE D 294 -21.30 -51.44 -16.31
SE MSE D 294 -20.64 -53.20 -16.74
CE MSE D 294 -21.44 -53.43 -18.42
N ARG D 295 -18.70 -47.96 -18.09
CA ARG D 295 -18.37 -46.95 -19.08
C ARG D 295 -17.10 -47.36 -19.88
N SER D 296 -16.06 -47.75 -19.18
CA SER D 296 -14.86 -48.15 -19.90
C SER D 296 -15.20 -49.32 -20.80
N ASN D 297 -16.08 -50.20 -20.33
CA ASN D 297 -16.41 -51.32 -21.18
C ASN D 297 -17.01 -50.85 -22.49
N SER D 298 -18.05 -50.02 -22.36
CA SER D 298 -18.80 -49.48 -23.48
C SER D 298 -17.84 -48.79 -24.43
N ASN D 299 -16.88 -48.04 -23.88
CA ASN D 299 -15.90 -47.37 -24.71
C ASN D 299 -15.09 -48.34 -25.56
N GLN D 300 -14.57 -49.40 -24.96
CA GLN D 300 -13.78 -50.34 -25.76
C GLN D 300 -14.55 -50.81 -26.99
N VAL D 301 -15.85 -51.06 -26.84
CA VAL D 301 -16.67 -51.47 -28.00
C VAL D 301 -16.58 -50.39 -29.07
N GLN D 302 -16.72 -49.13 -28.65
CA GLN D 302 -16.59 -47.97 -29.52
C GLN D 302 -15.19 -47.93 -30.17
N LYS D 303 -14.17 -48.24 -29.39
CA LYS D 303 -12.79 -48.20 -29.85
C LYS D 303 -12.61 -49.12 -31.04
N ALA D 304 -13.29 -50.26 -31.01
CA ALA D 304 -13.23 -51.22 -32.10
C ALA D 304 -14.05 -50.74 -33.30
N PHE D 305 -15.19 -50.14 -33.02
CA PHE D 305 -16.04 -49.63 -34.10
C PHE D 305 -15.31 -48.51 -34.79
N ASP D 306 -14.46 -47.79 -34.06
CA ASP D 306 -13.72 -46.70 -34.67
C ASP D 306 -12.59 -47.19 -35.58
N LEU D 307 -12.00 -48.33 -35.23
CA LEU D 307 -10.90 -48.89 -36.00
C LEU D 307 -11.42 -49.47 -37.30
N ILE D 308 -12.44 -50.31 -37.18
CA ILE D 308 -13.09 -50.94 -38.31
C ILE D 308 -13.60 -49.92 -39.31
N THR D 309 -14.36 -48.94 -38.83
CA THR D 309 -15.00 -47.96 -39.70
C THR D 309 -14.07 -46.92 -40.30
N SER D 310 -12.77 -47.04 -40.06
CA SER D 310 -11.86 -46.00 -40.53
C SER D 310 -11.11 -46.30 -41.83
N HIS D 311 -11.52 -47.34 -42.54
CA HIS D 311 -10.79 -47.75 -43.74
C HIS D 311 -11.53 -47.48 -45.04
N ASP D 312 -12.72 -46.90 -44.95
CA ASP D 312 -13.51 -46.60 -46.15
C ASP D 312 -13.90 -47.87 -46.91
N THR D 313 -14.84 -48.62 -46.36
CA THR D 313 -15.32 -49.82 -47.00
C THR D 313 -16.46 -50.41 -46.19
N ARG D 314 -17.65 -50.39 -46.75
CA ARG D 314 -18.82 -50.89 -46.05
C ARG D 314 -18.77 -52.41 -46.01
N LYS D 315 -17.60 -52.97 -46.32
CA LYS D 315 -17.46 -54.41 -46.43
C LYS D 315 -16.62 -54.98 -45.31
N VAL D 316 -17.29 -55.58 -44.32
CA VAL D 316 -16.63 -56.06 -43.13
C VAL D 316 -17.04 -57.47 -42.78
N GLY D 317 -16.07 -58.26 -42.33
CA GLY D 317 -16.30 -59.62 -41.90
C GLY D 317 -15.99 -59.78 -40.42
N LEU D 318 -16.96 -60.30 -39.69
CA LEU D 318 -16.83 -60.43 -38.24
C LEU D 318 -16.59 -61.89 -37.89
N LEU D 319 -15.39 -62.19 -37.40
CA LEU D 319 -15.04 -63.56 -37.02
C LEU D 319 -15.21 -63.71 -35.53
N GLY D 320 -16.20 -64.48 -35.11
CA GLY D 320 -16.51 -64.65 -33.71
C GLY D 320 -17.70 -63.76 -33.41
N LEU D 321 -18.68 -64.29 -32.70
CA LEU D 321 -19.89 -63.54 -32.38
C LEU D 321 -20.29 -63.70 -30.92
N SER D 322 -20.20 -64.94 -30.41
CA SER D 322 -20.53 -65.23 -29.01
C SER D 322 -19.54 -64.54 -28.08
N PHE D 323 -19.88 -64.39 -26.80
CA PHE D 323 -19.00 -63.60 -25.93
C PHE D 323 -17.58 -64.15 -25.76
N LYS D 324 -17.42 -65.45 -25.95
CA LYS D 324 -16.08 -66.03 -25.97
C LYS D 324 -16.02 -67.25 -26.89
N ALA D 325 -14.82 -67.71 -27.19
CA ALA D 325 -14.67 -68.89 -28.02
C ALA D 325 -15.15 -70.09 -27.22
N GLY D 326 -15.46 -71.17 -27.92
CA GLY D 326 -15.84 -72.40 -27.26
C GLY D 326 -17.27 -72.50 -26.76
N THR D 327 -18.05 -71.44 -26.91
CA THR D 327 -19.42 -71.47 -26.41
C THR D 327 -20.34 -70.78 -27.40
N ASP D 328 -21.65 -70.96 -27.23
CA ASP D 328 -22.61 -70.32 -28.13
C ASP D 328 -23.36 -69.15 -27.47
N ASP D 329 -23.22 -69.00 -26.15
CA ASP D 329 -23.90 -67.91 -25.44
C ASP D 329 -23.66 -66.53 -26.09
N LEU D 330 -24.74 -65.92 -26.56
CA LEU D 330 -24.67 -64.62 -27.20
C LEU D 330 -25.06 -63.53 -26.22
N ARG D 331 -25.56 -63.93 -25.05
CA ARG D 331 -26.03 -62.95 -24.08
C ARG D 331 -25.04 -61.81 -23.85
N GLU D 332 -25.52 -60.59 -24.06
CA GLU D 332 -24.70 -59.41 -23.86
C GLU D 332 -23.30 -59.55 -24.48
N SER D 333 -23.25 -60.10 -25.68
CA SER D 333 -21.98 -60.26 -26.34
C SER D 333 -21.48 -58.95 -26.98
N PRO D 334 -20.29 -58.52 -26.58
CA PRO D 334 -19.65 -57.35 -27.18
C PRO D 334 -19.60 -57.45 -28.70
N LEU D 335 -19.36 -58.64 -29.24
CA LEU D 335 -19.31 -58.77 -30.69
C LEU D 335 -20.70 -58.50 -31.29
N VAL D 336 -21.75 -58.96 -30.63
CA VAL D 336 -23.09 -58.71 -31.11
C VAL D 336 -23.39 -57.21 -31.14
N GLU D 337 -22.94 -56.50 -30.10
CA GLU D 337 -23.14 -55.07 -30.07
C GLU D 337 -22.44 -54.54 -31.30
N LEU D 338 -21.15 -54.83 -31.39
CA LEU D 338 -20.35 -54.46 -32.54
C LEU D 338 -21.13 -54.69 -33.83
N ALA D 339 -21.69 -55.89 -33.96
CA ALA D 339 -22.49 -56.27 -35.13
C ALA D 339 -23.61 -55.26 -35.35
N GLU D 340 -24.45 -55.10 -34.34
CA GLU D 340 -25.60 -54.21 -34.44
C GLU D 340 -25.11 -52.82 -34.81
N MSE D 341 -24.02 -52.40 -34.19
CA MSE D 341 -23.45 -51.07 -34.44
C MSE D 341 -23.12 -50.94 -35.91
O MSE D 341 -23.40 -49.92 -36.54
CB MSE D 341 -22.18 -50.91 -33.59
CG MSE D 341 -21.85 -49.50 -33.13
SE MSE D 341 -20.62 -49.56 -31.63
CE MSE D 341 -21.76 -50.25 -30.49
N LEU D 342 -22.53 -51.99 -36.45
CA LEU D 342 -22.14 -51.98 -37.85
C LEU D 342 -23.37 -52.00 -38.77
N ILE D 343 -24.38 -52.77 -38.40
CA ILE D 343 -25.56 -52.85 -39.22
C ILE D 343 -26.26 -51.49 -39.25
N GLY D 344 -26.38 -50.87 -38.08
CA GLY D 344 -27.07 -49.61 -38.01
C GLY D 344 -26.42 -48.56 -38.87
N LYS D 345 -25.15 -48.77 -39.20
CA LYS D 345 -24.38 -47.80 -39.94
C LYS D 345 -24.29 -48.17 -41.42
N GLY D 346 -25.16 -49.08 -41.85
CA GLY D 346 -25.21 -49.49 -43.24
C GLY D 346 -23.95 -50.12 -43.79
N TYR D 347 -23.29 -50.93 -42.98
CA TYR D 347 -22.08 -51.61 -43.42
C TYR D 347 -22.48 -53.00 -43.91
N GLU D 348 -21.82 -53.48 -44.95
CA GLU D 348 -22.10 -54.81 -45.48
C GLU D 348 -21.35 -55.81 -44.61
N LEU D 349 -22.08 -56.41 -43.67
CA LEU D 349 -21.45 -57.27 -42.67
C LEU D 349 -21.62 -58.76 -42.84
N ARG D 350 -20.51 -59.48 -42.97
CA ARG D 350 -20.58 -60.92 -43.01
C ARG D 350 -20.04 -61.42 -41.68
N ILE D 351 -20.69 -62.43 -41.11
CA ILE D 351 -20.31 -62.91 -39.77
C ILE D 351 -19.99 -64.39 -39.76
N PHE D 352 -19.05 -64.77 -38.89
CA PHE D 352 -18.63 -66.15 -38.75
C PHE D 352 -18.54 -66.55 -37.30
N ASP D 353 -18.96 -67.78 -37.01
CA ASP D 353 -18.95 -68.34 -35.67
C ASP D 353 -19.53 -69.73 -35.77
N ARG D 354 -18.71 -70.75 -35.52
CA ARG D 354 -19.17 -72.14 -35.67
C ARG D 354 -20.10 -72.60 -34.56
N ASN D 355 -19.94 -72.02 -33.39
CA ASN D 355 -20.75 -72.39 -32.24
C ASN D 355 -22.19 -71.90 -32.39
N VAL D 356 -22.35 -70.65 -32.80
CA VAL D 356 -23.69 -70.11 -33.02
C VAL D 356 -24.40 -70.94 -34.08
N GLU D 357 -23.71 -71.18 -35.19
CA GLU D 357 -24.30 -71.95 -36.29
C GLU D 357 -24.80 -73.29 -35.80
N TYR D 358 -23.92 -74.03 -35.13
CA TYR D 358 -24.28 -75.32 -34.57
C TYR D 358 -25.49 -75.18 -33.65
N ALA D 359 -25.51 -74.11 -32.87
CA ALA D 359 -26.58 -73.88 -31.91
C ALA D 359 -27.96 -73.73 -32.53
N ARG D 360 -28.02 -73.09 -33.70
CA ARG D 360 -29.30 -72.85 -34.37
C ARG D 360 -29.78 -74.09 -35.12
N VAL D 361 -29.25 -75.24 -34.73
CA VAL D 361 -29.65 -76.53 -35.28
C VAL D 361 -29.83 -77.47 -34.11
N HIS D 362 -28.85 -77.47 -33.22
CA HIS D 362 -28.89 -78.29 -32.01
C HIS D 362 -28.75 -77.38 -30.78
N GLY D 363 -29.83 -77.21 -30.03
CA GLY D 363 -29.80 -76.35 -28.86
C GLY D 363 -31.17 -75.90 -28.38
N ALA D 364 -31.19 -75.19 -27.26
CA ALA D 364 -32.43 -74.69 -26.67
C ALA D 364 -32.56 -73.19 -26.86
N ASN D 365 -31.49 -72.55 -27.32
CA ASN D 365 -31.51 -71.10 -27.54
C ASN D 365 -31.64 -70.75 -29.03
N LYS D 366 -32.38 -71.56 -29.77
CA LYS D 366 -32.58 -71.29 -31.19
C LYS D 366 -33.68 -70.25 -31.40
N GLU D 367 -34.51 -70.07 -30.38
CA GLU D 367 -35.58 -69.08 -30.45
C GLU D 367 -34.96 -67.68 -30.53
N TYR D 368 -34.11 -67.38 -29.54
CA TYR D 368 -33.42 -66.10 -29.49
C TYR D 368 -32.66 -65.84 -30.78
N ILE D 369 -32.00 -66.87 -31.28
CA ILE D 369 -31.22 -66.75 -32.51
C ILE D 369 -32.07 -66.39 -33.72
N GLU D 370 -33.21 -67.04 -33.86
CA GLU D 370 -34.08 -66.83 -35.03
C GLU D 370 -35.13 -65.74 -34.82
N SER D 371 -35.61 -65.59 -33.58
CA SER D 371 -36.67 -64.63 -33.31
C SER D 371 -36.22 -63.35 -32.61
N LYS D 372 -35.27 -63.44 -31.70
CA LYS D 372 -34.83 -62.26 -30.96
C LYS D 372 -33.87 -61.35 -31.72
N ILE D 373 -32.91 -61.95 -32.45
CA ILE D 373 -31.93 -61.15 -33.17
C ILE D 373 -31.71 -61.59 -34.63
N PRO D 374 -32.80 -61.71 -35.39
CA PRO D 374 -32.77 -62.18 -36.77
C PRO D 374 -31.92 -61.32 -37.71
N HIS D 375 -31.81 -60.04 -37.38
CA HIS D 375 -31.05 -59.09 -38.19
C HIS D 375 -29.56 -59.33 -38.05
N VAL D 376 -29.18 -60.18 -37.11
CA VAL D 376 -27.78 -60.47 -36.93
C VAL D 376 -27.46 -61.86 -37.49
N SER D 377 -28.15 -62.87 -36.96
CA SER D 377 -27.95 -64.26 -37.35
C SER D 377 -28.17 -64.48 -38.84
N SER D 378 -29.03 -63.68 -39.45
CA SER D 378 -29.28 -63.76 -40.88
C SER D 378 -28.03 -63.35 -41.66
N LEU D 379 -26.98 -63.00 -40.94
CA LEU D 379 -25.73 -62.56 -41.55
C LEU D 379 -24.66 -63.60 -41.29
N LEU D 380 -25.06 -64.72 -40.71
CA LEU D 380 -24.12 -65.78 -40.45
C LEU D 380 -23.75 -66.48 -41.75
N VAL D 381 -22.48 -66.85 -41.88
CA VAL D 381 -22.01 -67.62 -43.02
C VAL D 381 -21.31 -68.84 -42.48
N SER D 382 -21.69 -70.01 -42.99
CA SER D 382 -21.15 -71.29 -42.51
C SER D 382 -19.70 -71.56 -42.93
N ASP D 383 -19.24 -70.87 -43.96
CA ASP D 383 -17.90 -71.08 -44.49
C ASP D 383 -16.95 -69.90 -44.27
N LEU D 384 -15.91 -70.14 -43.48
CA LEU D 384 -14.92 -69.12 -43.12
C LEU D 384 -14.31 -68.35 -44.29
N ASP D 385 -13.87 -69.07 -45.32
CA ASP D 385 -13.20 -68.42 -46.45
C ASP D 385 -14.10 -67.54 -47.31
N GLU D 386 -15.36 -67.93 -47.46
CA GLU D 386 -16.30 -67.13 -48.22
C GLU D 386 -16.40 -65.76 -47.58
N VAL D 387 -16.37 -65.75 -46.24
CA VAL D 387 -16.39 -64.51 -45.48
C VAL D 387 -15.11 -63.72 -45.72
N VAL D 388 -13.98 -64.40 -45.62
CA VAL D 388 -12.69 -63.76 -45.85
C VAL D 388 -12.67 -63.08 -47.22
N ALA D 389 -12.76 -63.88 -48.28
CA ALA D 389 -12.74 -63.40 -49.67
C ALA D 389 -13.70 -62.23 -49.95
N SER D 390 -14.93 -62.35 -49.45
CA SER D 390 -15.94 -61.33 -49.69
C SER D 390 -15.73 -60.04 -48.90
N SER D 391 -14.93 -60.10 -47.84
CA SER D 391 -14.73 -58.94 -46.97
C SER D 391 -13.43 -58.19 -47.27
N ASP D 392 -13.37 -56.92 -46.88
CA ASP D 392 -12.17 -56.11 -47.07
C ASP D 392 -11.43 -55.95 -45.76
N VAL D 393 -12.21 -55.85 -44.70
CA VAL D 393 -11.69 -55.72 -43.35
C VAL D 393 -12.14 -56.93 -42.55
N LEU D 394 -11.19 -57.57 -41.86
CA LEU D 394 -11.52 -58.77 -41.10
C LEU D 394 -11.38 -58.55 -39.59
N VAL D 395 -12.41 -58.92 -38.84
CA VAL D 395 -12.43 -58.66 -37.41
C VAL D 395 -12.28 -59.92 -36.55
N LEU D 396 -11.15 -60.02 -35.86
CA LEU D 396 -10.90 -61.13 -34.95
C LEU D 396 -11.66 -60.85 -33.67
N GLY D 397 -12.87 -61.40 -33.58
CA GLY D 397 -13.77 -61.14 -32.48
C GLY D 397 -13.50 -61.90 -31.21
N ASN D 398 -13.24 -63.20 -31.33
CA ASN D 398 -12.95 -63.97 -30.14
C ASN D 398 -11.82 -64.96 -30.37
N GLY D 399 -11.46 -65.73 -29.36
CA GLY D 399 -10.30 -66.59 -29.46
C GLY D 399 -10.45 -67.94 -30.14
N ASP D 400 -11.09 -67.97 -31.30
CA ASP D 400 -11.24 -69.24 -32.03
C ASP D 400 -9.91 -69.57 -32.68
N GLU D 401 -9.43 -70.79 -32.44
CA GLU D 401 -8.17 -71.23 -33.02
C GLU D 401 -8.18 -71.13 -34.54
N LEU D 402 -9.29 -71.49 -35.17
CA LEU D 402 -9.37 -71.46 -36.63
C LEU D 402 -8.86 -70.17 -37.24
N PHE D 403 -8.96 -69.06 -36.51
CA PHE D 403 -8.56 -67.76 -37.06
C PHE D 403 -7.06 -67.57 -37.13
N VAL D 404 -6.29 -68.48 -36.53
CA VAL D 404 -4.84 -68.33 -36.55
C VAL D 404 -4.26 -68.29 -37.97
N ASP D 405 -4.63 -69.25 -38.80
CA ASP D 405 -4.14 -69.30 -40.17
C ASP D 405 -4.30 -67.95 -40.87
N LEU D 406 -5.47 -67.35 -40.70
CA LEU D 406 -5.79 -66.06 -41.29
C LEU D 406 -4.75 -64.98 -40.95
N VAL D 407 -4.23 -65.02 -39.72
CA VAL D 407 -3.25 -64.00 -39.34
C VAL D 407 -1.82 -64.38 -39.75
N ASN D 408 -1.54 -65.67 -39.86
CA ASN D 408 -0.22 -66.10 -40.28
C ASN D 408 -0.05 -65.94 -41.79
N LYS D 409 -1.11 -66.23 -42.54
CA LYS D 409 -1.08 -66.12 -44.00
C LYS D 409 -2.33 -65.41 -44.51
N THR D 410 -2.30 -64.09 -44.46
CA THR D 410 -3.43 -63.25 -44.85
C THR D 410 -3.41 -62.89 -46.33
N PRO D 411 -4.51 -63.20 -47.03
CA PRO D 411 -4.67 -62.84 -48.44
C PRO D 411 -4.42 -61.35 -48.66
N SER D 412 -3.89 -61.01 -49.82
CA SER D 412 -3.63 -59.61 -50.13
C SER D 412 -4.96 -58.87 -50.18
N GLY D 413 -4.90 -57.55 -50.12
CA GLY D 413 -6.10 -56.73 -50.20
C GLY D 413 -6.94 -56.72 -48.93
N LYS D 414 -6.67 -57.63 -48.01
CA LYS D 414 -7.39 -57.65 -46.75
C LYS D 414 -6.81 -56.67 -45.74
N LYS D 415 -7.61 -56.38 -44.71
CA LYS D 415 -7.19 -55.53 -43.61
C LYS D 415 -7.55 -56.24 -42.31
N LEU D 416 -6.66 -56.20 -41.34
CA LEU D 416 -6.90 -56.87 -40.06
C LEU D 416 -7.14 -55.95 -38.87
N VAL D 417 -8.18 -56.23 -38.11
CA VAL D 417 -8.43 -55.56 -36.84
C VAL D 417 -8.46 -56.64 -35.77
N ASP D 418 -7.44 -56.64 -34.91
CA ASP D 418 -7.33 -57.66 -33.88
C ASP D 418 -7.83 -57.17 -32.54
N LEU D 419 -8.91 -57.76 -32.07
CA LEU D 419 -9.45 -57.40 -30.78
C LEU D 419 -9.04 -58.39 -29.69
N VAL D 420 -8.27 -59.43 -30.01
CA VAL D 420 -7.96 -60.39 -28.97
C VAL D 420 -6.48 -60.71 -28.78
N GLY D 421 -5.67 -60.53 -29.81
CA GLY D 421 -4.24 -60.74 -29.68
C GLY D 421 -3.62 -61.91 -30.44
N PHE D 422 -4.02 -62.11 -31.70
CA PHE D 422 -3.45 -63.17 -32.52
C PHE D 422 -2.15 -62.72 -33.16
N MSE D 423 -2.10 -61.46 -33.57
CA MSE D 423 -0.94 -60.90 -34.26
C MSE D 423 0.31 -61.06 -33.41
O MSE D 423 0.28 -60.79 -32.22
CB MSE D 423 -1.17 -59.43 -34.63
CG MSE D 423 -2.50 -59.14 -35.33
SE MSE D 423 -2.87 -57.21 -35.40
CE MSE D 423 -1.28 -56.77 -35.55
N PRO D 424 1.40 -61.50 -34.01
CA PRO D 424 2.65 -61.72 -33.27
C PRO D 424 3.35 -60.42 -32.95
N HIS D 425 3.07 -59.39 -33.73
CA HIS D 425 3.73 -58.10 -33.57
C HIS D 425 2.73 -56.96 -33.42
N THR D 426 3.23 -55.73 -33.49
CA THR D 426 2.41 -54.53 -33.35
C THR D 426 1.62 -54.24 -34.62
N THR D 427 0.89 -53.13 -34.64
CA THR D 427 0.10 -52.81 -35.81
C THR D 427 0.95 -52.42 -37.01
N THR D 428 0.57 -52.95 -38.17
CA THR D 428 1.25 -52.64 -39.42
C THR D 428 0.20 -52.02 -40.31
N ALA D 429 0.61 -51.52 -41.47
CA ALA D 429 -0.34 -50.90 -42.39
C ALA D 429 -1.42 -51.88 -42.86
N GLN D 430 -1.22 -53.18 -42.59
CA GLN D 430 -2.18 -54.19 -43.00
C GLN D 430 -2.84 -54.89 -41.82
N ALA D 431 -2.27 -54.72 -40.62
CA ALA D 431 -2.80 -55.38 -39.44
C ALA D 431 -2.78 -54.47 -38.24
N GLU D 432 -3.93 -54.29 -37.62
CA GLU D 432 -4.10 -53.37 -36.50
C GLU D 432 -4.65 -54.05 -35.26
N GLY D 433 -3.96 -53.84 -34.14
CA GLY D 433 -4.39 -54.38 -32.86
C GLY D 433 -5.12 -53.33 -32.04
N ILE D 434 -6.08 -53.79 -31.24
CA ILE D 434 -6.83 -52.87 -30.39
C ILE D 434 -5.95 -52.24 -29.29
N CYS D 435 -4.88 -52.92 -28.91
CA CYS D 435 -3.97 -52.43 -27.89
C CYS D 435 -2.52 -52.70 -28.22
N TRP D 436 -2.17 -52.63 -29.50
CA TRP D 436 -0.80 -52.87 -29.91
C TRP D 436 -0.61 -52.42 -31.35
N2 GDX E . -3.74 54.28 17.68
C2 GDX E . -3.90 55.44 16.98
N1 GDX E . -3.03 56.44 17.23
N3 GDX E . -4.89 55.53 16.07
C4 GDX E . -5.06 56.65 15.37
C5 GDX E . -4.17 57.79 15.59
C6 GDX E . -3.11 57.60 16.59
O6 GDX E . -2.30 58.51 16.83
N7 GDX E . -4.56 58.77 14.76
C8 GDX E . -5.63 58.34 14.04
N9 GDX E . -5.91 57.11 14.46
C1D GDX E . -6.69 56.30 13.71
C2D GDX E . -8.01 56.49 13.73
O2D GDX E . -8.46 56.11 14.80
C3D GDX E . -8.57 55.88 12.66
O3D GDX E . -9.20 54.59 12.97
C4D GDX E . -7.64 55.69 11.72
O4D GDX E . -6.36 55.97 12.35
C5D GDX E . -7.89 56.66 10.61
O5D GDX E . -8.21 57.93 11.15
PA GDX E . -8.05 59.26 10.26
O1A GDX E . -7.03 59.02 9.16
O2A GDX E . -7.87 60.44 11.19
O3A GDX E . -9.51 59.45 9.61
PB GDX E . -9.80 58.96 8.10
O2B GDX E . -11.28 59.10 7.82
O3B GDX E . -9.34 57.53 7.99
O1B GDX E . -9.00 59.83 7.01
C1' GDX E . -7.97 59.02 6.39
O5' GDX E . -8.52 58.44 5.20
C5' GDX E . -8.67 59.41 4.13
C6' GDX E . -8.89 58.74 2.96
O6A GDX E . -8.01 57.99 2.54
O6B GDX E . -9.95 58.85 2.34
C2' GDX E . -6.88 59.73 6.05
O2' GDX E . -6.02 58.95 5.67
C3' GDX E . -7.16 60.69 5.14
O3' GDX E . -6.20 61.43 5.00
C4' GDX E . -7.55 60.13 3.97
O4' GDX E . -7.65 60.94 3.05
N2 GDX F . 17.07 52.98 2.14
C2 GDX F . 17.47 54.04 2.89
N1 GDX F . 16.89 55.22 2.73
N3 GDX F . 18.45 53.84 3.77
C4 GDX F . 18.87 54.83 4.55
C5 GDX F . 18.27 56.14 4.41
C6 GDX F . 17.21 56.30 3.43
O6 GDX F . 16.64 57.40 3.25
N7 GDX F . 18.88 56.95 5.28
C8 GDX F . 19.83 56.24 5.96
N9 GDX F . 19.80 55.00 5.49
C1D GDX F . 20.49 54.00 6.08
C2D GDX F . 21.82 54.00 6.09
O2D GDX F . 22.30 53.79 4.97
C3D GDX F . 22.26 53.12 7.03
O3D GDX F . 22.64 51.82 6.48
C4D GDX F . 21.32 52.98 7.97
O4D GDX F . 20.10 53.54 7.39
C5D GDX F . 21.67 53.76 9.22
O5D GDX F . 22.33 54.99 8.91
PA GDX F . 22.35 56.25 9.90
O1A GDX F . 21.30 56.08 10.96
O2A GDX F . 22.47 57.50 9.06
O3A GDX F . 23.78 56.18 10.61
PB GDX F . 24.04 55.48 12.03
O2B GDX F . 25.53 55.58 12.24
O3B GDX F . 23.52 54.08 11.99
O1B GDX F . 23.34 56.29 13.24
C1' GDX F . 22.19 55.61 13.76
O5' GDX F . 22.60 54.90 14.97
C5' GDX F . 23.01 55.86 15.98
C6' GDX F . 23.23 55.22 17.13
O6A GDX F . 22.31 54.61 17.62
O6B GDX F . 24.32 55.23 17.68
C2' GDX F . 21.29 56.53 14.07
O2' GDX F . 20.20 56.01 14.35
C3' GDX F . 21.76 57.39 15.01
O3' GDX F . 21.01 58.35 15.21
C4' GDX F . 22.03 56.75 16.16
O4' GDX F . 22.35 57.53 17.05
N2 GDX G . -10.05 -58.06 -22.60
C2 GDX G . -10.07 -59.27 -21.95
N1 GDX G . -8.91 -59.80 -21.51
N3 GDX G . -11.26 -59.89 -21.77
C4 GDX G . -11.34 -61.06 -21.14
C5 GDX G . -10.11 -61.69 -20.64
C6 GDX G . -8.84 -60.99 -20.86
O6 GDX G . -7.77 -61.49 -20.45
N7 GDX G . -10.45 -62.85 -20.06
C8 GDX G . -11.79 -63.01 -20.15
N9 GDX G . -12.25 -61.95 -20.80
C1D GDX G . -13.58 -61.74 -20.85
C2D GDX G . -14.31 -62.58 -21.55
O2D GDX G . -14.09 -62.39 -22.75
C3D GDX G . -15.61 -62.48 -21.16
O3D GDX G . -16.38 -61.57 -22.00
C4D GDX G . -15.66 -61.99 -19.93
O4D GDX G . -14.34 -61.45 -19.66
C5D GDX G . -16.00 -63.06 -18.91
O5D GDX G . -15.57 -64.34 -19.37
PA GDX G . -15.33 -65.60 -18.39
O1A GDX G . -15.39 -65.16 -16.94
O2A GDX G . -14.12 -66.33 -18.95
O3A GDX G . -16.59 -66.52 -18.69
PB GDX G . -17.88 -66.44 -17.75
O2B GDX G . -18.92 -67.40 -18.26
O3B GDX G . -18.43 -65.06 -17.80
O1B GDX G . -17.46 -66.87 -16.25
C1' GDX G . -17.53 -65.75 -15.31
O5' GDX G . -18.90 -65.70 -14.83
C5' GDX G . -19.16 -66.83 -13.95
C6' GDX G . -20.32 -66.63 -13.33
O6A GDX G . -20.50 -65.61 -12.68
O6B GDX G . -21.24 -67.44 -13.40
C2' GDX G . -16.68 -65.93 -14.30
O2' GDX G . -16.68 -64.95 -13.55
C3' GDX G . -16.95 -67.06 -13.61
O3' GDX G . -16.05 -67.28 -12.78
C4' GDX G . -18.17 -66.98 -13.04
O4' GDX G . -18.41 -67.95 -12.33
N2 GDX H . -5.93 -49.71 1.78
C2 GDX H . -4.75 -50.35 1.59
N1 GDX H . -4.74 -51.69 1.58
N3 GDX H . -3.62 -49.64 1.43
C4 GDX H . -2.46 -50.22 1.22
C5 GDX H . -2.37 -51.67 1.20
C6 GDX H . -3.64 -52.40 1.39
O6 GDX H . -3.69 -53.66 1.38
N7 GDX H . -1.08 -51.99 0.99
C8 GDX H . -0.35 -50.84 0.89
N9 GDX H . -1.21 -49.84 1.05
C1D GDX H . -0.85 -48.58 0.75
C2D GDX H . 0.02 -47.97 1.55
O2D GDX H . -0.50 -47.68 2.63
C3D GDX H . 0.55 -46.91 0.89
O3D GDX H . -0.19 -45.70 1.25
C4D GDX H . 0.46 -47.12 -0.43
O4D GDX H . -0.48 -48.23 -0.59
C5D GDX H . 1.81 -47.41 -1.09
O5D GDX H . 2.50 -48.41 -0.34
PA GDX H . 3.78 -49.31 -0.80
O1A GDX H . 3.74 -49.63 -2.26
O2A GDX H . 3.95 -50.32 0.32
O3A GDX H . 5.09 -48.44 -0.57
PB GDX H . 5.75 -47.47 -1.64
O2B GDX H . 6.92 -46.91 -0.86
O3B GDX H . 4.75 -46.42 -2.03
O1B GDX H . 6.37 -48.19 -2.94
C1' GDX H . 5.48 -48.20 -4.09
O5' GDX H . 6.04 -47.25 -5.03
C5' GDX H . 7.40 -47.68 -5.31
C6' GDX H . 8.03 -46.79 -6.06
O6A GDX H . 7.61 -46.49 -7.17
O6B GDX H . 9.06 -46.26 -5.66
C2' GDX H . 5.53 -49.41 -4.64
O2' GDX H . 4.71 -49.49 -5.54
C3' GDX H . 6.80 -49.76 -5.02
O3' GDX H . 6.86 -50.92 -5.43
C4' GDX H . 7.36 -48.88 -5.88
O4' GDX H . 8.53 -49.19 -6.13
#